data_8R2H
#
_entry.id   8R2H
#
_cell.length_a   1.00
_cell.length_b   1.00
_cell.length_c   1.00
_cell.angle_alpha   90.00
_cell.angle_beta   90.00
_cell.angle_gamma   90.00
#
_symmetry.space_group_name_H-M   'P 1'
#
loop_
_entity.id
_entity.type
_entity.pdbx_description
1 polymer '1-deoxy-D-xylulose-5-phosphate synthase'
2 non-polymer 'MAGNESIUM ION'
3 non-polymer 'THIAMINE DIPHOSPHATE'
#
_entity_poly.entity_id   1
_entity_poly.type   'polypeptide(L)'
_entity_poly.pdbx_seq_one_letter_code
;MGSSHHHHHHSSGLVPRGSHMYDIGKYFKQINTFINIDEYKTIYGDEIYKEIYELYVERNIPEYYERKYFSEDIKKSVLF
DIDKYNDVEFEKAIKEEFINNGVYINNIDNTYYKKENILIMKKILHYFPLLKLINNPSDLKKLKKQYLPLLAHELKIFLF
FIVNITGGHFSSVLSSLEIQLLLLYIFNQPYDNVIYDIGHQAYVHKILTGRKLLFLSLRNKKGISGFLNIFESIYDKFGA
GHSSTSLSAIQGYYEAEWQVKNKEKYGNGDIEISDNANVTNNERIFQKGIHNDNNINNNINNNNYINPSDVVGRENTNVP
NVRNDNHNVDKVHIAIIGDGGLTGGMALEALNYISFLNSKILIIYNDNGQVSLPTNAVSISGNRPIGSISDHLHYFVSNI
EANAGDNKLSKNAKENNIFENLNYDYIGVVNGNNTEELFKVLNNIKENKLKRATVLHVRTKKSNDFINSKSPISILHSIK
KNEIFPFDTTILNGNIHKENKIEEEKNVSSSTKYDVNNKNNKNNDNSEIIKYEDMFSKETFTDIYTNEMLKYLKKDRNII
FLSPAMLGGSGLVKISERYPNNVYDVGIAEQHSVTFAAAMAMNKKLKIQLCIYSTFLQRAYDQIIHDLNLQNIPLKVIIG
RSGLVGEDGATHQGIYDLSYLGTLNNAYIISPSNQVDLKRALRFAYLDKDHSVYIRIPRMNILSDKYMKGYLNIHMKNES
KNIDVNVDINDDVDKYSEEYMDDDNFIKSFIGKSRIIKMDNENNNTNEHYSSRGDTQTKKKKVCIFNMGSMLFNVINAIK
EIEKEQYISHNYSFSIVDMIFLNPLDKNMIDHVIKQNKHQYLITYEDNTIGGFSTHFNNYLIENNYITKHNLYVHNIYLS
NEPIEHASFKDQQEVVKMDKCSLVNRIKNYLKNNPT
;
_entity_poly.pdbx_strand_id   A,B
#
loop_
_chem_comp.id
_chem_comp.type
_chem_comp.name
_chem_comp.formula
MG non-polymer 'MAGNESIUM ION' 'Mg 2'
TPP non-polymer 'THIAMINE DIPHOSPHATE' 'C12 H19 N4 O7 P2 S 1'
#
# COMPACT_ATOMS: atom_id res chain seq x y z
N ASP A 23 -23.86 14.54 44.55
CA ASP A 23 -22.62 14.04 45.12
C ASP A 23 -21.86 13.20 44.11
N ILE A 24 -20.54 13.44 44.03
CA ILE A 24 -19.69 12.69 43.09
C ILE A 24 -18.82 11.66 43.80
N GLY A 25 -18.79 11.65 45.14
CA GLY A 25 -17.90 10.75 45.85
C GLY A 25 -18.24 9.29 45.65
N LYS A 26 -19.51 8.97 45.38
CA LYS A 26 -19.90 7.58 45.18
C LYS A 26 -19.19 6.98 43.97
N TYR A 27 -19.01 7.77 42.92
CA TYR A 27 -18.28 7.31 41.75
C TYR A 27 -16.84 6.96 42.10
N PHE A 28 -16.18 7.81 42.89
CA PHE A 28 -14.80 7.53 43.27
C PHE A 28 -14.70 6.31 44.17
N LYS A 29 -15.69 6.12 45.07
CA LYS A 29 -15.71 4.91 45.88
C LYS A 29 -15.86 3.67 45.02
N GLN A 30 -16.75 3.72 44.02
CA GLN A 30 -16.92 2.58 43.12
C GLN A 30 -15.66 2.30 42.33
N ILE A 31 -14.99 3.36 41.87
CA ILE A 31 -13.72 3.19 41.16
C ILE A 31 -12.67 2.55 42.06
N ASN A 32 -12.61 2.99 43.32
CA ASN A 32 -11.68 2.39 44.27
C ASN A 32 -11.97 0.91 44.46
N THR A 33 -13.25 0.54 44.54
CA THR A 33 -13.62 -0.87 44.66
C THR A 33 -13.19 -1.64 43.43
N PHE A 34 -13.35 -1.06 42.24
CA PHE A 34 -13.00 -1.75 41.00
C PHE A 34 -11.50 -1.95 40.83
N ILE A 35 -10.67 -1.31 41.64
CA ILE A 35 -9.22 -1.39 41.53
C ILE A 35 -8.70 -2.26 42.67
N ASN A 36 -7.86 -3.23 42.34
CA ASN A 36 -7.31 -4.16 43.33
C ASN A 36 -6.19 -3.47 44.07
N ILE A 37 -6.47 -3.04 45.30
CA ILE A 37 -5.48 -2.31 46.11
C ILE A 37 -4.71 -3.21 47.06
N ASP A 38 -5.15 -4.46 47.25
CA ASP A 38 -4.42 -5.38 48.12
C ASP A 38 -3.03 -5.67 47.58
N GLU A 39 -2.91 -5.88 46.26
CA GLU A 39 -1.62 -6.19 45.66
C GLU A 39 -0.66 -5.02 45.67
N TYR A 40 -1.13 -3.80 45.99
CA TYR A 40 -0.23 -2.66 46.08
C TYR A 40 0.84 -2.89 47.14
N LYS A 41 0.43 -3.45 48.30
CA LYS A 41 1.39 -3.75 49.35
C LYS A 41 2.49 -4.67 48.85
N THR A 42 2.10 -5.81 48.25
CA THR A 42 3.09 -6.78 47.80
C THR A 42 3.99 -6.21 46.72
N ILE A 43 3.42 -5.41 45.80
CA ILE A 43 4.22 -4.88 44.70
C ILE A 43 5.22 -3.85 45.21
N TYR A 44 4.78 -2.92 46.07
CA TYR A 44 5.61 -1.78 46.44
C TYR A 44 6.22 -1.88 47.82
N GLY A 45 5.42 -2.05 48.85
CA GLY A 45 5.90 -1.94 50.21
C GLY A 45 4.84 -1.43 51.16
N ASP A 46 5.08 -1.65 52.45
CA ASP A 46 4.10 -1.28 53.47
C ASP A 46 3.90 0.24 53.54
N GLU A 47 4.99 1.00 53.44
CA GLU A 47 4.87 2.46 53.50
C GLU A 47 4.05 2.99 52.33
N ILE A 48 4.30 2.49 51.13
CA ILE A 48 3.54 2.93 49.96
C ILE A 48 2.08 2.52 50.09
N TYR A 49 1.83 1.29 50.57
CA TYR A 49 0.44 0.87 50.77
C TYR A 49 -0.27 1.77 51.76
N LYS A 50 0.41 2.12 52.86
CA LYS A 50 -0.19 2.99 53.86
C LYS A 50 -0.49 4.36 53.28
N GLU A 51 0.45 4.92 52.52
CA GLU A 51 0.23 6.23 51.91
C GLU A 51 -0.97 6.20 50.96
N ILE A 52 -1.04 5.15 50.12
CA ILE A 52 -2.14 5.04 49.17
C ILE A 52 -3.46 4.88 49.90
N TYR A 53 -3.50 4.03 50.93
CA TYR A 53 -4.73 3.81 51.67
C TYR A 53 -5.19 5.07 52.39
N GLU A 54 -4.25 5.85 52.92
CA GLU A 54 -4.62 7.06 53.63
C GLU A 54 -5.11 8.14 52.68
N LEU A 55 -4.40 8.35 51.57
CA LEU A 55 -4.79 9.42 50.65
C LEU A 55 -6.06 9.07 49.88
N TYR A 56 -6.14 7.85 49.33
CA TYR A 56 -7.15 7.51 48.34
C TYR A 56 -8.29 6.65 48.87
N VAL A 57 -8.07 5.90 49.94
CA VAL A 57 -9.12 5.08 50.55
C VAL A 57 -9.65 5.72 51.83
N GLU A 58 -8.76 5.96 52.81
CA GLU A 58 -9.17 6.61 54.04
C GLU A 58 -9.54 8.07 53.82
N ARG A 59 -9.12 8.66 52.70
CA ARG A 59 -9.38 10.08 52.41
C ARG A 59 -8.87 10.97 53.54
N ASN A 60 -7.67 10.66 54.03
CA ASN A 60 -7.01 11.44 55.08
C ASN A 60 -5.97 12.32 54.40
N ILE A 61 -6.38 13.55 54.07
CA ILE A 61 -5.54 14.52 53.39
C ILE A 61 -4.97 15.48 54.44
N PRO A 62 -3.65 15.71 54.47
CA PRO A 62 -3.09 16.66 55.43
C PRO A 62 -3.46 18.10 55.11
N GLU A 63 -2.95 19.04 55.91
CA GLU A 63 -3.18 20.46 55.68
C GLU A 63 -2.06 21.10 54.86
N TYR A 64 -0.83 20.65 55.07
CA TYR A 64 0.34 21.16 54.37
C TYR A 64 1.02 20.05 53.57
N TYR A 65 0.21 19.21 52.92
CA TYR A 65 0.75 18.05 52.22
C TYR A 65 1.64 18.42 51.04
N GLU A 66 1.50 19.64 50.52
CA GLU A 66 2.37 20.09 49.44
C GLU A 66 3.82 20.11 49.90
N ARG A 67 4.07 20.52 51.15
CA ARG A 67 5.41 20.45 51.71
C ARG A 67 5.88 19.01 51.85
N LYS A 68 4.98 18.12 52.28
CA LYS A 68 5.36 16.73 52.50
C LYS A 68 5.74 16.03 51.20
N TYR A 69 4.99 16.29 50.12
CA TYR A 69 5.14 15.52 48.89
C TYR A 69 6.00 16.18 47.83
N PHE A 70 6.27 17.48 47.94
CA PHE A 70 6.95 18.22 46.89
C PHE A 70 8.21 18.88 47.43
N SER A 71 9.28 18.83 46.63
CA SER A 71 10.55 19.42 47.04
C SER A 71 10.54 20.94 46.92
N GLU A 72 9.82 21.48 45.95
CA GLU A 72 9.75 22.93 45.74
C GLU A 72 8.30 23.33 45.53
N ASP A 73 8.02 24.61 45.78
CA ASP A 73 6.66 25.12 45.62
C ASP A 73 6.25 25.12 44.15
N ILE A 74 4.94 25.03 43.92
CA ILE A 74 4.37 24.92 42.58
C ILE A 74 3.50 26.14 42.33
N LYS A 75 3.69 26.77 41.17
CA LYS A 75 2.87 27.91 40.77
C LYS A 75 1.53 27.40 40.24
N LYS A 76 0.46 27.65 41.00
CA LYS A 76 -0.85 27.12 40.65
C LYS A 76 -1.42 27.84 39.44
N SER A 77 -2.47 27.25 38.87
CA SER A 77 -3.13 27.78 37.68
C SER A 77 -4.28 28.71 38.10
N VAL A 78 -5.11 29.08 37.14
CA VAL A 78 -6.23 29.97 37.39
C VAL A 78 -7.42 29.14 37.86
N LEU A 79 -7.19 27.85 38.08
CA LEU A 79 -8.22 26.96 38.60
C LEU A 79 -8.63 27.31 40.02
N PHE A 80 -7.76 27.99 40.78
CA PHE A 80 -8.09 28.39 42.14
C PHE A 80 -8.60 29.81 42.23
N ASP A 81 -8.18 30.69 41.33
CA ASP A 81 -8.62 32.07 41.30
C ASP A 81 -9.74 32.31 40.30
N ILE A 82 -10.58 31.31 40.07
CA ILE A 82 -11.62 31.41 39.05
C ILE A 82 -12.70 32.40 39.47
N ASP A 83 -12.97 32.52 40.76
CA ASP A 83 -14.05 33.37 41.24
C ASP A 83 -13.73 34.85 41.15
N LYS A 84 -12.48 35.23 40.91
CA LYS A 84 -12.08 36.63 40.88
C LYS A 84 -12.15 37.25 39.50
N TYR A 85 -12.68 36.54 38.52
CA TYR A 85 -12.69 37.00 37.13
C TYR A 85 -14.11 37.10 36.59
N ASN A 86 -14.29 37.98 35.62
CA ASN A 86 -15.47 37.98 34.77
C ASN A 86 -15.27 36.93 33.68
N ASP A 87 -16.19 36.87 32.71
CA ASP A 87 -16.08 35.85 31.67
C ASP A 87 -14.95 36.15 30.71
N VAL A 88 -14.84 37.41 30.25
CA VAL A 88 -13.88 37.75 29.20
C VAL A 88 -12.45 37.64 29.72
N GLU A 89 -12.19 38.20 30.90
CA GLU A 89 -10.86 38.16 31.47
C GLU A 89 -10.44 36.73 31.79
N PHE A 90 -11.38 35.93 32.33
CA PHE A 90 -11.07 34.54 32.63
C PHE A 90 -10.78 33.76 31.36
N GLU A 91 -11.53 34.01 30.30
CA GLU A 91 -11.26 33.36 29.02
C GLU A 91 -9.88 33.73 28.50
N LYS A 92 -9.52 35.00 28.57
CA LYS A 92 -8.19 35.42 28.11
C LYS A 92 -7.10 34.76 28.95
N ALA A 93 -7.28 34.72 30.27
CA ALA A 93 -6.28 34.12 31.14
C ALA A 93 -6.11 32.63 30.87
N ILE A 94 -7.22 31.91 30.69
CA ILE A 94 -7.09 30.48 30.45
C ILE A 94 -6.52 30.21 29.06
N LYS A 95 -6.80 31.09 28.09
CA LYS A 95 -6.15 30.98 26.79
C LYS A 95 -4.65 31.15 26.90
N GLU A 96 -4.21 32.15 27.67
CA GLU A 96 -2.78 32.36 27.85
C GLU A 96 -2.14 31.18 28.57
N GLU A 97 -2.85 30.62 29.56
CA GLU A 97 -2.34 29.45 30.27
C GLU A 97 -2.16 28.25 29.33
N PHE A 98 -3.16 28.01 28.48
CA PHE A 98 -3.06 26.92 27.52
C PHE A 98 -1.92 27.14 26.54
N ILE A 99 -1.75 28.38 26.07
CA ILE A 99 -0.69 28.67 25.11
C ILE A 99 0.68 28.45 25.75
N ASN A 100 0.84 28.86 27.01
CA ASN A 100 2.13 28.72 27.67
C ASN A 100 2.41 27.28 28.10
N ASN A 101 1.42 26.41 28.08
CA ASN A 101 1.61 25.00 28.34
C ASN A 101 1.69 24.16 27.06
N GLY A 102 1.82 24.81 25.90
CA GLY A 102 2.08 24.13 24.66
C GLY A 102 0.87 23.76 23.83
N VAL A 103 -0.34 24.00 24.31
CA VAL A 103 -1.54 23.63 23.58
C VAL A 103 -1.82 24.69 22.52
N TYR A 104 -1.94 24.26 21.26
CA TYR A 104 -2.37 25.14 20.17
C TYR A 104 -3.87 25.33 20.31
N ILE A 105 -4.24 26.28 21.19
CA ILE A 105 -5.63 26.42 21.59
C ILE A 105 -6.52 26.91 20.45
N ASN A 106 -5.94 27.54 19.43
CA ASN A 106 -6.74 28.01 18.29
C ASN A 106 -7.36 26.88 17.50
N ASN A 107 -6.87 25.65 17.67
CA ASN A 107 -7.43 24.48 17.01
C ASN A 107 -8.56 23.85 17.79
N ILE A 108 -8.96 24.45 18.92
CA ILE A 108 -10.00 23.91 19.78
C ILE A 108 -11.08 24.96 19.94
N ASP A 109 -12.34 24.54 19.82
CA ASP A 109 -13.46 25.46 19.92
C ASP A 109 -13.47 26.13 21.29
N ASN A 110 -13.81 27.43 21.29
CA ASN A 110 -13.71 28.22 22.51
C ASN A 110 -14.63 27.70 23.61
N THR A 111 -15.76 27.10 23.22
CA THR A 111 -16.73 26.65 24.21
C THR A 111 -16.16 25.61 25.15
N TYR A 112 -15.06 24.97 24.78
CA TYR A 112 -14.44 23.95 25.63
C TYR A 112 -13.58 24.53 26.74
N TYR A 113 -13.29 25.83 26.72
CA TYR A 113 -12.61 26.47 27.84
C TYR A 113 -13.41 27.66 28.34
N LYS A 114 -14.73 27.51 28.41
CA LYS A 114 -15.57 28.48 29.08
C LYS A 114 -15.35 28.41 30.59
N LYS A 115 -15.99 29.33 31.30
CA LYS A 115 -15.88 29.31 32.76
C LYS A 115 -16.56 28.08 33.35
N GLU A 116 -17.69 27.66 32.79
CA GLU A 116 -18.41 26.53 33.34
C GLU A 116 -17.66 25.22 33.14
N ASN A 117 -17.01 25.06 31.98
CA ASN A 117 -16.24 23.85 31.74
C ASN A 117 -15.06 23.75 32.70
N ILE A 118 -14.38 24.88 32.93
CA ILE A 118 -13.28 24.88 33.89
C ILE A 118 -13.81 24.63 35.30
N LEU A 119 -15.01 25.12 35.62
CA LEU A 119 -15.60 24.84 36.92
C LEU A 119 -15.85 23.34 37.10
N ILE A 120 -16.38 22.69 36.06
CA ILE A 120 -16.65 21.26 36.15
C ILE A 120 -15.36 20.47 36.26
N MET A 121 -14.33 20.86 35.49
CA MET A 121 -13.05 20.19 35.60
C MET A 121 -12.43 20.39 36.98
N LYS A 122 -12.62 21.57 37.56
CA LYS A 122 -12.15 21.84 38.91
C LYS A 122 -12.86 20.95 39.93
N LYS A 123 -14.17 20.80 39.78
CA LYS A 123 -14.91 19.88 40.65
C LYS A 123 -14.36 18.47 40.55
N ILE A 124 -14.06 18.02 39.34
CA ILE A 124 -13.51 16.68 39.16
C ILE A 124 -12.13 16.57 39.81
N LEU A 125 -11.27 17.57 39.59
CA LEU A 125 -9.88 17.51 40.04
C LEU A 125 -9.72 17.71 41.54
N HIS A 126 -10.70 18.32 42.21
CA HIS A 126 -10.55 18.53 43.65
C HIS A 126 -10.44 17.21 44.40
N TYR A 127 -10.98 16.13 43.84
CA TYR A 127 -10.90 14.80 44.43
C TYR A 127 -9.59 14.09 44.13
N PHE A 128 -8.58 14.81 43.64
CA PHE A 128 -7.28 14.23 43.30
C PHE A 128 -6.20 15.08 43.93
N PRO A 129 -5.79 14.77 45.17
CA PRO A 129 -4.92 15.69 45.92
C PRO A 129 -3.63 16.06 45.21
N LEU A 130 -2.99 15.11 44.52
CA LEU A 130 -1.77 15.42 43.82
C LEU A 130 -1.99 15.77 42.35
N LEU A 131 -3.05 15.23 41.73
CA LEU A 131 -3.27 15.48 40.31
C LEU A 131 -3.79 16.88 40.06
N LYS A 132 -4.56 17.45 41.00
CA LYS A 132 -5.06 18.81 40.83
C LYS A 132 -3.95 19.84 40.84
N LEU A 133 -2.79 19.50 41.39
CA LEU A 133 -1.69 20.43 41.53
C LEU A 133 -0.63 20.27 40.44
N ILE A 134 -0.84 19.38 39.48
CA ILE A 134 0.15 19.09 38.44
C ILE A 134 -0.48 19.40 37.09
N ASN A 135 0.20 20.23 36.30
CA ASN A 135 -0.32 20.63 35.00
C ASN A 135 0.72 20.65 33.89
N ASN A 136 1.98 20.33 34.19
CA ASN A 136 3.05 20.42 33.21
C ASN A 136 4.21 19.57 33.69
N PRO A 137 5.17 19.24 32.81
CA PRO A 137 6.34 18.47 33.27
C PRO A 137 7.10 19.12 34.42
N SER A 138 7.18 20.45 34.44
CA SER A 138 7.88 21.12 35.54
C SER A 138 7.18 20.88 36.88
N ASP A 139 5.85 20.92 36.89
CA ASP A 139 5.11 20.60 38.10
C ASP A 139 5.15 19.10 38.41
N LEU A 140 5.44 18.27 37.41
CA LEU A 140 5.58 16.84 37.66
C LEU A 140 6.91 16.54 38.34
N LYS A 141 7.99 17.21 37.93
CA LYS A 141 9.31 16.93 38.47
C LYS A 141 9.50 17.42 39.89
N LYS A 142 8.56 18.20 40.43
CA LYS A 142 8.64 18.64 41.81
C LYS A 142 8.07 17.61 42.79
N LEU A 143 7.50 16.53 42.30
CA LEU A 143 7.02 15.46 43.14
C LEU A 143 8.17 14.55 43.54
N LYS A 144 8.15 14.09 44.78
CA LYS A 144 9.19 13.18 45.25
C LYS A 144 9.13 11.85 44.51
N LYS A 145 10.31 11.26 44.29
CA LYS A 145 10.40 9.99 43.59
C LYS A 145 9.63 8.90 44.32
N GLN A 146 9.79 8.84 45.64
CA GLN A 146 9.17 7.79 46.43
C GLN A 146 7.65 7.81 46.34
N TYR A 147 7.06 8.95 45.99
CA TYR A 147 5.62 9.07 45.86
C TYR A 147 5.13 8.93 44.42
N LEU A 148 6.03 8.59 43.49
CA LEU A 148 5.61 8.36 42.11
C LEU A 148 4.52 7.30 41.99
N PRO A 149 4.54 6.18 42.72
CA PRO A 149 3.38 5.27 42.65
C PRO A 149 2.07 5.95 43.02
N LEU A 150 2.10 6.82 44.03
CA LEU A 150 0.88 7.51 44.45
C LEU A 150 0.24 8.25 43.28
N LEU A 151 1.04 9.06 42.58
CA LEU A 151 0.53 9.73 41.40
C LEU A 151 0.07 8.73 40.35
N ALA A 152 0.82 7.64 40.17
CA ALA A 152 0.42 6.60 39.23
C ALA A 152 -0.95 6.04 39.57
N HIS A 153 -1.33 6.08 40.85
CA HIS A 153 -2.66 5.63 41.23
C HIS A 153 -3.72 6.65 40.82
N GLU A 154 -3.44 7.94 41.05
CA GLU A 154 -4.44 8.96 40.78
C GLU A 154 -4.86 8.94 39.31
N LEU A 155 -3.88 8.93 38.40
CA LEU A 155 -4.17 8.82 36.98
C LEU A 155 -5.10 7.66 36.70
N LYS A 156 -4.87 6.51 37.36
CA LYS A 156 -5.70 5.35 37.11
C LYS A 156 -7.17 5.63 37.40
N ILE A 157 -7.45 6.37 38.47
CA ILE A 157 -8.83 6.74 38.75
C ILE A 157 -9.33 7.75 37.72
N PHE A 158 -8.49 8.74 37.37
CA PHE A 158 -8.94 9.83 36.52
C PHE A 158 -9.41 9.30 35.17
N LEU A 159 -8.61 8.46 34.53
CA LEU A 159 -9.04 7.82 33.29
C LEU A 159 -10.33 7.06 33.50
N PHE A 160 -10.41 6.30 34.60
CA PHE A 160 -11.61 5.52 34.91
C PHE A 160 -12.84 6.40 35.02
N PHE A 161 -12.66 7.71 35.22
CA PHE A 161 -13.78 8.63 35.28
C PHE A 161 -14.03 9.38 33.97
N ILE A 162 -13.00 9.59 33.15
CA ILE A 162 -13.14 10.47 31.99
C ILE A 162 -13.44 9.67 30.72
N VAL A 163 -12.70 8.58 30.48
CA VAL A 163 -12.98 7.75 29.32
C VAL A 163 -14.34 7.09 29.45
N ASN A 164 -14.81 6.88 30.67
CA ASN A 164 -16.16 6.38 30.87
C ASN A 164 -17.21 7.36 30.37
N ILE A 165 -16.89 8.66 30.37
CA ILE A 165 -17.85 9.66 29.93
C ILE A 165 -17.64 10.05 28.48
N THR A 166 -16.39 10.10 28.01
CA THR A 166 -16.10 10.55 26.66
C THR A 166 -15.87 9.42 25.66
N GLY A 167 -15.46 8.25 26.13
CA GLY A 167 -15.24 7.12 25.24
C GLY A 167 -13.87 7.12 24.60
N GLY A 168 -13.45 5.94 24.18
CA GLY A 168 -12.16 5.76 23.55
C GLY A 168 -11.52 4.46 24.01
N HIS A 169 -10.21 4.34 23.76
CA HIS A 169 -9.47 3.18 24.17
C HIS A 169 -9.09 3.29 25.65
N PHE A 170 -9.29 2.20 26.40
CA PHE A 170 -9.15 2.24 27.85
C PHE A 170 -8.03 1.35 28.36
N SER A 171 -8.04 0.05 28.05
CA SER A 171 -7.12 -0.89 28.69
C SER A 171 -5.67 -0.60 28.32
N SER A 172 -5.42 -0.25 27.06
CA SER A 172 -4.05 -0.02 26.62
C SER A 172 -3.42 1.17 27.34
N VAL A 173 -4.23 2.17 27.70
CA VAL A 173 -3.70 3.33 28.41
C VAL A 173 -3.24 2.91 29.81
N LEU A 174 -4.02 2.09 30.50
CA LEU A 174 -3.59 1.57 31.79
C LEU A 174 -2.40 0.64 31.66
N SER A 175 -2.26 -0.01 30.50
CA SER A 175 -1.13 -0.93 30.32
C SER A 175 0.21 -0.21 30.41
N SER A 176 0.31 0.96 29.80
CA SER A 176 1.58 1.69 29.71
C SER A 176 1.57 2.98 30.52
N LEU A 177 0.75 3.02 31.58
CA LEU A 177 0.63 4.23 32.39
C LEU A 177 1.96 4.63 33.01
N GLU A 178 2.66 3.65 33.62
CA GLU A 178 3.95 3.94 34.24
C GLU A 178 4.98 4.34 33.20
N ILE A 179 4.91 3.79 31.99
CA ILE A 179 5.88 4.15 30.96
C ILE A 179 5.76 5.64 30.63
N GLN A 180 4.55 6.11 30.35
CA GLN A 180 4.35 7.52 30.04
C GLN A 180 4.70 8.40 31.22
N LEU A 181 4.26 8.01 32.42
CA LEU A 181 4.53 8.80 33.62
C LEU A 181 6.02 8.95 33.84
N LEU A 182 6.78 7.86 33.73
CA LEU A 182 8.21 7.91 33.98
C LEU A 182 8.96 8.62 32.86
N LEU A 183 8.50 8.47 31.61
CA LEU A 183 9.15 9.19 30.52
C LEU A 183 8.98 10.69 30.68
N LEU A 184 7.80 11.13 31.14
CA LEU A 184 7.63 12.55 31.44
C LEU A 184 8.48 12.97 32.63
N TYR A 185 8.51 12.15 33.69
CA TYR A 185 9.22 12.52 34.92
C TYR A 185 10.72 12.63 34.69
N ILE A 186 11.31 11.68 33.97
CA ILE A 186 12.75 11.53 33.93
C ILE A 186 13.39 12.40 32.85
N PHE A 187 12.82 12.41 31.64
CA PHE A 187 13.48 13.03 30.50
C PHE A 187 12.97 14.46 30.27
N ASN A 188 13.68 15.16 29.39
CA ASN A 188 13.44 16.58 29.12
C ASN A 188 12.64 16.71 27.83
N GLN A 189 11.33 16.49 27.95
CA GLN A 189 10.47 16.73 26.80
C GLN A 189 10.04 18.19 26.75
N PRO A 190 9.78 18.76 25.57
CA PRO A 190 9.82 18.17 24.23
C PRO A 190 11.19 18.22 23.60
N TYR A 191 12.23 18.60 24.36
CA TYR A 191 13.58 18.59 23.81
C TYR A 191 14.00 17.17 23.43
N ASP A 192 13.69 16.19 24.28
CA ASP A 192 13.90 14.79 23.94
C ASP A 192 12.70 14.28 23.16
N ASN A 193 12.97 13.45 22.16
CA ASN A 193 11.94 12.97 21.23
C ASN A 193 11.42 11.62 21.71
N VAL A 194 10.11 11.56 21.97
CA VAL A 194 9.43 10.36 22.43
C VAL A 194 8.22 10.14 21.53
N ILE A 195 8.10 8.93 20.97
CA ILE A 195 7.04 8.62 20.01
C ILE A 195 6.36 7.32 20.41
N TYR A 196 5.03 7.34 20.40
CA TYR A 196 4.20 6.16 20.61
C TYR A 196 3.77 5.59 19.26
N ASP A 197 3.17 4.39 19.30
CA ASP A 197 2.93 3.63 18.08
C ASP A 197 1.59 3.96 17.43
N ILE A 198 0.50 3.75 18.15
CA ILE A 198 -0.83 4.02 17.62
C ILE A 198 -1.45 5.29 18.19
N GLY A 199 -1.10 5.67 19.41
CA GLY A 199 -1.59 6.90 20.00
C GLY A 199 -2.89 6.77 20.74
N HIS A 200 -3.51 5.60 20.75
CA HIS A 200 -4.72 5.37 21.53
C HIS A 200 -4.41 5.05 22.98
N GLN A 201 -3.13 5.00 23.35
CA GLN A 201 -2.69 4.67 24.69
C GLN A 201 -2.10 5.85 25.44
N ALA A 202 -2.09 7.04 24.85
CA ALA A 202 -1.33 8.17 25.38
C ALA A 202 -2.22 9.21 26.05
N TYR A 203 -3.25 8.78 26.78
CA TYR A 203 -4.10 9.74 27.49
C TYR A 203 -3.34 10.35 28.67
N VAL A 204 -2.54 9.54 29.38
CA VAL A 204 -1.76 10.05 30.50
C VAL A 204 -0.71 11.04 30.01
N HIS A 205 -0.14 10.79 28.83
CA HIS A 205 0.79 11.75 28.24
C HIS A 205 0.10 13.08 27.96
N LYS A 206 -1.13 13.04 27.46
CA LYS A 206 -1.88 14.28 27.23
C LYS A 206 -2.20 14.98 28.54
N ILE A 207 -2.52 14.22 29.59
CA ILE A 207 -2.92 14.82 30.86
C ILE A 207 -1.80 15.66 31.44
N LEU A 208 -0.58 15.15 31.44
CA LEU A 208 0.54 15.84 32.07
C LEU A 208 1.39 16.61 31.07
N THR A 209 0.78 17.11 29.99
CA THR A 209 1.45 18.01 29.06
C THR A 209 0.64 19.26 28.77
N GLY A 210 -0.33 19.58 29.63
CA GLY A 210 -1.11 20.79 29.50
C GLY A 210 -2.51 20.64 28.95
N ARG A 211 -2.99 19.42 28.72
CA ARG A 211 -4.28 19.19 28.09
C ARG A 211 -5.28 18.52 29.01
N LYS A 212 -5.05 18.56 30.32
CA LYS A 212 -5.94 17.88 31.25
C LYS A 212 -7.30 18.57 31.32
N LEU A 213 -7.30 19.90 31.43
CA LEU A 213 -8.56 20.63 31.59
C LEU A 213 -9.51 20.42 30.44
N LEU A 214 -8.99 20.15 29.25
CA LEU A 214 -9.81 19.97 28.06
C LEU A 214 -10.24 18.52 27.85
N PHE A 215 -9.90 17.62 28.78
CA PHE A 215 -10.14 16.21 28.55
C PHE A 215 -11.61 15.83 28.54
N LEU A 216 -12.51 16.72 28.96
CA LEU A 216 -13.93 16.42 28.80
C LEU A 216 -14.34 16.45 27.33
N SER A 217 -13.62 17.19 26.50
CA SER A 217 -13.92 17.28 25.08
C SER A 217 -13.11 16.27 24.28
N LEU A 218 -13.19 15.00 24.64
CA LEU A 218 -12.41 13.96 24.00
C LEU A 218 -13.21 13.33 22.87
N ARG A 219 -12.65 13.36 21.66
CA ARG A 219 -13.26 12.76 20.47
C ARG A 219 -14.64 13.35 20.19
N ASN A 220 -14.78 14.65 20.38
CA ASN A 220 -15.94 15.42 19.98
C ASN A 220 -15.55 16.40 18.87
N LYS A 221 -16.51 17.22 18.45
CA LYS A 221 -16.27 18.18 17.39
C LYS A 221 -15.40 19.32 17.91
N LYS A 222 -14.24 19.51 17.29
CA LYS A 222 -13.30 20.57 17.64
C LYS A 222 -12.80 20.45 19.07
N GLY A 223 -12.76 19.23 19.59
CA GLY A 223 -12.17 18.93 20.87
C GLY A 223 -10.79 18.32 20.74
N ILE A 224 -10.39 17.56 21.75
CA ILE A 224 -9.11 16.85 21.71
C ILE A 224 -9.31 15.48 21.09
N SER A 225 -8.33 15.05 20.32
CA SER A 225 -8.44 13.78 19.60
C SER A 225 -8.12 12.60 20.51
N GLY A 226 -8.57 11.43 20.08
CA GLY A 226 -8.17 10.19 20.70
C GLY A 226 -6.81 9.69 20.30
N PHE A 227 -6.15 10.40 19.38
CA PHE A 227 -4.81 10.08 18.93
C PHE A 227 -3.94 11.31 19.08
N LEU A 228 -2.64 11.09 19.18
CA LEU A 228 -1.71 12.20 19.27
C LEU A 228 -1.67 12.94 17.94
N ASN A 229 -1.76 14.27 18.01
CA ASN A 229 -1.83 15.10 16.82
C ASN A 229 -0.75 16.18 16.91
N ILE A 230 -0.10 16.45 15.78
CA ILE A 230 0.92 17.50 15.73
C ILE A 230 0.33 18.89 15.64
N PHE A 231 -1.00 19.02 15.64
CA PHE A 231 -1.68 20.31 15.64
C PHE A 231 -2.38 20.59 16.96
N GLU A 232 -2.22 19.73 17.97
CA GLU A 232 -2.74 19.98 19.31
C GLU A 232 -1.69 20.52 20.26
N SER A 233 -0.44 20.04 20.17
CA SER A 233 0.59 20.43 21.11
C SER A 233 1.95 20.16 20.49
N ILE A 234 2.97 20.76 21.11
CA ILE A 234 4.35 20.53 20.69
C ILE A 234 4.90 19.22 21.25
N TYR A 235 4.27 18.67 22.30
CA TYR A 235 4.72 17.42 22.88
C TYR A 235 4.41 16.21 22.01
N ASP A 236 3.57 16.36 20.99
CA ASP A 236 3.30 15.30 20.03
C ASP A 236 4.22 15.49 18.83
N LYS A 237 5.11 14.53 18.61
CA LYS A 237 6.09 14.64 17.55
C LYS A 237 5.66 13.98 16.25
N PHE A 238 4.70 13.07 16.29
CA PHE A 238 4.26 12.36 15.08
C PHE A 238 2.90 11.76 15.36
N GLY A 239 1.91 12.13 14.54
CA GLY A 239 0.59 11.56 14.68
C GLY A 239 0.53 10.13 14.21
N ALA A 240 -0.46 9.40 14.72
CA ALA A 240 -0.56 7.98 14.47
C ALA A 240 -2.03 7.63 14.28
N GLY A 241 -2.34 6.34 14.36
CA GLY A 241 -3.66 5.82 14.09
C GLY A 241 -3.56 4.52 13.33
N HIS A 242 -2.52 4.42 12.51
CA HIS A 242 -2.13 3.16 11.87
C HIS A 242 -0.86 2.67 12.55
N SER A 243 -0.87 1.40 12.96
CA SER A 243 0.23 0.87 13.76
C SER A 243 1.49 0.72 12.91
N SER A 244 2.55 0.24 13.56
CA SER A 244 3.83 -0.06 12.94
C SER A 244 4.52 1.18 12.38
N THR A 245 4.18 2.35 12.91
CA THR A 245 4.70 3.62 12.42
C THR A 245 5.69 4.28 13.36
N SER A 246 5.70 3.91 14.64
CA SER A 246 6.52 4.61 15.62
C SER A 246 8.01 4.44 15.34
N LEU A 247 8.44 3.24 14.97
CA LEU A 247 9.86 2.99 14.81
C LEU A 247 10.44 3.77 13.63
N SER A 248 9.75 3.76 12.50
CA SER A 248 10.22 4.54 11.35
C SER A 248 10.22 6.03 11.66
N ALA A 249 9.18 6.52 12.35
CA ALA A 249 9.12 7.94 12.69
C ALA A 249 10.25 8.34 13.63
N ILE A 250 10.50 7.53 14.66
CA ILE A 250 11.55 7.87 15.61
C ILE A 250 12.92 7.77 14.96
N GLN A 251 13.11 6.82 14.03
CA GLN A 251 14.38 6.77 13.32
C GLN A 251 14.54 7.99 12.42
N GLY A 252 13.46 8.45 11.81
CA GLY A 252 13.53 9.69 11.03
C GLY A 252 13.91 10.88 11.89
N TYR A 253 13.32 10.97 13.08
CA TYR A 253 13.68 12.05 14.00
C TYR A 253 15.15 11.97 14.39
N TYR A 254 15.62 10.77 14.74
CA TYR A 254 17.02 10.62 15.15
C TYR A 254 17.95 10.99 14.01
N GLU A 255 17.64 10.53 12.78
CA GLU A 255 18.54 10.78 11.67
C GLU A 255 18.52 12.24 11.26
N ALA A 256 17.37 12.91 11.37
CA ALA A 256 17.35 14.35 11.13
C ALA A 256 18.19 15.09 12.17
N GLU A 257 18.03 14.72 13.45
CA GLU A 257 18.80 15.37 14.51
C GLU A 257 20.29 15.10 14.35
N TRP A 258 20.65 13.95 13.81
CA TRP A 258 22.05 13.63 13.56
C TRP A 258 22.59 14.39 12.35
N GLN A 259 21.79 14.50 11.27
CA GLN A 259 22.24 15.18 10.06
C GLN A 259 22.41 16.67 10.30
N VAL A 260 21.53 17.27 11.10
CA VAL A 260 21.65 18.70 11.38
C VAL A 260 22.96 18.99 12.09
N LYS A 261 23.33 18.16 13.07
CA LYS A 261 24.61 18.35 13.76
C LYS A 261 25.79 18.03 12.86
N ASN A 262 25.64 17.01 12.00
CA ASN A 262 26.74 16.61 11.13
C ASN A 262 27.07 17.70 10.13
N LYS A 263 26.04 18.37 9.58
CA LYS A 263 26.26 19.40 8.58
C LYS A 263 26.64 20.75 9.18
N GLU A 264 26.61 20.88 10.51
CA GLU A 264 27.03 22.12 11.15
C GLU A 264 28.54 22.17 11.32
N VAL A 329 24.44 14.35 19.54
CA VAL A 329 23.02 14.20 19.79
C VAL A 329 22.76 14.12 21.29
N ASP A 330 22.44 15.26 21.90
CA ASP A 330 22.19 15.31 23.34
C ASP A 330 20.78 14.90 23.72
N LYS A 331 19.90 14.71 22.75
CA LYS A 331 18.50 14.41 23.03
C LYS A 331 18.25 12.92 22.94
N VAL A 332 17.46 12.41 23.88
CA VAL A 332 17.14 10.99 23.97
C VAL A 332 15.96 10.69 23.06
N HIS A 333 16.14 9.73 22.15
CA HIS A 333 15.08 9.28 21.25
C HIS A 333 14.52 7.97 21.75
N ILE A 334 13.24 7.95 22.05
CA ILE A 334 12.56 6.79 22.63
C ILE A 334 11.31 6.50 21.81
N ALA A 335 11.11 5.22 21.49
CA ALA A 335 9.90 4.76 20.81
C ALA A 335 9.25 3.66 21.65
N ILE A 336 7.95 3.80 21.87
CA ILE A 336 7.18 2.83 22.64
C ILE A 336 6.28 2.08 21.66
N ILE A 337 6.63 0.83 21.38
CA ILE A 337 5.89 -0.02 20.45
C ILE A 337 5.50 -1.31 21.17
N GLY A 338 4.25 -1.72 20.96
CA GLY A 338 3.74 -2.92 21.60
C GLY A 338 4.04 -4.17 20.80
N ASP A 339 3.64 -5.30 21.37
CA ASP A 339 3.84 -6.58 20.70
C ASP A 339 3.06 -6.66 19.40
N GLY A 340 1.81 -6.20 19.42
CA GLY A 340 1.00 -6.25 18.20
C GLY A 340 1.54 -5.36 17.10
N GLY A 341 2.03 -4.18 17.46
CA GLY A 341 2.54 -3.27 16.45
C GLY A 341 3.76 -3.83 15.72
N LEU A 342 4.61 -4.54 16.43
CA LEU A 342 5.81 -5.11 15.82
C LEU A 342 5.49 -6.23 14.84
N THR A 343 4.27 -6.78 14.89
CA THR A 343 3.89 -7.81 13.94
C THR A 343 3.76 -7.26 12.52
N GLY A 344 3.43 -5.98 12.38
CA GLY A 344 3.32 -5.39 11.07
C GLY A 344 4.66 -5.31 10.36
N GLY A 345 4.61 -5.41 9.04
CA GLY A 345 5.82 -5.49 8.25
C GLY A 345 6.67 -4.25 8.33
N MET A 346 6.04 -3.08 8.31
CA MET A 346 6.80 -1.83 8.38
C MET A 346 7.56 -1.75 9.70
N ALA A 347 6.96 -2.21 10.79
CA ALA A 347 7.64 -2.22 12.08
C ALA A 347 8.86 -3.13 12.06
N LEU A 348 8.73 -4.31 11.45
CA LEU A 348 9.86 -5.24 11.38
C LEU A 348 10.98 -4.66 10.53
N GLU A 349 10.64 -4.06 9.39
CA GLU A 349 11.66 -3.42 8.57
C GLU A 349 12.35 -2.29 9.31
N ALA A 350 11.57 -1.50 10.06
CA ALA A 350 12.15 -0.41 10.83
C ALA A 350 13.07 -0.95 11.92
N LEU A 351 12.69 -2.03 12.59
CA LEU A 351 13.54 -2.64 13.61
C LEU A 351 14.87 -3.09 13.01
N ASN A 352 14.79 -3.81 11.90
CA ASN A 352 15.99 -4.28 11.21
C ASN A 352 16.88 -3.12 10.80
N TYR A 353 16.29 -2.05 10.27
CA TYR A 353 17.10 -0.92 9.82
C TYR A 353 17.66 -0.10 10.97
N ILE A 354 16.94 0.02 12.08
CA ILE A 354 17.46 0.73 13.24
C ILE A 354 18.69 0.01 13.77
N SER A 355 18.61 -1.32 13.88
CA SER A 355 19.79 -2.07 14.28
C SER A 355 20.90 -1.93 13.26
N PHE A 356 20.56 -1.96 11.98
CA PHE A 356 21.56 -1.95 10.92
C PHE A 356 22.39 -0.67 10.94
N LEU A 357 21.74 0.48 11.12
CA LEU A 357 22.43 1.77 11.09
C LEU A 357 23.00 2.17 12.45
N ASN A 358 22.67 1.45 13.52
CA ASN A 358 23.13 1.77 14.87
C ASN A 358 22.60 3.13 15.31
N SER A 359 21.31 3.35 15.11
CA SER A 359 20.67 4.54 15.64
C SER A 359 20.49 4.40 17.14
N LYS A 360 20.94 5.40 17.89
CA LYS A 360 20.87 5.37 19.35
C LYS A 360 19.43 5.63 19.76
N ILE A 361 18.61 4.60 19.60
CA ILE A 361 17.19 4.65 19.91
C ILE A 361 16.90 3.62 20.99
N LEU A 362 16.22 4.05 22.05
CA LEU A 362 15.71 3.13 23.05
C LEU A 362 14.32 2.67 22.62
N ILE A 363 14.16 1.36 22.46
CA ILE A 363 12.90 0.77 22.04
C ILE A 363 12.29 0.08 23.24
N ILE A 364 11.16 0.60 23.70
CA ILE A 364 10.44 0.02 24.83
C ILE A 364 9.42 -0.95 24.24
N TYR A 365 9.78 -2.23 24.20
CA TYR A 365 8.88 -3.26 23.71
C TYR A 365 7.85 -3.55 24.79
N ASN A 366 6.67 -2.96 24.65
CA ASN A 366 5.60 -3.16 25.61
C ASN A 366 4.99 -4.55 25.36
N ASP A 367 5.48 -5.53 26.10
CA ASP A 367 5.01 -6.91 25.98
C ASP A 367 3.78 -7.07 26.84
N ASN A 368 2.62 -7.26 26.25
CA ASN A 368 1.37 -7.30 27.04
C ASN A 368 0.57 -8.56 26.70
N GLY A 369 1.02 -9.33 25.71
CA GLY A 369 0.28 -10.54 25.38
C GLY A 369 -0.92 -10.31 24.52
N GLN A 370 -1.01 -9.16 23.86
CA GLN A 370 -2.16 -8.80 23.03
C GLN A 370 -1.65 -8.32 21.68
N VAL A 371 -1.97 -9.06 20.63
CA VAL A 371 -1.54 -8.75 19.26
C VAL A 371 -2.70 -8.31 18.40
N SER A 372 -3.81 -9.03 18.44
CA SER A 372 -4.99 -8.74 17.65
C SER A 372 -6.13 -8.26 18.55
N LEU A 373 -7.21 -7.82 17.91
CA LEU A 373 -8.37 -7.28 18.62
C LEU A 373 -9.59 -8.15 18.35
N PRO A 374 -9.94 -9.06 19.26
CA PRO A 374 -9.22 -9.40 20.50
C PRO A 374 -8.26 -10.57 20.28
N THR A 375 -7.66 -11.10 21.35
CA THR A 375 -6.81 -12.27 21.27
C THR A 375 -7.39 -13.51 21.93
N ASN A 376 -8.39 -13.34 22.80
CA ASN A 376 -9.03 -14.47 23.46
C ASN A 376 -9.89 -15.29 22.51
N ALA A 377 -10.14 -14.81 21.29
CA ALA A 377 -10.94 -15.55 20.33
C ALA A 377 -10.22 -16.82 19.89
N VAL A 378 -11.00 -17.87 19.64
CA VAL A 378 -10.46 -19.17 19.27
C VAL A 378 -10.32 -19.19 17.75
N SER A 379 -9.10 -18.94 17.27
CA SER A 379 -8.81 -19.00 15.85
C SER A 379 -8.31 -20.41 15.49
N ILE A 380 -7.75 -20.55 14.30
CA ILE A 380 -7.17 -21.83 13.90
C ILE A 380 -6.00 -22.22 14.80
N SER A 381 -5.37 -21.23 15.45
CA SER A 381 -4.32 -21.48 16.42
C SER A 381 -4.77 -21.23 17.85
N GLY A 382 -6.06 -21.18 18.10
CA GLY A 382 -6.56 -20.97 19.44
C GLY A 382 -6.43 -19.53 19.90
N ASN A 383 -6.35 -19.37 21.22
CA ASN A 383 -6.21 -18.07 21.84
C ASN A 383 -4.77 -17.59 21.87
N ARG A 384 -3.83 -18.37 21.36
CA ARG A 384 -2.43 -18.02 21.44
C ARG A 384 -2.16 -16.74 20.67
N PRO A 385 -1.42 -15.79 21.23
CA PRO A 385 -1.12 -14.55 20.51
C PRO A 385 -0.36 -14.83 19.22
N ILE A 386 -0.68 -14.05 18.19
CA ILE A 386 -0.22 -14.32 16.84
C ILE A 386 1.23 -13.89 16.70
N GLY A 387 2.05 -14.77 16.12
CA GLY A 387 3.44 -14.45 15.85
C GLY A 387 4.42 -15.35 16.57
N SER A 388 5.44 -15.82 15.86
CA SER A 388 6.51 -16.57 16.51
C SER A 388 7.37 -15.68 17.39
N ILE A 389 7.41 -14.37 17.12
CA ILE A 389 8.05 -13.45 18.04
C ILE A 389 7.31 -13.44 19.37
N SER A 390 5.97 -13.52 19.32
CA SER A 390 5.20 -13.62 20.55
C SER A 390 5.48 -14.92 21.29
N ASP A 391 5.57 -16.03 20.57
CA ASP A 391 5.87 -17.30 21.20
C ASP A 391 7.28 -17.32 21.78
N HIS A 392 8.24 -16.72 21.06
CA HIS A 392 9.62 -16.71 21.53
C HIS A 392 9.77 -15.91 22.83
N LEU A 393 9.11 -14.77 22.91
CA LEU A 393 9.23 -13.90 24.08
C LEU A 393 8.18 -14.23 25.14
N HIS A 394 6.91 -14.16 24.78
CA HIS A 394 5.82 -14.41 25.72
C HIS A 394 5.54 -15.91 25.84
N ASN A 416 20.70 -16.28 23.28
CA ASN A 416 20.42 -15.07 22.51
C ASN A 416 19.00 -15.08 21.98
N ASN A 417 18.23 -14.07 22.33
CA ASN A 417 16.87 -13.92 21.82
C ASN A 417 16.93 -13.30 20.42
N ILE A 418 15.76 -13.03 19.85
CA ILE A 418 15.71 -12.46 18.50
C ILE A 418 16.36 -11.08 18.47
N PHE A 419 16.10 -10.26 19.50
CA PHE A 419 16.68 -8.93 19.54
C PHE A 419 18.21 -9.00 19.59
N GLU A 420 18.74 -9.90 20.41
CA GLU A 420 20.19 -10.03 20.51
C GLU A 420 20.80 -10.50 19.19
N ASN A 421 20.09 -11.39 18.49
CA ASN A 421 20.56 -11.82 17.18
C ASN A 421 20.56 -10.68 16.18
N LEU A 422 19.66 -9.71 16.36
CA LEU A 422 19.62 -8.52 15.51
C LEU A 422 20.54 -7.41 16.01
N ASN A 423 21.50 -7.75 16.88
CA ASN A 423 22.52 -6.82 17.36
C ASN A 423 21.89 -5.66 18.16
N TYR A 424 21.02 -6.02 19.09
CA TYR A 424 20.41 -5.07 20.00
C TYR A 424 20.90 -5.33 21.42
N ASP A 425 21.27 -4.28 22.13
CA ASP A 425 21.45 -4.39 23.58
C ASP A 425 20.10 -4.72 24.20
N TYR A 426 20.08 -5.73 25.07
CA TYR A 426 18.85 -6.22 25.64
C TYR A 426 18.92 -6.10 27.16
N ILE A 427 18.05 -5.28 27.73
CA ILE A 427 17.84 -5.25 29.17
C ILE A 427 16.72 -6.22 29.48
N GLY A 428 16.96 -7.10 30.45
CA GLY A 428 16.08 -8.22 30.73
C GLY A 428 14.65 -7.84 31.02
N VAL A 429 13.78 -8.82 31.20
CA VAL A 429 12.36 -8.54 31.35
C VAL A 429 12.14 -7.72 32.61
N VAL A 430 11.72 -6.47 32.44
CA VAL A 430 11.47 -5.54 33.54
C VAL A 430 9.96 -5.32 33.64
N ASN A 431 9.44 -5.35 34.85
CA ASN A 431 8.01 -5.13 35.05
C ASN A 431 7.64 -3.71 34.63
N GLY A 432 6.46 -3.59 34.01
CA GLY A 432 5.98 -2.31 33.54
C GLY A 432 5.09 -1.56 34.49
N ASN A 433 4.61 -2.23 35.54
CA ASN A 433 3.78 -1.60 36.56
C ASN A 433 4.55 -1.35 37.84
N ASN A 434 5.85 -1.61 37.86
CA ASN A 434 6.70 -1.34 39.02
C ASN A 434 7.46 -0.05 38.77
N THR A 435 7.09 1.01 39.49
CA THR A 435 7.68 2.32 39.25
C THR A 435 9.15 2.35 39.64
N GLU A 436 9.52 1.63 40.71
CA GLU A 436 10.89 1.70 41.20
C GLU A 436 11.88 1.00 40.27
N GLU A 437 11.52 -0.18 39.76
CA GLU A 437 12.46 -0.92 38.91
C GLU A 437 12.64 -0.23 37.56
N LEU A 438 11.53 0.17 36.94
CA LEU A 438 11.62 0.92 35.69
C LEU A 438 12.29 2.26 35.90
N PHE A 439 12.08 2.87 37.07
CA PHE A 439 12.80 4.09 37.41
C PHE A 439 14.30 3.84 37.45
N LYS A 440 14.72 2.73 38.05
CA LYS A 440 16.14 2.39 38.10
C LYS A 440 16.71 2.25 36.69
N VAL A 441 16.02 1.48 35.83
CA VAL A 441 16.53 1.22 34.50
C VAL A 441 16.59 2.51 33.68
N LEU A 442 15.49 3.26 33.64
CA LEU A 442 15.45 4.48 32.84
C LEU A 442 16.37 5.55 33.39
N ASN A 443 16.53 5.61 34.72
CA ASN A 443 17.45 6.57 35.30
C ASN A 443 18.90 6.22 34.99
N ASN A 444 19.22 4.93 34.95
CA ASN A 444 20.54 4.53 34.50
C ASN A 444 20.76 4.92 33.05
N ILE A 445 19.76 4.72 32.20
CA ILE A 445 19.88 5.10 30.80
C ILE A 445 20.06 6.61 30.66
N LYS A 446 19.37 7.38 31.50
CA LYS A 446 19.50 8.83 31.45
C LYS A 446 20.87 9.30 31.92
N GLU A 447 21.31 8.81 33.09
CA GLU A 447 22.60 9.23 33.62
C GLU A 447 23.74 8.83 32.69
N ASN A 448 23.68 7.61 32.17
CA ASN A 448 24.59 7.17 31.11
C ASN A 448 24.01 7.65 29.79
N LYS A 449 24.53 7.14 28.68
CA LYS A 449 23.89 7.39 27.40
C LYS A 449 24.11 6.18 26.51
N LEU A 450 23.10 5.89 25.68
CA LEU A 450 23.16 4.72 24.83
C LEU A 450 24.33 4.79 23.89
N LYS A 451 25.19 3.78 23.94
CA LYS A 451 26.28 3.62 22.99
C LYS A 451 25.90 2.67 21.86
N ARG A 452 24.65 2.22 21.84
CA ARG A 452 24.17 1.19 20.92
C ARG A 452 22.66 1.10 21.06
N ALA A 453 21.99 0.79 19.95
CA ALA A 453 20.54 0.61 19.99
C ALA A 453 20.16 -0.45 21.00
N THR A 454 19.15 -0.17 21.80
CA THR A 454 18.81 -0.98 22.95
C THR A 454 17.31 -1.25 22.98
N VAL A 455 16.95 -2.49 23.27
CA VAL A 455 15.56 -2.89 23.42
C VAL A 455 15.32 -3.16 24.89
N LEU A 456 14.50 -2.33 25.51
CA LEU A 456 14.11 -2.51 26.91
C LEU A 456 12.84 -3.34 26.92
N HIS A 457 13.00 -4.65 27.15
CA HIS A 457 11.84 -5.52 27.19
C HIS A 457 11.09 -5.29 28.49
N VAL A 458 9.82 -4.92 28.37
CA VAL A 458 9.00 -4.55 29.51
C VAL A 458 7.72 -5.39 29.47
N ARG A 459 7.37 -5.99 30.60
CA ARG A 459 6.18 -6.81 30.72
C ARG A 459 5.08 -6.03 31.43
N THR A 460 3.90 -5.98 30.81
CA THR A 460 2.79 -5.23 31.37
C THR A 460 1.54 -6.07 31.45
N LYS A 461 0.41 -5.47 31.79
CA LYS A 461 -0.85 -6.19 31.95
C LYS A 461 -1.93 -5.53 31.10
N LYS A 462 -2.87 -6.36 30.63
CA LYS A 462 -4.02 -5.89 29.88
C LYS A 462 -5.32 -6.13 30.64
N SER A 463 -5.59 -7.38 31.04
CA SER A 463 -6.79 -7.72 31.78
C SER A 463 -6.41 -7.97 33.24
N ASN A 464 -7.11 -7.31 34.15
CA ASN A 464 -6.81 -7.41 35.56
C ASN A 464 -8.05 -7.18 36.42
N LYS A 531 -37.43 11.79 11.99
CA LYS A 531 -36.22 12.21 12.68
C LYS A 531 -35.01 11.40 12.23
N TYR A 532 -33.82 11.95 12.49
CA TYR A 532 -32.59 11.25 12.11
C TYR A 532 -32.45 9.93 12.88
N GLU A 533 -32.78 9.93 14.15
CA GLU A 533 -32.58 8.73 14.97
C GLU A 533 -33.58 7.64 14.64
N ASP A 534 -34.81 8.02 14.31
CA ASP A 534 -35.87 7.04 14.06
C ASP A 534 -35.65 6.23 12.78
N MET A 535 -34.70 6.63 11.95
CA MET A 535 -34.46 5.97 10.66
C MET A 535 -33.37 4.91 10.73
N PHE A 536 -32.80 4.65 11.90
CA PHE A 536 -31.75 3.65 12.08
C PHE A 536 -32.09 2.80 13.29
N SER A 537 -32.00 1.49 13.13
CA SER A 537 -32.27 0.56 14.23
C SER A 537 -30.96 0.24 14.95
N LYS A 538 -30.98 -0.77 15.82
CA LYS A 538 -29.81 -1.10 16.62
C LYS A 538 -28.83 -1.99 15.87
N GLU A 539 -29.30 -2.76 14.89
CA GLU A 539 -28.45 -3.72 14.21
C GLU A 539 -27.48 -3.01 13.26
N THR A 540 -26.30 -3.61 13.11
CA THR A 540 -25.26 -3.11 12.23
C THR A 540 -25.13 -4.04 11.02
N PHE A 541 -24.72 -3.46 9.88
CA PHE A 541 -24.58 -4.25 8.66
C PHE A 541 -23.57 -5.38 8.83
N THR A 542 -22.58 -5.21 9.72
CA THR A 542 -21.65 -6.29 10.00
C THR A 542 -22.37 -7.49 10.61
N ASP A 543 -23.40 -7.26 11.42
CA ASP A 543 -24.20 -8.35 11.94
C ASP A 543 -24.91 -9.10 10.82
N ILE A 544 -25.44 -8.37 9.83
CA ILE A 544 -26.08 -8.99 8.68
C ILE A 544 -25.07 -9.83 7.91
N TYR A 545 -23.88 -9.29 7.71
CA TYR A 545 -22.81 -10.02 7.03
C TYR A 545 -22.48 -11.30 7.77
N THR A 546 -22.36 -11.23 9.10
CA THR A 546 -22.04 -12.42 9.89
C THR A 546 -23.15 -13.45 9.78
N ASN A 547 -24.41 -13.03 9.88
CA ASN A 547 -25.52 -13.98 9.81
C ASN A 547 -25.57 -14.66 8.45
N GLU A 548 -25.39 -13.89 7.38
CA GLU A 548 -25.41 -14.46 6.03
C GLU A 548 -24.26 -15.46 5.85
N MET A 549 -23.06 -15.10 6.31
CA MET A 549 -21.92 -16.00 6.15
C MET A 549 -22.07 -17.27 6.98
N LEU A 550 -22.64 -17.16 8.18
CA LEU A 550 -22.91 -18.37 8.96
C LEU A 550 -23.95 -19.26 8.27
N LYS A 551 -25.00 -18.65 7.72
CA LYS A 551 -26.00 -19.43 7.02
C LYS A 551 -25.40 -20.15 5.82
N TYR A 552 -24.49 -19.49 5.10
CA TYR A 552 -23.83 -20.15 3.98
C TYR A 552 -22.84 -21.22 4.45
N LEU A 553 -22.18 -21.00 5.59
CA LEU A 553 -21.27 -22.02 6.12
C LEU A 553 -22.02 -23.26 6.57
N LYS A 554 -23.28 -23.11 6.97
CA LYS A 554 -24.03 -24.28 7.44
C LYS A 554 -24.18 -25.33 6.34
N LYS A 555 -24.19 -24.94 5.08
CA LYS A 555 -24.34 -25.87 3.98
C LYS A 555 -23.03 -26.18 3.25
N ASP A 556 -22.10 -25.24 3.19
CA ASP A 556 -20.80 -25.44 2.57
C ASP A 556 -19.72 -25.12 3.58
N ARG A 557 -18.76 -26.02 3.72
CA ARG A 557 -17.65 -25.85 4.66
C ARG A 557 -16.40 -25.28 4.01
N ASN A 558 -16.40 -25.09 2.70
CA ASN A 558 -15.22 -24.64 1.98
C ASN A 558 -15.12 -23.13 1.89
N ILE A 559 -15.75 -22.41 2.82
CA ILE A 559 -15.61 -20.97 2.91
C ILE A 559 -14.50 -20.66 3.91
N ILE A 560 -13.50 -19.90 3.47
CA ILE A 560 -12.36 -19.53 4.31
C ILE A 560 -12.41 -18.03 4.53
N PHE A 561 -12.31 -17.62 5.79
CA PHE A 561 -12.31 -16.21 6.16
C PHE A 561 -10.95 -15.80 6.69
N LEU A 562 -10.53 -14.58 6.35
CA LEU A 562 -9.27 -14.02 6.80
C LEU A 562 -9.50 -12.58 7.25
N SER A 563 -8.64 -12.12 8.16
CA SER A 563 -8.73 -10.75 8.63
C SER A 563 -7.41 -10.34 9.25
N PRO A 564 -6.93 -9.12 9.00
CA PRO A 564 -5.67 -8.64 9.63
C PRO A 564 -5.88 -8.06 11.03
N ALA A 565 -5.99 -8.97 12.00
CA ALA A 565 -6.06 -8.63 13.43
C ALA A 565 -7.29 -7.81 13.78
N MET A 566 -8.39 -8.01 13.08
CA MET A 566 -9.63 -7.29 13.35
C MET A 566 -10.81 -8.26 13.33
N LEU A 567 -10.67 -9.38 14.03
CA LEU A 567 -11.74 -10.38 14.04
C LEU A 567 -13.03 -9.81 14.61
N GLY A 568 -12.94 -9.09 15.73
CA GLY A 568 -14.14 -8.54 16.34
C GLY A 568 -14.82 -7.49 15.48
N GLY A 569 -14.03 -6.56 14.93
CA GLY A 569 -14.61 -5.52 14.09
C GLY A 569 -15.16 -6.05 12.79
N SER A 570 -14.45 -6.98 12.15
CA SER A 570 -14.90 -7.53 10.88
C SER A 570 -16.09 -8.47 11.02
N GLY A 571 -16.41 -8.90 12.23
CA GLY A 571 -17.52 -9.80 12.45
C GLY A 571 -17.20 -11.26 12.35
N LEU A 572 -15.93 -11.64 12.43
CA LEU A 572 -15.51 -13.03 12.25
C LEU A 572 -15.38 -13.79 13.56
N VAL A 573 -15.59 -13.15 14.70
CA VAL A 573 -15.43 -13.84 15.98
C VAL A 573 -16.39 -15.01 16.08
N LYS A 574 -17.67 -14.76 15.81
CA LYS A 574 -18.66 -15.84 15.83
C LYS A 574 -18.34 -16.90 14.79
N ILE A 575 -17.54 -16.59 13.79
CA ILE A 575 -17.09 -17.58 12.83
C ILE A 575 -15.86 -18.33 13.33
N SER A 576 -14.96 -17.63 14.02
CA SER A 576 -13.79 -18.31 14.58
C SER A 576 -14.16 -19.22 15.74
N GLU A 577 -15.13 -18.82 16.56
CA GLU A 577 -15.53 -19.63 17.69
C GLU A 577 -16.15 -20.95 17.25
N ARG A 578 -16.93 -20.94 16.16
CA ARG A 578 -17.66 -22.12 15.74
C ARG A 578 -16.97 -22.90 14.64
N TYR A 579 -16.17 -22.25 13.79
CA TYR A 579 -15.41 -22.91 12.74
C TYR A 579 -13.96 -22.44 12.83
N PRO A 580 -13.25 -22.83 13.88
CA PRO A 580 -11.89 -22.30 14.08
C PRO A 580 -10.93 -22.61 12.95
N ASN A 581 -11.16 -23.73 12.26
CA ASN A 581 -10.27 -24.12 11.13
C ASN A 581 -10.58 -23.26 9.89
N ASN A 582 -11.66 -22.49 9.94
CA ASN A 582 -12.07 -21.68 8.80
C ASN A 582 -11.58 -20.22 8.87
N VAL A 583 -10.90 -19.84 9.96
CA VAL A 583 -10.48 -18.45 10.16
C VAL A 583 -8.97 -18.42 10.38
N TYR A 584 -8.31 -17.52 9.66
CA TYR A 584 -6.86 -17.33 9.73
C TYR A 584 -6.61 -15.91 10.22
N ASP A 585 -6.35 -15.76 11.51
CA ASP A 585 -5.99 -14.46 12.10
C ASP A 585 -4.49 -14.27 11.94
N VAL A 586 -4.09 -13.34 11.08
CA VAL A 586 -2.71 -13.19 10.68
C VAL A 586 -2.02 -12.03 11.37
N GLY A 587 -2.63 -11.46 12.42
CA GLY A 587 -2.06 -10.28 13.03
C GLY A 587 -2.24 -9.08 12.11
N ILE A 588 -1.44 -8.04 12.37
CA ILE A 588 -1.50 -6.86 11.53
C ILE A 588 -0.69 -7.19 10.27
N ALA A 589 -1.35 -7.82 9.31
CA ALA A 589 -0.70 -8.38 8.14
C ALA A 589 -1.55 -8.15 6.89
N GLU A 590 -2.00 -6.92 6.69
CA GLU A 590 -2.88 -6.61 5.56
C GLU A 590 -2.31 -7.10 4.24
N GLN A 591 -1.04 -6.80 3.98
CA GLN A 591 -0.40 -7.29 2.76
C GLN A 591 -0.33 -8.80 2.75
N HIS A 592 0.10 -9.38 3.87
CA HIS A 592 0.11 -10.83 4.01
C HIS A 592 -1.29 -11.39 3.87
N SER A 593 -2.29 -10.71 4.44
CA SER A 593 -3.66 -11.21 4.38
C SER A 593 -4.14 -11.28 2.93
N VAL A 594 -3.92 -10.22 2.14
CA VAL A 594 -4.42 -10.20 0.79
C VAL A 594 -3.69 -11.22 -0.08
N THR A 595 -2.35 -11.29 0.01
CA THR A 595 -1.64 -12.24 -0.84
C THR A 595 -1.92 -13.68 -0.42
N PHE A 596 -1.97 -13.94 0.88
CA PHE A 596 -2.31 -15.27 1.39
C PHE A 596 -3.69 -15.71 0.92
N ALA A 597 -4.68 -14.83 1.05
CA ALA A 597 -6.04 -15.16 0.59
C ALA A 597 -6.09 -15.34 -0.92
N ALA A 598 -5.33 -14.55 -1.67
CA ALA A 598 -5.32 -14.70 -3.13
C ALA A 598 -4.75 -16.05 -3.53
N ALA A 599 -3.64 -16.45 -2.92
CA ALA A 599 -3.08 -17.77 -3.22
C ALA A 599 -4.02 -18.87 -2.77
N MET A 600 -4.78 -18.65 -1.70
CA MET A 600 -5.78 -19.62 -1.27
C MET A 600 -7.01 -19.63 -2.17
N ALA A 601 -7.23 -18.57 -2.95
CA ALA A 601 -8.36 -18.48 -3.86
C ALA A 601 -8.09 -19.13 -5.22
N MET A 602 -6.83 -19.42 -5.55
CA MET A 602 -6.55 -20.16 -6.76
C MET A 602 -7.05 -21.59 -6.70
N ASN A 603 -7.41 -22.08 -5.52
CA ASN A 603 -8.00 -23.39 -5.37
C ASN A 603 -9.49 -23.31 -5.69
N LYS A 604 -9.90 -23.99 -6.76
CA LYS A 604 -11.29 -23.93 -7.20
C LYS A 604 -12.24 -24.67 -6.27
N LYS A 605 -11.71 -25.42 -5.30
CA LYS A 605 -12.55 -26.17 -4.37
C LYS A 605 -12.88 -25.40 -3.10
N LEU A 606 -12.46 -24.14 -3.00
CA LEU A 606 -12.70 -23.33 -1.81
C LEU A 606 -13.19 -21.95 -2.20
N LYS A 607 -13.92 -21.31 -1.28
CA LYS A 607 -14.34 -19.92 -1.41
C LYS A 607 -13.64 -19.11 -0.32
N ILE A 608 -12.98 -18.04 -0.72
CA ILE A 608 -12.17 -17.22 0.18
C ILE A 608 -12.80 -15.83 0.26
N GLN A 609 -13.14 -15.40 1.48
CA GLN A 609 -13.60 -14.05 1.74
C GLN A 609 -12.60 -13.37 2.66
N LEU A 610 -12.05 -12.23 2.22
CA LEU A 610 -11.14 -11.44 3.03
C LEU A 610 -11.90 -10.25 3.61
N CYS A 611 -11.89 -10.14 4.94
CA CYS A 611 -12.57 -9.06 5.63
C CYS A 611 -11.53 -8.04 6.10
N ILE A 612 -11.69 -6.80 5.66
CA ILE A 612 -10.70 -5.75 5.93
C ILE A 612 -11.40 -4.41 5.91
N TYR A 613 -10.90 -3.49 6.75
CA TYR A 613 -11.48 -2.16 6.82
C TYR A 613 -11.12 -1.34 5.58
N SER A 614 -11.86 -0.26 5.37
CA SER A 614 -11.61 0.59 4.22
C SER A 614 -10.24 1.26 4.30
N THR A 615 -9.90 1.82 5.46
CA THR A 615 -8.63 2.53 5.60
C THR A 615 -7.46 1.55 5.64
N PHE A 616 -7.66 0.39 6.26
CA PHE A 616 -6.57 -0.58 6.36
C PHE A 616 -6.28 -1.22 5.01
N LEU A 617 -7.26 -1.25 4.11
CA LEU A 617 -7.02 -1.73 2.76
C LEU A 617 -6.10 -0.82 1.97
N GLN A 618 -5.84 0.40 2.44
CA GLN A 618 -4.91 1.28 1.76
C GLN A 618 -3.49 0.73 1.79
N ARG A 619 -3.16 -0.08 2.80
CA ARG A 619 -1.85 -0.72 2.81
C ARG A 619 -1.77 -1.85 1.78
N ALA A 620 -2.90 -2.48 1.47
CA ALA A 620 -2.96 -3.57 0.50
C ALA A 620 -3.50 -3.03 -0.82
N TYR A 621 -2.62 -2.41 -1.58
CA TYR A 621 -2.96 -1.93 -2.92
C TYR A 621 -2.07 -2.52 -4.01
N ASP A 622 -0.76 -2.63 -3.76
CA ASP A 622 0.10 -3.30 -4.73
C ASP A 622 -0.28 -4.76 -4.88
N GLN A 623 -0.87 -5.36 -3.85
CA GLN A 623 -1.30 -6.76 -3.96
C GLN A 623 -2.69 -6.86 -4.59
N ILE A 624 -3.58 -5.90 -4.32
CA ILE A 624 -4.87 -5.89 -4.98
C ILE A 624 -4.69 -5.70 -6.47
N ILE A 625 -3.79 -4.81 -6.88
CA ILE A 625 -3.55 -4.56 -8.29
C ILE A 625 -2.69 -5.66 -8.89
N HIS A 626 -1.50 -5.85 -8.35
CA HIS A 626 -0.49 -6.69 -8.98
C HIS A 626 -0.79 -8.17 -8.82
N ASP A 627 -1.26 -8.60 -7.64
CA ASP A 627 -1.42 -10.01 -7.35
C ASP A 627 -2.83 -10.53 -7.59
N LEU A 628 -3.84 -9.78 -7.17
CA LEU A 628 -5.22 -10.26 -7.24
C LEU A 628 -5.90 -9.93 -8.56
N ASN A 629 -5.92 -8.66 -8.93
CA ASN A 629 -6.64 -8.23 -10.12
C ASN A 629 -5.91 -8.59 -11.41
N LEU A 630 -4.58 -8.54 -11.40
CA LEU A 630 -3.82 -8.80 -12.61
C LEU A 630 -3.94 -10.26 -13.06
N GLN A 631 -4.09 -11.18 -12.11
CA GLN A 631 -4.22 -12.60 -12.42
C GLN A 631 -5.66 -13.08 -12.40
N ASN A 632 -6.62 -12.16 -12.25
CA ASN A 632 -8.05 -12.48 -12.31
C ASN A 632 -8.42 -13.59 -11.32
N ILE A 633 -7.86 -13.52 -10.13
CA ILE A 633 -8.12 -14.54 -9.10
C ILE A 633 -9.47 -14.24 -8.46
N PRO A 634 -10.38 -15.20 -8.41
CA PRO A 634 -11.74 -14.93 -7.89
C PRO A 634 -11.79 -14.86 -6.37
N LEU A 635 -11.18 -13.82 -5.82
CA LEU A 635 -11.17 -13.59 -4.38
C LEU A 635 -12.27 -12.59 -4.03
N LYS A 636 -13.05 -12.91 -3.00
CA LYS A 636 -14.06 -12.01 -2.48
C LYS A 636 -13.48 -11.20 -1.33
N VAL A 637 -13.65 -9.88 -1.39
CA VAL A 637 -13.12 -8.98 -0.37
C VAL A 637 -14.27 -8.22 0.25
N ILE A 638 -14.35 -8.25 1.58
CA ILE A 638 -15.39 -7.55 2.33
C ILE A 638 -14.75 -6.32 2.97
N ILE A 639 -15.26 -5.14 2.61
CA ILE A 639 -14.70 -3.88 3.07
C ILE A 639 -15.62 -3.31 4.13
N GLY A 640 -15.14 -3.24 5.36
CA GLY A 640 -15.87 -2.67 6.45
C GLY A 640 -15.44 -1.24 6.73
N ARG A 641 -16.32 -0.50 7.42
CA ARG A 641 -16.07 0.88 7.82
C ARG A 641 -15.82 1.77 6.59
N SER A 642 -16.81 1.80 5.71
CA SER A 642 -16.75 2.60 4.50
C SER A 642 -17.59 3.87 4.66
N GLY A 643 -17.08 4.96 4.13
CA GLY A 643 -17.76 6.24 4.22
C GLY A 643 -17.21 7.10 5.35
N LEU A 644 -18.09 7.54 6.25
CA LEU A 644 -17.71 8.32 7.42
C LEU A 644 -17.79 7.44 8.65
N VAL A 645 -16.69 7.36 9.39
CA VAL A 645 -16.62 6.47 10.55
C VAL A 645 -17.09 7.16 11.82
N GLY A 646 -16.71 8.42 12.02
CA GLY A 646 -17.12 9.12 13.21
C GLY A 646 -15.98 9.54 14.11
N GLU A 647 -16.02 9.07 15.36
CA GLU A 647 -15.14 9.59 16.40
C GLU A 647 -13.68 9.21 16.19
N ASP A 648 -13.39 8.23 15.33
CA ASP A 648 -12.02 7.80 15.15
C ASP A 648 -11.15 8.88 14.52
N GLY A 649 -11.69 9.63 13.58
CA GLY A 649 -11.02 10.80 13.05
C GLY A 649 -10.66 10.64 11.59
N ALA A 650 -9.83 11.58 11.12
CA ALA A 650 -9.44 11.60 9.71
C ALA A 650 -8.56 10.41 9.35
N THR A 651 -7.82 9.88 10.32
CA THR A 651 -6.98 8.71 10.08
C THR A 651 -7.77 7.45 9.75
N HIS A 652 -9.08 7.45 10.00
CA HIS A 652 -9.92 6.28 9.82
C HIS A 652 -11.03 6.51 8.80
N GLN A 653 -10.89 7.51 7.93
CA GLN A 653 -11.95 7.85 7.00
C GLN A 653 -11.90 6.93 5.78
N GLY A 654 -12.94 6.12 5.62
CA GLY A 654 -13.05 5.25 4.47
C GLY A 654 -13.75 5.91 3.30
N ILE A 655 -13.06 6.82 2.62
CA ILE A 655 -13.64 7.62 1.56
C ILE A 655 -12.82 7.48 0.28
N TYR A 656 -12.17 6.33 0.10
CA TYR A 656 -11.36 6.09 -1.08
C TYR A 656 -11.61 4.73 -1.71
N ASP A 657 -12.68 4.02 -1.32
CA ASP A 657 -12.94 2.70 -1.87
C ASP A 657 -13.25 2.76 -3.36
N LEU A 658 -14.20 3.60 -3.75
CA LEU A 658 -14.57 3.69 -5.17
C LEU A 658 -13.49 4.38 -5.99
N SER A 659 -12.71 5.25 -5.37
CA SER A 659 -11.72 6.02 -6.12
C SER A 659 -10.54 5.16 -6.51
N TYR A 660 -10.23 4.13 -5.73
CA TYR A 660 -9.07 3.28 -5.99
C TYR A 660 -9.45 1.90 -6.48
N LEU A 661 -10.68 1.45 -6.22
CA LEU A 661 -11.17 0.18 -6.73
C LEU A 661 -11.84 0.31 -8.09
N GLY A 662 -12.36 1.49 -8.42
CA GLY A 662 -12.97 1.70 -9.72
C GLY A 662 -11.97 1.67 -10.86
N THR A 663 -10.69 1.86 -10.57
CA THR A 663 -9.63 1.70 -11.57
C THR A 663 -9.19 0.24 -11.62
N LEU A 664 -10.14 -0.62 -11.97
CA LEU A 664 -9.90 -2.06 -11.96
C LEU A 664 -10.78 -2.75 -12.98
N ASN A 665 -10.17 -3.39 -13.95
CA ASN A 665 -10.83 -4.42 -14.72
C ASN A 665 -10.84 -5.71 -13.91
N ASN A 666 -11.68 -6.66 -14.33
CA ASN A 666 -11.81 -7.93 -13.63
C ASN A 666 -12.18 -7.72 -12.16
N ALA A 667 -13.00 -6.71 -11.90
CA ALA A 667 -13.30 -6.34 -10.51
C ALA A 667 -14.74 -5.83 -10.46
N TYR A 668 -15.62 -6.62 -9.85
CA TYR A 668 -16.97 -6.16 -9.57
C TYR A 668 -16.99 -5.46 -8.23
N ILE A 669 -17.66 -4.31 -8.17
CA ILE A 669 -17.75 -3.51 -6.96
C ILE A 669 -19.22 -3.28 -6.64
N ILE A 670 -19.62 -3.60 -5.42
CA ILE A 670 -21.00 -3.44 -4.97
C ILE A 670 -20.97 -2.55 -3.73
N SER A 671 -21.84 -1.54 -3.72
CA SER A 671 -21.90 -0.55 -2.65
C SER A 671 -23.34 -0.47 -2.15
N PRO A 672 -23.78 -1.45 -1.36
CA PRO A 672 -25.18 -1.45 -0.91
C PRO A 672 -25.50 -0.24 -0.05
N SER A 673 -26.76 0.21 -0.15
CA SER A 673 -27.27 1.28 0.68
C SER A 673 -28.10 0.79 1.85
N ASN A 674 -28.72 -0.38 1.74
CA ASN A 674 -29.47 -0.99 2.82
C ASN A 674 -29.15 -2.47 2.84
N GLN A 675 -29.69 -3.16 3.86
CA GLN A 675 -29.33 -4.56 4.08
C GLN A 675 -29.78 -5.49 2.95
N VAL A 676 -30.81 -5.12 2.19
CA VAL A 676 -31.29 -5.98 1.12
C VAL A 676 -30.24 -6.08 0.01
N ASP A 677 -29.70 -4.93 -0.42
CA ASP A 677 -28.65 -4.95 -1.42
C ASP A 677 -27.40 -5.64 -0.90
N LEU A 678 -27.13 -5.52 0.40
CA LEU A 678 -25.99 -6.22 0.99
C LEU A 678 -26.17 -7.73 0.90
N LYS A 679 -27.37 -8.23 1.23
CA LYS A 679 -27.64 -9.66 1.14
C LYS A 679 -27.58 -10.14 -0.31
N ARG A 680 -28.07 -9.33 -1.25
CA ARG A 680 -27.99 -9.72 -2.66
C ARG A 680 -26.54 -9.79 -3.12
N ALA A 681 -25.72 -8.83 -2.70
CA ALA A 681 -24.29 -8.87 -3.03
C ALA A 681 -23.62 -10.10 -2.44
N LEU A 682 -23.97 -10.44 -1.21
CA LEU A 682 -23.40 -11.63 -0.58
C LEU A 682 -23.85 -12.90 -1.30
N ARG A 683 -25.11 -12.97 -1.73
CA ARG A 683 -25.57 -14.12 -2.49
C ARG A 683 -24.84 -14.24 -3.82
N PHE A 684 -24.60 -13.11 -4.49
CA PHE A 684 -23.84 -13.14 -5.73
C PHE A 684 -22.42 -13.63 -5.49
N ALA A 685 -21.75 -13.09 -4.47
CA ALA A 685 -20.38 -13.50 -4.18
C ALA A 685 -20.31 -14.98 -3.77
N TYR A 686 -21.37 -15.49 -3.15
CA TYR A 686 -21.44 -16.92 -2.83
C TYR A 686 -21.58 -17.75 -4.10
N LEU A 687 -22.51 -17.36 -4.98
CA LEU A 687 -22.74 -18.13 -6.20
C LEU A 687 -21.63 -17.92 -7.22
N ASP A 688 -21.08 -16.71 -7.28
CA ASP A 688 -20.08 -16.40 -8.29
C ASP A 688 -18.81 -17.20 -8.04
N LYS A 689 -18.17 -17.63 -9.13
CA LYS A 689 -16.94 -18.40 -9.04
C LYS A 689 -15.87 -17.90 -10.00
N ASP A 690 -16.12 -16.79 -10.71
CA ASP A 690 -15.19 -16.33 -11.74
C ASP A 690 -14.90 -14.84 -11.65
N HIS A 691 -15.35 -14.16 -10.60
CA HIS A 691 -15.16 -12.71 -10.50
C HIS A 691 -14.60 -12.35 -9.14
N SER A 692 -13.73 -11.34 -9.11
CA SER A 692 -13.28 -10.74 -7.87
C SER A 692 -14.29 -9.67 -7.47
N VAL A 693 -15.03 -9.93 -6.39
CA VAL A 693 -16.15 -9.11 -5.96
C VAL A 693 -15.77 -8.40 -4.67
N TYR A 694 -15.92 -7.08 -4.66
CA TYR A 694 -15.74 -6.25 -3.48
C TYR A 694 -17.11 -5.77 -3.04
N ILE A 695 -17.38 -5.84 -1.73
CA ILE A 695 -18.64 -5.39 -1.17
C ILE A 695 -18.32 -4.36 -0.09
N ARG A 696 -18.88 -3.15 -0.24
CA ARG A 696 -18.62 -2.05 0.68
C ARG A 696 -19.69 -2.03 1.76
N ILE A 697 -19.36 -2.56 2.93
CA ILE A 697 -20.23 -2.48 4.09
C ILE A 697 -19.96 -1.17 4.81
N PRO A 698 -20.96 -0.35 5.08
CA PRO A 698 -20.73 0.91 5.77
C PRO A 698 -20.66 0.73 7.29
N ARG A 699 -20.00 1.69 7.94
CA ARG A 699 -19.97 1.74 9.40
C ARG A 699 -21.24 2.46 9.88
N MET A 700 -22.36 1.75 9.74
CA MET A 700 -23.66 2.36 9.96
C MET A 700 -24.65 1.28 10.35
N ASN A 701 -25.67 1.68 11.11
CA ASN A 701 -26.73 0.75 11.45
C ASN A 701 -27.64 0.54 10.24
N ILE A 702 -28.32 -0.61 10.23
CA ILE A 702 -29.23 -0.91 9.14
C ILE A 702 -30.45 0.01 9.23
N LEU A 703 -30.99 0.35 8.06
CA LEU A 703 -32.12 1.25 8.00
C LEU A 703 -33.39 0.58 8.54
N SER A 704 -34.27 1.39 9.09
CA SER A 704 -35.52 0.86 9.64
C SER A 704 -36.41 0.36 8.51
N ASP A 705 -37.16 -0.70 8.81
CA ASP A 705 -38.11 -1.23 7.83
C ASP A 705 -39.22 -0.22 7.55
N LYS A 706 -39.53 0.63 8.51
CA LYS A 706 -40.50 1.70 8.27
C LYS A 706 -39.98 2.69 7.23
N TYR A 707 -38.67 2.89 7.17
CA TYR A 707 -38.10 3.80 6.18
C TYR A 707 -38.24 3.24 4.77
N MET A 708 -38.01 1.94 4.59
CA MET A 708 -38.06 1.35 3.26
C MET A 708 -39.47 1.37 2.70
N LYS A 709 -40.47 1.05 3.51
CA LYS A 709 -41.85 1.03 3.07
C LYS A 709 -42.45 2.43 3.07
N MET A 741 -36.03 -16.63 -6.14
CA MET A 741 -35.61 -16.85 -7.52
C MET A 741 -34.51 -17.88 -7.60
N ASP A 742 -34.40 -18.53 -8.77
CA ASP A 742 -33.37 -19.53 -8.99
C ASP A 742 -32.02 -18.84 -9.21
N ASP A 743 -30.98 -19.66 -9.40
CA ASP A 743 -29.64 -19.11 -9.52
C ASP A 743 -29.47 -18.29 -10.80
N ASP A 744 -29.86 -18.86 -11.94
CA ASP A 744 -29.66 -18.18 -13.21
C ASP A 744 -30.47 -16.89 -13.29
N ASN A 745 -31.74 -16.96 -12.88
CA ASN A 745 -32.60 -15.78 -12.92
C ASN A 745 -32.07 -14.69 -12.00
N PHE A 746 -31.66 -15.05 -10.78
CA PHE A 746 -31.13 -14.05 -9.87
C PHE A 746 -29.85 -13.43 -10.40
N ILE A 747 -28.93 -14.24 -10.94
CA ILE A 747 -27.68 -13.70 -11.44
C ILE A 747 -27.93 -12.77 -12.62
N LYS A 748 -28.86 -13.13 -13.50
CA LYS A 748 -29.21 -12.24 -14.60
C LYS A 748 -29.85 -10.95 -14.09
N SER A 749 -30.70 -11.04 -13.07
CA SER A 749 -31.44 -9.89 -12.58
C SER A 749 -30.65 -9.03 -11.61
N PHE A 750 -29.44 -9.42 -11.22
CA PHE A 750 -28.68 -8.65 -10.25
C PHE A 750 -27.56 -7.82 -10.89
N ILE A 751 -26.68 -8.44 -11.67
CA ILE A 751 -25.45 -7.78 -12.09
C ILE A 751 -25.76 -6.58 -12.97
N GLY A 752 -25.23 -5.43 -12.61
CA GLY A 752 -25.40 -4.22 -13.40
C GLY A 752 -26.84 -3.78 -13.55
N LYS A 753 -27.66 -3.99 -12.52
CA LYS A 753 -29.10 -3.69 -12.57
C LYS A 753 -29.41 -2.74 -11.41
N SER A 754 -29.37 -1.44 -11.69
CA SER A 754 -29.65 -0.45 -10.67
C SER A 754 -31.13 -0.44 -10.30
N ARG A 755 -31.42 0.07 -9.12
CA ARG A 755 -32.77 0.15 -8.60
C ARG A 755 -33.31 1.58 -8.72
N ILE A 756 -34.61 1.68 -9.01
CA ILE A 756 -35.30 2.96 -9.12
C ILE A 756 -35.93 3.28 -7.77
N ILE A 757 -35.59 4.45 -7.23
CA ILE A 757 -36.15 4.90 -5.96
C ILE A 757 -37.44 5.68 -6.17
N LYS A 758 -37.39 6.70 -7.02
CA LYS A 758 -38.54 7.54 -7.29
C LYS A 758 -38.51 7.98 -8.74
N MET A 759 -39.65 7.90 -9.42
CA MET A 759 -39.72 8.32 -10.81
C MET A 759 -41.11 8.82 -11.16
N THR A 778 -46.45 26.02 -17.76
CA THR A 778 -45.24 25.61 -18.45
C THR A 778 -44.82 24.21 -18.05
N LYS A 779 -44.16 23.51 -18.97
CA LYS A 779 -43.71 22.15 -18.69
C LYS A 779 -42.63 22.15 -17.62
N LYS A 780 -42.73 21.20 -16.69
CA LYS A 780 -41.74 21.09 -15.63
C LYS A 780 -40.39 20.65 -16.18
N LYS A 781 -39.32 21.19 -15.61
CA LYS A 781 -38.00 20.64 -15.83
C LYS A 781 -37.78 19.46 -14.91
N LYS A 782 -37.24 18.37 -15.44
CA LYS A 782 -37.09 17.13 -14.69
C LYS A 782 -35.64 16.93 -14.29
N VAL A 783 -35.41 16.68 -13.00
CA VAL A 783 -34.08 16.53 -12.43
C VAL A 783 -33.97 15.15 -11.80
N CYS A 784 -32.90 14.43 -12.16
CA CYS A 784 -32.67 13.09 -11.66
C CYS A 784 -31.36 13.06 -10.87
N ILE A 785 -31.38 12.36 -9.75
CA ILE A 785 -30.21 12.18 -8.91
C ILE A 785 -29.80 10.71 -8.93
N PHE A 786 -28.56 10.47 -9.30
CA PHE A 786 -27.97 9.14 -9.30
C PHE A 786 -27.21 8.96 -7.99
N ASN A 787 -27.72 8.08 -7.12
CA ASN A 787 -27.15 7.85 -5.81
C ASN A 787 -26.30 6.60 -5.83
N MET A 788 -25.03 6.73 -5.45
CA MET A 788 -24.15 5.59 -5.23
C MET A 788 -23.62 5.65 -3.80
N GLY A 789 -23.81 4.56 -3.05
CA GLY A 789 -23.24 4.42 -1.73
C GLY A 789 -24.29 4.11 -0.68
N SER A 790 -24.10 4.67 0.50
CA SER A 790 -24.91 4.36 1.68
C SER A 790 -25.58 5.58 2.29
N MET A 791 -25.53 6.73 1.63
CA MET A 791 -26.13 7.97 2.15
C MET A 791 -27.45 8.29 1.46
N LEU A 792 -28.18 7.27 1.03
CA LEU A 792 -29.42 7.48 0.27
C LEU A 792 -30.50 8.14 1.11
N PHE A 793 -30.49 7.92 2.43
CA PHE A 793 -31.52 8.50 3.29
C PHE A 793 -31.48 10.02 3.25
N ASN A 794 -30.29 10.61 3.16
CA ASN A 794 -30.19 12.05 3.04
C ASN A 794 -30.88 12.55 1.79
N VAL A 795 -30.66 11.87 0.65
CA VAL A 795 -31.31 12.28 -0.60
C VAL A 795 -32.81 12.11 -0.51
N ILE A 796 -33.27 11.02 0.09
CA ILE A 796 -34.72 10.80 0.22
C ILE A 796 -35.35 11.93 1.03
N ASN A 797 -34.75 12.27 2.17
CA ASN A 797 -35.33 13.31 3.01
C ASN A 797 -35.22 14.69 2.35
N ALA A 798 -34.11 14.94 1.65
CA ALA A 798 -33.98 16.21 0.92
C ALA A 798 -35.07 16.36 -0.13
N ILE A 799 -35.36 15.27 -0.85
CA ILE A 799 -36.41 15.33 -1.86
C ILE A 799 -37.77 15.52 -1.20
N LYS A 800 -38.00 14.83 -0.08
CA LYS A 800 -39.27 15.02 0.61
C LYS A 800 -39.45 16.45 1.12
N GLU A 801 -38.35 17.12 1.45
CA GLU A 801 -38.44 18.48 1.98
C GLU A 801 -38.51 19.54 0.89
N ILE A 802 -37.80 19.34 -0.22
CA ILE A 802 -37.65 20.38 -1.23
C ILE A 802 -38.98 20.67 -1.92
N GLU A 803 -39.83 19.67 -2.11
CA GLU A 803 -41.10 19.87 -2.81
C GLU A 803 -42.12 20.64 -2.00
N LYS A 804 -41.85 20.89 -0.71
CA LYS A 804 -42.79 21.64 0.11
C LYS A 804 -42.96 23.07 -0.41
N GLU A 805 -41.87 23.68 -0.85
CA GLU A 805 -41.95 25.02 -1.42
C GLU A 805 -42.72 25.01 -2.74
N GLN A 806 -43.51 26.06 -2.96
CA GLN A 806 -44.34 26.12 -4.15
C GLN A 806 -43.52 26.32 -5.42
N TYR A 807 -42.42 27.09 -5.34
CA TYR A 807 -41.66 27.44 -6.54
C TYR A 807 -41.09 26.19 -7.21
N ILE A 808 -40.37 25.37 -6.45
CA ILE A 808 -39.76 24.17 -7.02
C ILE A 808 -40.83 23.14 -7.37
N SER A 809 -41.85 23.01 -6.53
CA SER A 809 -42.92 22.06 -6.81
C SER A 809 -43.78 22.46 -7.99
N HIS A 810 -43.65 23.69 -8.48
CA HIS A 810 -44.33 24.12 -9.68
C HIS A 810 -43.43 24.10 -10.91
N ASN A 811 -42.15 24.45 -10.76
CA ASN A 811 -41.24 24.57 -11.89
C ASN A 811 -40.34 23.36 -12.08
N TYR A 812 -40.47 22.33 -11.25
CA TYR A 812 -39.57 21.19 -11.35
C TYR A 812 -40.28 19.92 -10.93
N SER A 813 -39.77 18.79 -11.44
CA SER A 813 -40.10 17.46 -10.95
C SER A 813 -38.81 16.69 -10.74
N PHE A 814 -38.82 15.76 -9.78
CA PHE A 814 -37.59 15.09 -9.36
C PHE A 814 -37.74 13.57 -9.46
N SER A 815 -36.60 12.91 -9.66
CA SER A 815 -36.52 11.47 -9.68
C SER A 815 -35.18 11.03 -9.09
N ILE A 816 -35.20 9.93 -8.35
CA ILE A 816 -34.01 9.39 -7.70
C ILE A 816 -33.80 7.97 -8.18
N VAL A 817 -32.59 7.68 -8.65
CA VAL A 817 -32.20 6.34 -9.09
C VAL A 817 -31.01 5.90 -8.25
N ASP A 818 -31.14 4.73 -7.62
CA ASP A 818 -30.10 4.18 -6.75
C ASP A 818 -29.19 3.26 -7.57
N MET A 819 -27.92 3.63 -7.67
CA MET A 819 -26.93 2.81 -8.34
C MET A 819 -26.19 1.96 -7.32
N ILE A 820 -26.11 0.65 -7.57
CA ILE A 820 -25.46 -0.29 -6.67
C ILE A 820 -24.16 -0.82 -7.22
N PHE A 821 -23.78 -0.44 -8.44
CA PHE A 821 -22.64 -1.04 -9.12
C PHE A 821 -21.79 0.05 -9.76
N LEU A 822 -20.47 -0.06 -9.57
CA LEU A 822 -19.53 0.77 -10.29
C LEU A 822 -18.91 0.04 -11.48
N ASN A 823 -18.93 -1.29 -11.46
CA ASN A 823 -18.43 -2.11 -12.56
C ASN A 823 -19.12 -3.46 -12.51
N PRO A 824 -19.99 -3.80 -13.48
CA PRO A 824 -20.43 -3.00 -14.63
C PRO A 824 -21.53 -2.00 -14.27
N LEU A 825 -21.71 -0.97 -15.08
CA LEU A 825 -22.65 0.10 -14.79
C LEU A 825 -23.97 -0.12 -15.53
N ASP A 826 -25.06 0.35 -14.90
CA ASP A 826 -26.41 0.18 -15.47
C ASP A 826 -26.72 1.38 -16.35
N LYS A 827 -26.14 1.36 -17.55
CA LYS A 827 -26.44 2.40 -18.54
C LYS A 827 -27.86 2.29 -19.07
N ASN A 828 -28.52 1.16 -18.87
CA ASN A 828 -29.92 1.04 -19.25
C ASN A 828 -30.79 2.01 -18.46
N MET A 829 -30.59 2.05 -17.14
CA MET A 829 -31.35 2.99 -16.31
C MET A 829 -30.98 4.43 -16.64
N ILE A 830 -29.69 4.69 -16.85
CA ILE A 830 -29.25 6.04 -17.19
C ILE A 830 -29.93 6.53 -18.46
N ASP A 831 -29.92 5.70 -19.51
CA ASP A 831 -30.52 6.10 -20.76
C ASP A 831 -32.04 6.05 -20.74
N HIS A 832 -32.63 5.25 -19.85
CA HIS A 832 -34.07 5.32 -19.64
C HIS A 832 -34.47 6.67 -19.09
N VAL A 833 -33.75 7.15 -18.08
CA VAL A 833 -34.06 8.47 -17.53
C VAL A 833 -33.70 9.57 -18.53
N ILE A 834 -32.64 9.38 -19.32
CA ILE A 834 -32.13 10.45 -20.18
C ILE A 834 -32.82 10.53 -21.54
N LYS A 835 -33.54 9.49 -21.96
CA LYS A 835 -34.12 9.46 -23.30
C LYS A 835 -35.56 9.01 -23.37
N GLN A 836 -36.09 8.34 -22.35
CA GLN A 836 -37.49 7.91 -22.34
C GLN A 836 -38.38 8.87 -21.56
N ASN A 837 -38.06 9.08 -20.28
CA ASN A 837 -38.81 10.06 -19.48
C ASN A 837 -38.40 11.49 -19.75
N LYS A 838 -37.28 11.70 -20.44
CA LYS A 838 -36.80 13.03 -20.83
C LYS A 838 -36.58 13.92 -19.62
N HIS A 839 -35.64 13.50 -18.76
CA HIS A 839 -35.20 14.36 -17.66
C HIS A 839 -34.23 15.42 -18.17
N GLN A 840 -34.12 16.50 -17.40
CA GLN A 840 -33.35 17.66 -17.82
C GLN A 840 -32.01 17.79 -17.08
N TYR A 841 -32.03 17.80 -15.76
CA TYR A 841 -30.84 17.98 -14.95
C TYR A 841 -30.42 16.65 -14.35
N LEU A 842 -29.12 16.50 -14.12
CA LEU A 842 -28.56 15.27 -13.59
C LEU A 842 -27.58 15.60 -12.47
N ILE A 843 -27.86 15.11 -11.26
CA ILE A 843 -27.00 15.34 -10.11
C ILE A 843 -26.61 13.99 -9.52
N THR A 844 -25.32 13.78 -9.34
CA THR A 844 -24.80 12.58 -8.70
C THR A 844 -24.64 12.81 -7.20
N TYR A 845 -24.72 11.73 -6.44
CA TYR A 845 -24.63 11.78 -4.97
C TYR A 845 -23.91 10.54 -4.48
N GLU A 846 -22.70 10.71 -3.94
CA GLU A 846 -21.94 9.55 -3.49
C GLU A 846 -21.29 9.79 -2.13
N ASP A 847 -21.11 8.70 -1.39
CA ASP A 847 -20.43 8.69 -0.08
C ASP A 847 -18.94 8.38 -0.24
N ASN A 848 -18.28 9.13 -1.10
CA ASN A 848 -16.89 8.90 -1.46
C ASN A 848 -16.33 10.23 -1.93
N THR A 849 -15.01 10.29 -2.05
CA THR A 849 -14.36 11.53 -2.47
C THR A 849 -14.35 11.62 -3.99
N ILE A 850 -13.55 12.56 -4.51
CA ILE A 850 -13.50 12.77 -5.96
C ILE A 850 -12.92 11.53 -6.64
N GLY A 851 -13.25 11.39 -7.93
CA GLY A 851 -12.76 10.27 -8.71
C GLY A 851 -13.55 9.00 -8.57
N GLY A 852 -14.73 9.05 -7.94
CA GLY A 852 -15.55 7.87 -7.76
C GLY A 852 -16.64 7.72 -8.79
N PHE A 853 -17.90 7.80 -8.35
CA PHE A 853 -19.02 7.63 -9.26
C PHE A 853 -19.16 8.82 -10.21
N SER A 854 -18.85 10.02 -9.72
CA SER A 854 -18.94 11.20 -10.58
C SER A 854 -18.08 11.03 -11.82
N THR A 855 -16.88 10.48 -11.65
CA THR A 855 -16.00 10.23 -12.80
C THR A 855 -16.66 9.33 -13.83
N HIS A 856 -17.22 8.20 -13.40
CA HIS A 856 -17.79 7.25 -14.34
C HIS A 856 -19.04 7.81 -15.00
N PHE A 857 -19.90 8.48 -14.24
CA PHE A 857 -21.12 9.05 -14.82
C PHE A 857 -20.78 10.13 -15.84
N ASN A 858 -19.90 11.06 -15.46
CA ASN A 858 -19.50 12.11 -16.39
C ASN A 858 -18.83 11.53 -17.63
N ASN A 859 -17.96 10.53 -17.46
CA ASN A 859 -17.23 9.99 -18.60
C ASN A 859 -18.14 9.20 -19.52
N TYR A 860 -19.14 8.49 -18.97
CA TYR A 860 -20.12 7.84 -19.84
C TYR A 860 -20.92 8.87 -20.62
N LEU A 861 -21.34 9.95 -19.97
CA LEU A 861 -22.08 10.98 -20.69
C LEU A 861 -21.20 11.62 -21.76
N ILE A 862 -19.91 11.80 -21.47
CA ILE A 862 -18.99 12.38 -22.44
C ILE A 862 -18.78 11.45 -23.62
N GLU A 863 -18.74 10.14 -23.37
CA GLU A 863 -18.58 9.17 -24.45
C GLU A 863 -19.70 9.30 -25.48
N ASN A 864 -20.94 9.38 -25.01
CA ASN A 864 -22.11 9.46 -25.87
C ASN A 864 -22.51 10.90 -26.18
N ASN A 865 -21.84 11.88 -25.61
CA ASN A 865 -22.10 13.31 -25.89
C ASN A 865 -23.57 13.64 -25.65
N TYR A 866 -24.13 13.12 -24.55
CA TYR A 866 -25.53 13.36 -24.25
C TYR A 866 -25.78 14.81 -23.82
N ILE A 867 -24.80 15.44 -23.17
CA ILE A 867 -25.01 16.78 -22.62
C ILE A 867 -25.20 17.79 -23.75
N THR A 868 -24.38 17.70 -24.80
CA THR A 868 -24.48 18.64 -25.91
C THR A 868 -25.81 18.48 -26.65
N LYS A 869 -26.15 17.25 -27.00
CA LYS A 869 -27.29 17.01 -27.88
C LYS A 869 -28.62 17.15 -27.15
N HIS A 870 -28.66 16.91 -25.83
CA HIS A 870 -29.92 16.79 -25.12
C HIS A 870 -30.13 17.83 -24.02
N ASN A 871 -29.34 18.91 -24.01
CA ASN A 871 -29.57 20.06 -23.14
C ASN A 871 -29.62 19.66 -21.67
N LEU A 872 -28.46 19.22 -21.18
CA LEU A 872 -28.32 18.70 -19.83
C LEU A 872 -27.49 19.64 -18.96
N TYR A 873 -27.95 19.86 -17.74
CA TYR A 873 -27.18 20.51 -16.69
C TYR A 873 -26.79 19.47 -15.65
N VAL A 874 -25.51 19.38 -15.32
CA VAL A 874 -24.98 18.32 -14.48
C VAL A 874 -24.37 18.93 -13.22
N HIS A 875 -24.57 18.24 -12.09
CA HIS A 875 -23.99 18.64 -10.81
C HIS A 875 -23.60 17.39 -10.03
N ASN A 876 -22.65 17.54 -9.11
CA ASN A 876 -22.11 16.42 -8.35
C ASN A 876 -22.04 16.77 -6.87
N ILE A 877 -22.36 15.78 -6.03
CA ILE A 877 -22.38 15.96 -4.58
C ILE A 877 -21.65 14.76 -3.97
N TYR A 878 -20.47 15.03 -3.40
CA TYR A 878 -19.67 13.99 -2.78
C TYR A 878 -18.90 14.58 -1.60
N LEU A 879 -18.33 13.69 -0.81
CA LEU A 879 -17.61 14.12 0.40
C LEU A 879 -16.40 14.95 0.02
N SER A 880 -16.20 16.03 0.77
CA SER A 880 -15.13 16.98 0.47
C SER A 880 -13.76 16.33 0.66
N ASN A 881 -12.79 16.82 -0.10
CA ASN A 881 -11.42 16.36 0.00
C ASN A 881 -10.63 17.17 1.03
N GLU A 882 -11.17 17.25 2.24
CA GLU A 882 -10.51 17.88 3.37
C GLU A 882 -10.62 16.95 4.57
N PRO A 883 -9.61 16.96 5.45
CA PRO A 883 -9.63 16.03 6.59
C PRO A 883 -10.89 16.15 7.43
N ILE A 884 -11.70 15.09 7.43
CA ILE A 884 -12.93 15.07 8.22
C ILE A 884 -12.53 14.70 9.64
N GLU A 885 -12.49 15.69 10.53
CA GLU A 885 -11.95 15.51 11.85
C GLU A 885 -12.88 14.62 12.69
N HIS A 886 -12.44 14.34 13.91
CA HIS A 886 -13.21 13.49 14.80
C HIS A 886 -14.48 14.21 15.24
N ALA A 887 -15.62 13.54 15.05
CA ALA A 887 -16.92 14.07 15.44
C ALA A 887 -17.91 12.91 15.35
N SER A 888 -19.15 13.17 15.74
CA SER A 888 -20.18 12.16 15.60
C SER A 888 -20.55 12.01 14.11
N PHE A 889 -21.24 10.91 13.82
CA PHE A 889 -21.63 10.65 12.43
C PHE A 889 -22.57 11.73 11.90
N LYS A 890 -23.55 12.13 12.72
CA LYS A 890 -24.43 13.22 12.33
C LYS A 890 -23.66 14.51 12.14
N ASP A 891 -22.75 14.81 13.07
CA ASP A 891 -21.92 16.00 12.92
C ASP A 891 -21.00 15.88 11.72
N GLN A 892 -20.49 14.69 11.44
CA GLN A 892 -19.63 14.52 10.27
C GLN A 892 -20.40 14.76 8.98
N GLN A 893 -21.67 14.31 8.93
CA GLN A 893 -22.51 14.64 7.78
C GLN A 893 -22.72 16.13 7.68
N GLU A 894 -22.93 16.81 8.81
CA GLU A 894 -23.15 18.24 8.78
C GLU A 894 -21.93 19.01 8.29
N VAL A 895 -20.73 18.54 8.65
CA VAL A 895 -19.51 19.29 8.34
C VAL A 895 -19.26 19.32 6.83
N VAL A 896 -19.40 18.18 6.16
CA VAL A 896 -19.20 18.13 4.72
C VAL A 896 -20.38 18.68 3.93
N LYS A 897 -21.41 19.20 4.62
CA LYS A 897 -22.59 19.77 3.98
C LYS A 897 -23.28 18.74 3.07
N MET A 898 -23.29 17.49 3.51
CA MET A 898 -23.94 16.41 2.79
C MET A 898 -25.21 15.94 3.49
N ASP A 899 -25.68 16.67 4.50
CA ASP A 899 -26.86 16.27 5.25
C ASP A 899 -28.12 16.71 4.51
N LYS A 900 -29.27 16.53 5.15
CA LYS A 900 -30.56 16.83 4.52
C LYS A 900 -30.70 18.32 4.22
N CYS A 901 -30.50 19.17 5.23
CA CYS A 901 -30.71 20.61 5.04
C CYS A 901 -29.70 21.18 4.05
N SER A 902 -28.44 20.77 4.16
CA SER A 902 -27.46 21.21 3.17
C SER A 902 -27.82 20.71 1.78
N LEU A 903 -28.38 19.49 1.68
CA LEU A 903 -28.80 18.99 0.38
C LEU A 903 -29.90 19.84 -0.23
N VAL A 904 -30.92 20.20 0.57
CA VAL A 904 -32.00 21.01 0.01
C VAL A 904 -31.47 22.38 -0.39
N ASN A 905 -30.57 22.95 0.42
CA ASN A 905 -29.99 24.24 0.07
C ASN A 905 -29.19 24.17 -1.22
N ARG A 906 -28.36 23.14 -1.37
CA ARG A 906 -27.51 23.03 -2.55
C ARG A 906 -28.34 22.77 -3.81
N ILE A 907 -29.34 21.90 -3.72
CA ILE A 907 -30.18 21.64 -4.88
C ILE A 907 -30.97 22.88 -5.27
N LYS A 908 -31.49 23.61 -4.29
CA LYS A 908 -32.20 24.85 -4.60
C LYS A 908 -31.29 25.84 -5.30
N ASN A 909 -30.07 26.00 -4.78
CA ASN A 909 -29.14 26.94 -5.38
C ASN A 909 -28.80 26.55 -6.82
N TYR A 910 -28.55 25.25 -7.05
CA TYR A 910 -28.19 24.82 -8.40
C TYR A 910 -29.35 24.98 -9.36
N LEU A 911 -30.57 24.66 -8.93
CA LEU A 911 -31.73 24.84 -9.79
C LEU A 911 -31.94 26.31 -10.13
N LYS A 912 -31.80 27.19 -9.13
CA LYS A 912 -32.11 28.60 -9.31
C LYS A 912 -30.96 29.41 -9.87
N ASN A 913 -29.80 28.79 -10.10
CA ASN A 913 -28.68 29.48 -10.71
C ASN A 913 -28.56 29.23 -12.21
N ASN A 914 -28.96 28.05 -12.68
CA ASN A 914 -28.90 27.69 -14.10
C ASN A 914 -30.29 27.27 -14.54
N PRO A 915 -31.15 28.23 -14.92
CA PRO A 915 -32.50 27.94 -15.39
C PRO A 915 -32.53 27.51 -16.86
N ASP B 23 28.87 -19.37 -38.89
CA ASP B 23 29.16 -20.35 -37.85
C ASP B 23 28.91 -19.74 -36.46
N ILE B 24 28.23 -20.51 -35.60
CA ILE B 24 27.92 -20.04 -34.26
C ILE B 24 28.86 -20.63 -33.21
N GLY B 25 29.73 -21.56 -33.58
CA GLY B 25 30.58 -22.22 -32.60
C GLY B 25 31.53 -21.27 -31.89
N LYS B 26 31.96 -20.20 -32.58
CA LYS B 26 32.84 -19.23 -31.94
C LYS B 26 32.17 -18.59 -30.74
N TYR B 27 30.86 -18.33 -30.83
CA TYR B 27 30.13 -17.76 -29.70
C TYR B 27 30.14 -18.70 -28.51
N PHE B 28 29.93 -20.01 -28.76
CA PHE B 28 29.94 -20.97 -27.66
C PHE B 28 31.33 -21.10 -27.05
N LYS B 29 32.37 -21.07 -27.88
CA LYS B 29 33.73 -21.10 -27.34
C LYS B 29 34.01 -19.88 -26.47
N GLN B 30 33.60 -18.69 -26.93
CA GLN B 30 33.81 -17.49 -26.14
C GLN B 30 33.02 -17.54 -24.83
N ILE B 31 31.80 -18.06 -24.88
CA ILE B 31 31.00 -18.23 -23.67
C ILE B 31 31.71 -19.15 -22.69
N ASN B 32 32.26 -20.26 -23.20
CA ASN B 32 32.96 -21.19 -22.33
C ASN B 32 34.21 -20.56 -21.73
N THR B 33 34.92 -19.74 -22.51
CA THR B 33 36.08 -19.03 -21.97
C THR B 33 35.66 -18.07 -20.87
N PHE B 34 34.50 -17.43 -21.01
CA PHE B 34 34.01 -16.53 -19.98
C PHE B 34 33.65 -17.26 -18.68
N ILE B 35 33.54 -18.57 -18.70
CA ILE B 35 33.19 -19.36 -17.52
C ILE B 35 34.45 -20.01 -16.99
N ASN B 36 34.67 -19.89 -15.68
CA ASN B 36 35.87 -20.43 -15.04
C ASN B 36 35.75 -21.94 -14.96
N ILE B 37 36.46 -22.64 -15.84
CA ILE B 37 36.40 -24.10 -15.90
C ILE B 37 37.40 -24.76 -14.97
N ASP B 38 38.44 -24.04 -14.53
CA ASP B 38 39.44 -24.63 -13.64
C ASP B 38 38.82 -25.05 -12.31
N GLU B 39 37.95 -24.20 -11.74
CA GLU B 39 37.35 -24.49 -10.45
C GLU B 39 36.37 -25.64 -10.49
N TYR B 40 35.99 -26.11 -11.68
CA TYR B 40 35.12 -27.28 -11.77
C TYR B 40 35.78 -28.49 -11.12
N LYS B 41 37.08 -28.68 -11.36
CA LYS B 41 37.79 -29.80 -10.75
C LYS B 41 37.72 -29.74 -9.24
N THR B 42 38.09 -28.59 -8.66
CA THR B 42 38.09 -28.46 -7.21
C THR B 42 36.70 -28.62 -6.61
N ILE B 43 35.67 -28.07 -7.27
CA ILE B 43 34.33 -28.15 -6.70
C ILE B 43 33.79 -29.57 -6.78
N TYR B 44 33.97 -30.26 -7.90
CA TYR B 44 33.30 -31.55 -8.11
C TYR B 44 34.22 -32.76 -8.01
N GLY B 45 35.32 -32.80 -8.75
CA GLY B 45 36.09 -34.02 -8.87
C GLY B 45 36.78 -34.18 -10.21
N ASP B 46 37.80 -35.04 -10.27
CA ASP B 46 38.56 -35.23 -11.50
C ASP B 46 37.69 -35.83 -12.60
N GLU B 47 36.85 -36.81 -12.26
CA GLU B 47 35.99 -37.42 -13.28
C GLU B 47 35.01 -36.42 -13.86
N ILE B 48 34.40 -35.60 -13.00
CA ILE B 48 33.46 -34.58 -13.49
C ILE B 48 34.18 -33.57 -14.34
N TYR B 49 35.37 -33.13 -13.92
CA TYR B 49 36.13 -32.18 -14.73
C TYR B 49 36.46 -32.77 -16.09
N LYS B 50 36.86 -34.04 -16.12
CA LYS B 50 37.20 -34.67 -17.39
C LYS B 50 35.98 -34.77 -18.30
N GLU B 51 34.83 -35.15 -17.74
CA GLU B 51 33.61 -35.25 -18.53
C GLU B 51 33.23 -33.88 -19.10
N ILE B 52 33.29 -32.84 -18.27
CA ILE B 52 32.94 -31.50 -18.74
C ILE B 52 33.92 -31.03 -19.81
N TYR B 53 35.21 -31.26 -19.62
CA TYR B 53 36.20 -30.84 -20.60
C TYR B 53 36.05 -31.60 -21.92
N GLU B 54 35.68 -32.89 -21.86
CA GLU B 54 35.51 -33.66 -23.08
C GLU B 54 34.26 -33.24 -23.84
N LEU B 55 33.14 -33.06 -23.12
CA LEU B 55 31.90 -32.73 -23.81
C LEU B 55 31.88 -31.29 -24.31
N TYR B 56 32.33 -30.34 -23.48
CA TYR B 56 32.09 -28.93 -23.72
C TYR B 56 33.32 -28.14 -24.14
N VAL B 57 34.52 -28.65 -23.92
CA VAL B 57 35.75 -27.99 -24.33
C VAL B 57 36.40 -28.72 -25.52
N GLU B 58 36.70 -30.02 -25.34
CA GLU B 58 37.27 -30.80 -26.43
C GLU B 58 36.26 -31.10 -27.54
N ARG B 59 34.97 -30.90 -27.27
CA ARG B 59 33.91 -31.19 -28.25
C ARG B 59 33.99 -32.62 -28.75
N ASN B 60 34.22 -33.55 -27.83
CA ASN B 60 34.26 -34.98 -28.12
C ASN B 60 32.94 -35.59 -27.64
N ILE B 61 32.06 -35.90 -28.58
CA ILE B 61 30.73 -36.44 -28.28
C ILE B 61 30.73 -37.92 -28.61
N PRO B 62 30.30 -38.79 -27.70
CA PRO B 62 30.24 -40.22 -28.02
C PRO B 62 29.21 -40.53 -29.09
N GLU B 63 29.43 -41.63 -29.80
CA GLU B 63 28.49 -42.07 -30.82
C GLU B 63 27.15 -42.48 -30.21
N TYR B 64 27.18 -43.13 -29.05
CA TYR B 64 26.00 -43.60 -28.36
C TYR B 64 25.87 -42.97 -26.98
N TYR B 65 26.07 -41.66 -26.90
CA TYR B 65 26.10 -40.98 -25.60
C TYR B 65 24.77 -41.07 -24.87
N GLU B 66 23.67 -41.31 -25.58
CA GLU B 66 22.38 -41.47 -24.92
C GLU B 66 22.39 -42.67 -23.98
N ARG B 67 23.01 -43.76 -24.41
CA ARG B 67 23.15 -44.93 -23.55
C ARG B 67 24.04 -44.63 -22.35
N LYS B 68 25.12 -43.89 -22.57
CA LYS B 68 26.09 -43.62 -21.50
C LYS B 68 25.50 -42.70 -20.43
N TYR B 69 24.77 -41.67 -20.84
CA TYR B 69 24.34 -40.62 -19.94
C TYR B 69 22.91 -40.77 -19.44
N PHE B 70 22.09 -41.58 -20.10
CA PHE B 70 20.68 -41.73 -19.74
C PHE B 70 20.38 -43.19 -19.42
N SER B 71 19.62 -43.40 -18.35
CA SER B 71 19.29 -44.75 -17.91
C SER B 71 18.13 -45.36 -18.67
N GLU B 72 17.36 -44.57 -19.40
CA GLU B 72 16.26 -45.07 -20.23
C GLU B 72 16.20 -44.27 -21.51
N ASP B 73 15.58 -44.87 -22.53
CA ASP B 73 15.42 -44.19 -23.81
C ASP B 73 14.46 -43.01 -23.68
N ILE B 74 14.66 -42.02 -24.53
CA ILE B 74 13.89 -40.77 -24.48
C ILE B 74 13.14 -40.61 -25.79
N LYS B 75 11.86 -40.27 -25.69
CA LYS B 75 11.04 -39.96 -26.87
C LYS B 75 11.41 -38.56 -27.35
N LYS B 76 11.98 -38.47 -28.54
CA LYS B 76 12.48 -37.20 -29.06
C LYS B 76 11.33 -36.31 -29.51
N SER B 77 11.65 -35.03 -29.72
CA SER B 77 10.67 -34.03 -30.11
C SER B 77 10.51 -34.04 -31.63
N VAL B 78 9.62 -33.18 -32.15
CA VAL B 78 9.45 -33.03 -33.59
C VAL B 78 10.56 -32.16 -34.19
N LEU B 79 11.51 -31.71 -33.37
CA LEU B 79 12.62 -30.91 -33.85
C LEU B 79 13.53 -31.67 -34.80
N PHE B 80 13.64 -33.00 -34.65
CA PHE B 80 14.48 -33.81 -35.52
C PHE B 80 13.73 -34.41 -36.70
N ASP B 81 12.40 -34.29 -36.74
CA ASP B 81 11.59 -34.75 -37.86
C ASP B 81 11.02 -33.58 -38.65
N ILE B 82 11.65 -32.41 -38.57
CA ILE B 82 11.09 -31.21 -39.19
C ILE B 82 11.10 -31.31 -40.70
N ASP B 83 12.12 -31.94 -41.27
CA ASP B 83 12.28 -31.97 -42.72
C ASP B 83 11.20 -32.79 -43.43
N LYS B 84 10.43 -33.59 -42.69
CA LYS B 84 9.42 -34.45 -43.28
C LYS B 84 8.00 -33.88 -43.17
N TYR B 85 7.86 -32.59 -42.90
CA TYR B 85 6.57 -31.98 -42.64
C TYR B 85 6.30 -30.81 -43.56
N ASN B 86 5.03 -30.66 -43.93
CA ASN B 86 4.54 -29.44 -44.53
C ASN B 86 4.26 -28.41 -43.43
N ASP B 87 4.09 -27.15 -43.84
CA ASP B 87 3.96 -26.07 -42.87
C ASP B 87 2.74 -26.25 -41.98
N VAL B 88 1.60 -26.62 -42.56
CA VAL B 88 0.38 -26.76 -41.78
C VAL B 88 0.50 -27.92 -40.78
N GLU B 89 0.95 -29.08 -41.27
CA GLU B 89 1.10 -30.24 -40.40
C GLU B 89 2.18 -30.00 -39.35
N PHE B 90 3.27 -29.34 -39.73
CA PHE B 90 4.33 -29.05 -38.77
C PHE B 90 3.84 -28.10 -37.69
N GLU B 91 3.07 -27.09 -38.07
CA GLU B 91 2.50 -26.18 -37.09
C GLU B 91 1.55 -26.91 -36.15
N LYS B 92 0.70 -27.77 -36.69
CA LYS B 92 -0.22 -28.53 -35.85
C LYS B 92 0.53 -29.44 -34.89
N ALA B 93 1.60 -30.09 -35.37
CA ALA B 93 2.38 -30.98 -34.52
C ALA B 93 3.07 -30.21 -33.40
N ILE B 94 3.65 -29.06 -33.71
CA ILE B 94 4.33 -28.27 -32.68
C ILE B 94 3.32 -27.73 -31.68
N LYS B 95 2.14 -27.33 -32.14
CA LYS B 95 1.09 -26.90 -31.23
C LYS B 95 0.69 -28.02 -30.27
N GLU B 96 0.51 -29.23 -30.82
CA GLU B 96 0.13 -30.35 -29.96
C GLU B 96 1.24 -30.69 -28.97
N GLU B 97 2.50 -30.59 -29.42
CA GLU B 97 3.62 -30.85 -28.53
C GLU B 97 3.65 -29.84 -27.38
N PHE B 98 3.46 -28.56 -27.69
CA PHE B 98 3.43 -27.55 -26.64
C PHE B 98 2.26 -27.78 -25.68
N ILE B 99 1.09 -28.14 -26.20
CA ILE B 99 -0.06 -28.38 -25.34
C ILE B 99 0.21 -29.56 -24.41
N ASN B 100 0.84 -30.62 -24.93
CA ASN B 100 1.11 -31.79 -24.11
C ASN B 100 2.21 -31.54 -23.09
N ASN B 101 3.03 -30.50 -23.27
CA ASN B 101 4.04 -30.13 -22.30
C ASN B 101 3.57 -29.00 -21.38
N GLY B 102 2.28 -28.70 -21.35
CA GLY B 102 1.71 -27.76 -20.42
C GLY B 102 1.73 -26.31 -20.85
N VAL B 103 2.30 -25.99 -22.00
CA VAL B 103 2.38 -24.61 -22.45
C VAL B 103 1.04 -24.20 -23.05
N TYR B 104 0.44 -23.14 -22.50
CA TYR B 104 -0.78 -22.56 -23.03
C TYR B 104 -0.42 -21.77 -24.30
N ILE B 105 -0.31 -22.51 -25.40
CA ILE B 105 0.25 -21.95 -26.62
C ILE B 105 -0.65 -20.90 -27.26
N ASN B 106 -1.95 -20.91 -26.94
CA ASN B 106 -2.87 -19.92 -27.50
C ASN B 106 -2.56 -18.51 -27.04
N ASN B 107 -1.75 -18.34 -25.99
CA ASN B 107 -1.33 -17.02 -25.53
C ASN B 107 -0.06 -16.55 -26.22
N ILE B 108 0.47 -17.31 -27.17
CA ILE B 108 1.68 -16.95 -27.89
C ILE B 108 1.34 -16.77 -29.36
N ASP B 109 1.88 -15.72 -29.97
CA ASP B 109 1.65 -15.47 -31.38
C ASP B 109 2.21 -16.62 -32.22
N ASN B 110 1.49 -16.99 -33.28
CA ASN B 110 1.90 -18.16 -34.10
C ASN B 110 3.25 -17.92 -34.77
N THR B 111 3.54 -16.68 -35.17
CA THR B 111 4.81 -16.40 -35.88
C THR B 111 5.97 -16.99 -35.08
N TYR B 112 5.84 -17.04 -33.74
CA TYR B 112 6.93 -17.55 -32.87
C TYR B 112 7.17 -19.04 -33.13
N TYR B 113 6.10 -19.84 -33.28
CA TYR B 113 6.29 -21.30 -33.44
C TYR B 113 6.20 -21.68 -34.93
N LYS B 114 6.83 -20.90 -35.81
CA LYS B 114 6.86 -21.25 -37.22
C LYS B 114 7.95 -22.27 -37.48
N LYS B 115 8.07 -22.68 -38.74
CA LYS B 115 9.11 -23.64 -39.09
C LYS B 115 10.50 -23.02 -39.00
N GLU B 116 10.64 -21.76 -39.40
CA GLU B 116 11.96 -21.13 -39.42
C GLU B 116 12.47 -20.87 -38.01
N ASN B 117 11.59 -20.46 -37.10
CA ASN B 117 12.01 -20.24 -35.72
C ASN B 117 12.45 -21.53 -35.06
N ILE B 118 11.73 -22.63 -35.33
CA ILE B 118 12.15 -23.93 -34.81
C ILE B 118 13.46 -24.37 -35.45
N LEU B 119 13.68 -24.03 -36.72
CA LEU B 119 14.96 -24.31 -37.36
C LEU B 119 16.10 -23.59 -36.64
N ILE B 120 15.89 -22.31 -36.32
CA ILE B 120 16.92 -21.54 -35.63
C ILE B 120 17.16 -22.12 -34.23
N MET B 121 16.09 -22.48 -33.53
CA MET B 121 16.25 -23.08 -32.21
C MET B 121 17.01 -24.40 -32.29
N LYS B 122 16.76 -25.19 -33.35
CA LYS B 122 17.50 -26.44 -33.51
C LYS B 122 18.97 -26.18 -33.80
N LYS B 123 19.25 -25.17 -34.61
CA LYS B 123 20.65 -24.79 -34.85
C LYS B 123 21.33 -24.42 -33.54
N ILE B 124 20.60 -23.74 -32.65
CA ILE B 124 21.17 -23.39 -31.35
C ILE B 124 21.39 -24.64 -30.50
N LEU B 125 20.38 -25.52 -30.45
CA LEU B 125 20.41 -26.66 -29.54
C LEU B 125 21.33 -27.79 -30.00
N HIS B 126 21.72 -27.82 -31.27
CA HIS B 126 22.62 -28.87 -31.73
C HIS B 126 23.95 -28.84 -30.99
N TYR B 127 24.34 -27.68 -30.48
CA TYR B 127 25.58 -27.51 -29.72
C TYR B 127 25.42 -27.84 -28.25
N PHE B 128 24.39 -28.61 -27.89
CA PHE B 128 24.12 -28.95 -26.49
C PHE B 128 23.67 -30.40 -26.44
N PRO B 129 24.62 -31.34 -26.35
CA PRO B 129 24.25 -32.77 -26.49
C PRO B 129 23.23 -33.26 -25.49
N LEU B 130 23.27 -32.79 -24.25
CA LEU B 130 22.28 -33.21 -23.26
C LEU B 130 21.07 -32.30 -23.22
N LEU B 131 21.23 -31.02 -23.54
CA LEU B 131 20.12 -30.08 -23.47
C LEU B 131 19.16 -30.23 -24.64
N LYS B 132 19.67 -30.56 -25.84
CA LYS B 132 18.81 -30.72 -27.00
C LYS B 132 17.89 -31.91 -26.87
N LEU B 133 18.16 -32.83 -25.97
CA LEU B 133 17.37 -34.03 -25.79
C LEU B 133 16.45 -33.97 -24.57
N ILE B 134 16.37 -32.82 -23.91
CA ILE B 134 15.54 -32.66 -22.71
C ILE B 134 14.53 -31.55 -22.97
N ASN B 135 13.25 -31.87 -22.80
CA ASN B 135 12.18 -30.89 -22.98
C ASN B 135 11.13 -30.90 -21.86
N ASN B 136 11.08 -31.94 -21.05
CA ASN B 136 10.09 -32.08 -19.99
C ASN B 136 10.77 -32.70 -18.78
N PRO B 137 10.17 -32.57 -17.59
CA PRO B 137 10.75 -33.20 -16.41
C PRO B 137 10.98 -34.69 -16.54
N SER B 138 10.13 -35.40 -17.29
CA SER B 138 10.35 -36.83 -17.48
C SER B 138 11.64 -37.09 -18.26
N ASP B 139 11.92 -36.27 -19.27
CA ASP B 139 13.19 -36.39 -19.98
C ASP B 139 14.36 -35.92 -19.13
N LEU B 140 14.10 -35.11 -18.11
CA LEU B 140 15.16 -34.70 -17.19
C LEU B 140 15.53 -35.83 -16.24
N LYS B 141 14.54 -36.57 -15.74
CA LYS B 141 14.81 -37.61 -14.76
C LYS B 141 15.47 -38.84 -15.35
N LYS B 142 15.57 -38.94 -16.68
CA LYS B 142 16.28 -40.05 -17.29
C LYS B 142 17.79 -39.80 -17.38
N LEU B 143 18.24 -38.58 -17.10
CA LEU B 143 19.66 -38.31 -17.01
C LEU B 143 20.25 -38.95 -15.76
N LYS B 144 21.44 -39.52 -15.90
CA LYS B 144 22.10 -40.11 -14.75
C LYS B 144 22.41 -39.03 -13.70
N LYS B 145 22.21 -39.40 -12.44
CA LYS B 145 22.41 -38.45 -11.35
C LYS B 145 23.85 -37.94 -11.30
N GLN B 146 24.81 -38.83 -11.49
CA GLN B 146 26.21 -38.47 -11.43
C GLN B 146 26.59 -37.43 -12.47
N TYR B 147 25.82 -37.30 -13.54
CA TYR B 147 26.09 -36.33 -14.59
C TYR B 147 25.28 -35.06 -14.46
N LEU B 148 24.57 -34.87 -13.35
CA LEU B 148 23.82 -33.64 -13.14
C LEU B 148 24.67 -32.38 -13.26
N PRO B 149 25.91 -32.31 -12.75
CA PRO B 149 26.71 -31.11 -13.01
C PRO B 149 26.91 -30.82 -14.48
N LEU B 150 27.09 -31.85 -15.30
CA LEU B 150 27.29 -31.64 -16.73
C LEU B 150 26.12 -30.86 -17.33
N LEU B 151 24.90 -31.29 -17.05
CA LEU B 151 23.73 -30.55 -17.51
C LEU B 151 23.74 -29.13 -16.95
N ALA B 152 24.12 -28.98 -15.68
CA ALA B 152 24.17 -27.65 -15.08
C ALA B 152 25.13 -26.74 -15.84
N HIS B 153 26.13 -27.31 -16.51
CA HIS B 153 27.01 -26.49 -17.32
C HIS B 153 26.33 -26.05 -18.60
N GLU B 154 25.60 -26.97 -19.26
CA GLU B 154 24.97 -26.65 -20.53
C GLU B 154 24.02 -25.46 -20.38
N LEU B 155 23.13 -25.54 -19.38
CA LEU B 155 22.22 -24.44 -19.10
C LEU B 155 23.00 -23.12 -18.96
N LYS B 156 24.15 -23.17 -18.27
CA LYS B 156 24.93 -21.97 -18.07
C LYS B 156 25.32 -21.33 -19.39
N ILE B 157 25.72 -22.14 -20.38
CA ILE B 157 26.04 -21.57 -21.68
C ILE B 157 24.78 -21.06 -22.37
N PHE B 158 23.68 -21.81 -22.27
CA PHE B 158 22.47 -21.48 -23.03
C PHE B 158 21.97 -20.10 -22.64
N LEU B 159 21.91 -19.81 -21.34
CA LEU B 159 21.50 -18.48 -20.90
C LEU B 159 22.41 -17.41 -21.50
N PHE B 160 23.73 -17.65 -21.45
CA PHE B 160 24.68 -16.69 -22.01
C PHE B 160 24.43 -16.42 -23.49
N PHE B 161 23.74 -17.34 -24.17
CA PHE B 161 23.45 -17.15 -25.59
C PHE B 161 22.09 -16.54 -25.85
N ILE B 162 21.14 -16.66 -24.93
CA ILE B 162 19.77 -16.22 -25.18
C ILE B 162 19.49 -14.85 -24.58
N VAL B 163 19.80 -14.66 -23.29
CA VAL B 163 19.60 -13.36 -22.66
C VAL B 163 20.50 -12.31 -23.28
N ASN B 164 21.63 -12.72 -23.87
CA ASN B 164 22.46 -11.77 -24.60
C ASN B 164 21.72 -11.20 -25.81
N ILE B 165 20.83 -11.98 -26.42
CA ILE B 165 20.12 -11.53 -27.61
C ILE B 165 18.78 -10.89 -27.26
N THR B 166 18.05 -11.46 -26.31
CA THR B 166 16.71 -10.99 -25.98
C THR B 166 16.67 -10.00 -24.82
N GLY B 167 17.60 -10.10 -23.88
CA GLY B 167 17.63 -9.21 -22.74
C GLY B 167 16.78 -9.69 -21.58
N GLY B 168 17.11 -9.21 -20.40
CA GLY B 168 16.42 -9.56 -19.18
C GLY B 168 17.40 -9.69 -18.03
N HIS B 169 16.89 -10.21 -16.92
CA HIS B 169 17.75 -10.44 -15.75
C HIS B 169 18.66 -11.64 -16.00
N PHE B 170 19.93 -11.49 -15.66
CA PHE B 170 20.93 -12.51 -15.99
C PHE B 170 21.61 -13.13 -14.77
N SER B 171 22.20 -12.32 -13.90
CA SER B 171 23.05 -12.85 -12.84
C SER B 171 22.26 -13.69 -11.84
N SER B 172 21.06 -13.22 -11.48
CA SER B 172 20.25 -13.96 -10.52
C SER B 172 19.86 -15.33 -11.05
N VAL B 173 19.74 -15.47 -12.38
CA VAL B 173 19.42 -16.76 -12.96
C VAL B 173 20.57 -17.74 -12.75
N LEU B 174 21.80 -17.28 -12.96
CA LEU B 174 22.97 -18.12 -12.70
C LEU B 174 23.13 -18.41 -11.21
N SER B 175 22.65 -17.50 -10.36
CA SER B 175 22.80 -17.69 -8.92
C SER B 175 22.08 -18.95 -8.44
N SER B 176 20.85 -19.17 -8.90
CA SER B 176 20.01 -20.24 -8.41
C SER B 176 19.77 -21.32 -9.46
N LEU B 177 20.74 -21.53 -10.36
CA LEU B 177 20.58 -22.52 -11.42
C LEU B 177 20.42 -23.93 -10.87
N GLU B 178 21.31 -24.31 -9.95
CA GLU B 178 21.24 -25.64 -9.37
C GLU B 178 19.97 -25.84 -8.57
N ILE B 179 19.47 -24.79 -7.93
CA ILE B 179 18.23 -24.93 -7.15
C ILE B 179 17.08 -25.33 -8.06
N GLN B 180 16.89 -24.61 -9.17
CA GLN B 180 15.82 -24.94 -10.09
C GLN B 180 16.04 -26.32 -10.72
N LEU B 181 17.27 -26.59 -11.15
CA LEU B 181 17.59 -27.88 -11.74
C LEU B 181 17.22 -29.03 -10.80
N LEU B 182 17.65 -28.93 -9.55
CA LEU B 182 17.45 -30.03 -8.61
C LEU B 182 16.00 -30.12 -8.15
N LEU B 183 15.30 -28.99 -8.06
CA LEU B 183 13.89 -29.05 -7.71
C LEU B 183 13.07 -29.73 -8.80
N LEU B 184 13.45 -29.51 -10.06
CA LEU B 184 12.80 -30.23 -11.15
C LEU B 184 13.19 -31.69 -11.16
N TYR B 185 14.48 -31.99 -10.92
CA TYR B 185 14.96 -33.37 -11.01
C TYR B 185 14.38 -34.23 -9.89
N ILE B 186 14.29 -33.70 -8.68
CA ILE B 186 14.00 -34.51 -7.50
C ILE B 186 12.51 -34.65 -7.26
N PHE B 187 11.78 -33.54 -7.22
CA PHE B 187 10.36 -33.58 -6.90
C PHE B 187 9.52 -33.69 -8.15
N ASN B 188 8.23 -33.96 -7.93
CA ASN B 188 7.25 -34.23 -8.98
C ASN B 188 6.39 -32.99 -9.20
N GLN B 189 6.88 -32.08 -10.04
CA GLN B 189 6.09 -30.92 -10.44
C GLN B 189 5.28 -31.27 -11.68
N PRO B 190 4.11 -30.66 -11.88
CA PRO B 190 3.45 -29.61 -11.09
C PRO B 190 2.59 -30.17 -9.96
N TYR B 191 2.70 -31.46 -9.64
CA TYR B 191 1.95 -31.99 -8.50
C TYR B 191 2.38 -31.34 -7.20
N ASP B 192 3.69 -31.17 -7.01
CA ASP B 192 4.23 -30.48 -5.86
C ASP B 192 4.35 -28.99 -6.17
N ASN B 193 4.10 -28.16 -5.16
CA ASN B 193 4.05 -26.71 -5.34
C ASN B 193 5.41 -26.10 -5.03
N VAL B 194 5.95 -25.39 -6.02
CA VAL B 194 7.23 -24.69 -5.90
C VAL B 194 7.03 -23.27 -6.40
N ILE B 195 7.40 -22.29 -5.57
CA ILE B 195 7.17 -20.88 -5.88
C ILE B 195 8.45 -20.09 -5.69
N TYR B 196 8.79 -19.28 -6.69
CA TYR B 196 9.88 -18.33 -6.64
C TYR B 196 9.36 -16.95 -6.22
N ASP B 197 10.28 -16.06 -5.87
CA ASP B 197 9.91 -14.81 -5.22
C ASP B 197 9.60 -13.70 -6.21
N ILE B 198 10.57 -13.33 -7.04
CA ILE B 198 10.36 -12.27 -8.03
C ILE B 198 10.17 -12.84 -9.43
N GLY B 199 10.66 -14.04 -9.71
CA GLY B 199 10.45 -14.67 -10.99
C GLY B 199 11.33 -14.18 -12.10
N HIS B 200 12.26 -13.27 -11.82
CA HIS B 200 13.18 -12.78 -12.83
C HIS B 200 14.40 -13.68 -12.99
N GLN B 201 14.50 -14.75 -12.20
CA GLN B 201 15.64 -15.65 -12.24
C GLN B 201 15.24 -17.08 -12.61
N ALA B 202 14.00 -17.30 -13.04
CA ALA B 202 13.49 -18.64 -13.28
C ALA B 202 13.54 -19.04 -14.75
N TYR B 203 14.56 -18.59 -15.47
CA TYR B 203 14.67 -18.95 -16.88
C TYR B 203 14.95 -20.44 -17.04
N VAL B 204 15.78 -21.01 -16.16
CA VAL B 204 16.10 -22.44 -16.23
C VAL B 204 14.86 -23.27 -15.90
N HIS B 205 14.03 -22.79 -14.99
CA HIS B 205 12.76 -23.47 -14.71
C HIS B 205 11.87 -23.49 -15.95
N LYS B 206 11.80 -22.37 -16.68
CA LYS B 206 11.04 -22.34 -17.91
C LYS B 206 11.62 -23.28 -18.96
N ILE B 207 12.94 -23.35 -19.06
CA ILE B 207 13.59 -24.14 -20.10
C ILE B 207 13.23 -25.61 -19.97
N LEU B 208 13.27 -26.14 -18.75
CA LEU B 208 13.03 -27.56 -18.51
C LEU B 208 11.59 -27.85 -18.13
N THR B 209 10.64 -27.03 -18.58
CA THR B 209 9.22 -27.30 -18.39
C THR B 209 8.45 -27.21 -19.71
N GLY B 210 9.13 -27.21 -20.85
CA GLY B 210 8.48 -27.22 -22.13
C GLY B 210 8.49 -25.91 -22.90
N ARG B 211 9.21 -24.89 -22.42
CA ARG B 211 9.20 -23.56 -23.04
C ARG B 211 10.55 -23.20 -23.64
N LYS B 212 11.43 -24.19 -23.85
CA LYS B 212 12.76 -23.90 -24.37
C LYS B 212 12.69 -23.36 -25.79
N LEU B 213 11.91 -24.01 -26.65
CA LEU B 213 11.89 -23.65 -28.07
C LEU B 213 11.42 -22.22 -28.29
N LEU B 214 10.58 -21.70 -27.41
CA LEU B 214 10.03 -20.36 -27.54
C LEU B 214 10.90 -19.30 -26.88
N PHE B 215 12.04 -19.68 -26.31
CA PHE B 215 12.81 -18.72 -25.51
C PHE B 215 13.40 -17.59 -26.34
N LEU B 216 13.43 -17.72 -27.66
CA LEU B 216 13.89 -16.60 -28.48
C LEU B 216 12.91 -15.45 -28.49
N SER B 217 11.69 -15.65 -28.00
CA SER B 217 10.67 -14.60 -27.95
C SER B 217 10.56 -13.98 -26.58
N LEU B 218 11.69 -13.82 -25.88
CA LEU B 218 11.65 -13.38 -24.49
C LEU B 218 11.29 -11.90 -24.39
N ARG B 219 10.25 -11.60 -23.61
CA ARG B 219 9.86 -10.24 -23.29
C ARG B 219 9.55 -9.41 -24.54
N ASN B 220 8.86 -10.03 -25.50
CA ASN B 220 8.35 -9.35 -26.68
C ASN B 220 6.83 -9.45 -26.72
N LYS B 221 6.24 -8.85 -27.75
CA LYS B 221 4.79 -8.87 -27.90
C LYS B 221 4.32 -10.29 -28.16
N LYS B 222 3.44 -10.79 -27.29
CA LYS B 222 2.87 -12.13 -27.39
C LYS B 222 3.95 -13.21 -27.36
N GLY B 223 5.02 -12.97 -26.61
CA GLY B 223 6.08 -13.96 -26.46
C GLY B 223 6.20 -14.47 -25.04
N ILE B 224 7.42 -14.82 -24.64
CA ILE B 224 7.67 -15.32 -23.29
C ILE B 224 8.01 -14.16 -22.38
N SER B 225 7.31 -14.07 -21.25
CA SER B 225 7.55 -13.02 -20.28
C SER B 225 8.83 -13.28 -19.51
N GLY B 226 9.38 -12.20 -18.95
CA GLY B 226 10.51 -12.30 -18.06
C GLY B 226 10.17 -12.72 -16.65
N PHE B 227 8.89 -12.90 -16.37
CA PHE B 227 8.41 -13.34 -15.08
C PHE B 227 7.52 -14.57 -15.28
N LEU B 228 7.41 -15.37 -14.23
CA LEU B 228 6.51 -16.51 -14.27
C LEU B 228 5.08 -16.02 -14.35
N ASN B 229 4.29 -16.67 -15.20
CA ASN B 229 2.90 -16.27 -15.44
C ASN B 229 2.01 -17.49 -15.35
N ILE B 230 0.86 -17.33 -14.68
CA ILE B 230 -0.10 -18.43 -14.58
C ILE B 230 -0.89 -18.64 -15.86
N PHE B 231 -0.65 -17.83 -16.89
CA PHE B 231 -1.28 -18.01 -18.20
C PHE B 231 -0.32 -18.50 -19.26
N GLU B 232 0.94 -18.77 -18.90
CA GLU B 232 1.88 -19.39 -19.83
C GLU B 232 1.95 -20.89 -19.67
N SER B 233 1.86 -21.40 -18.45
CA SER B 233 2.02 -22.83 -18.21
C SER B 233 1.43 -23.19 -16.86
N ILE B 234 1.33 -24.50 -16.62
CA ILE B 234 0.84 -25.01 -15.34
C ILE B 234 1.95 -25.10 -14.30
N TYR B 235 3.21 -25.06 -14.72
CA TYR B 235 4.34 -25.11 -13.79
C TYR B 235 4.55 -23.80 -13.04
N ASP B 236 3.86 -22.74 -13.48
CA ASP B 236 3.96 -21.43 -12.78
C ASP B 236 2.78 -21.30 -11.82
N LYS B 237 2.92 -21.85 -10.60
CA LYS B 237 1.80 -21.84 -9.62
C LYS B 237 1.34 -20.39 -9.39
N PHE B 238 2.17 -19.38 -9.10
CA PHE B 238 1.81 -17.96 -8.83
C PHE B 238 2.82 -17.03 -9.48
N GLY B 239 2.39 -16.06 -10.27
CA GLY B 239 3.23 -15.10 -10.95
C GLY B 239 3.41 -13.84 -10.13
N ALA B 240 4.63 -13.28 -10.20
CA ALA B 240 4.92 -12.08 -9.45
C ALA B 240 6.05 -11.32 -10.12
N GLY B 241 6.06 -10.01 -9.93
CA GLY B 241 7.15 -9.15 -10.33
C GLY B 241 7.55 -8.26 -9.18
N HIS B 242 6.70 -8.23 -8.16
CA HIS B 242 6.98 -7.56 -6.89
C HIS B 242 7.47 -8.59 -5.90
N SER B 243 8.55 -8.26 -5.18
CA SER B 243 9.19 -9.21 -4.30
C SER B 243 8.34 -9.44 -3.06
N SER B 244 8.87 -10.28 -2.16
CA SER B 244 8.29 -10.56 -0.85
C SER B 244 6.93 -11.23 -0.95
N THR B 245 6.63 -11.86 -2.08
CA THR B 245 5.33 -12.47 -2.32
C THR B 245 5.35 -13.99 -2.25
N SER B 246 6.52 -14.62 -2.42
CA SER B 246 6.58 -16.07 -2.53
C SER B 246 6.14 -16.77 -1.25
N LEU B 247 6.54 -16.25 -0.09
CA LEU B 247 6.26 -16.94 1.15
C LEU B 247 4.76 -16.95 1.45
N SER B 248 4.10 -15.81 1.28
CA SER B 248 2.66 -15.76 1.50
C SER B 248 1.92 -16.62 0.49
N ALA B 249 2.36 -16.60 -0.77
CA ALA B 249 1.70 -17.39 -1.81
C ALA B 249 1.84 -18.88 -1.52
N ILE B 250 3.04 -19.33 -1.16
CA ILE B 250 3.23 -20.76 -0.90
C ILE B 250 2.49 -21.17 0.36
N GLN B 251 2.39 -20.29 1.36
CA GLN B 251 1.60 -20.64 2.53
C GLN B 251 0.13 -20.75 2.17
N GLY B 252 -0.35 -19.87 1.27
CA GLY B 252 -1.72 -19.99 0.80
C GLY B 252 -1.96 -21.30 0.09
N TYR B 253 -1.02 -21.71 -0.76
CA TYR B 253 -1.12 -23.01 -1.42
C TYR B 253 -1.17 -24.15 -0.41
N TYR B 254 -0.26 -24.13 0.57
CA TYR B 254 -0.23 -25.20 1.55
C TYR B 254 -1.52 -25.24 2.35
N GLU B 255 -2.03 -24.08 2.77
CA GLU B 255 -3.21 -24.06 3.61
C GLU B 255 -4.46 -24.44 2.83
N ALA B 256 -4.54 -24.07 1.56
CA ALA B 256 -5.65 -24.53 0.74
C ALA B 256 -5.60 -26.04 0.56
N GLU B 257 -4.41 -26.58 0.25
CA GLU B 257 -4.28 -28.02 0.06
C GLU B 257 -4.41 -28.79 1.35
N TRP B 258 -4.27 -28.13 2.50
CA TRP B 258 -4.56 -28.74 3.78
C TRP B 258 -6.04 -28.70 4.10
N GLN B 259 -6.71 -27.57 3.80
CA GLN B 259 -8.13 -27.44 4.07
C GLN B 259 -8.95 -28.37 3.19
N VAL B 260 -8.52 -28.57 1.94
CA VAL B 260 -9.26 -29.47 1.04
C VAL B 260 -9.28 -30.88 1.61
N LYS B 261 -8.14 -31.35 2.11
CA LYS B 261 -8.10 -32.68 2.71
C LYS B 261 -8.82 -32.69 4.06
N ASN B 262 -8.76 -31.59 4.81
CA ASN B 262 -9.42 -31.56 6.11
C ASN B 262 -10.93 -31.67 5.98
N LYS B 263 -11.51 -30.99 4.98
CA LYS B 263 -12.96 -30.99 4.83
C LYS B 263 -13.50 -32.23 4.14
N GLU B 264 -12.64 -33.10 3.64
CA GLU B 264 -13.08 -34.34 3.02
C GLU B 264 -13.60 -35.33 4.06
N VAL B 329 -1.23 -34.39 3.44
CA VAL B 329 -0.64 -33.55 2.42
C VAL B 329 0.59 -34.24 1.82
N ASP B 330 0.38 -34.94 0.71
CA ASP B 330 1.47 -35.63 0.05
C ASP B 330 2.31 -34.72 -0.83
N LYS B 331 1.89 -33.49 -1.04
CA LYS B 331 2.64 -32.56 -1.88
C LYS B 331 3.75 -31.89 -1.07
N VAL B 332 4.83 -31.57 -1.76
CA VAL B 332 5.96 -30.87 -1.16
C VAL B 332 5.88 -29.41 -1.57
N HIS B 333 5.73 -28.53 -0.58
CA HIS B 333 5.63 -27.10 -0.80
C HIS B 333 6.97 -26.45 -0.53
N ILE B 334 7.54 -25.82 -1.55
CA ILE B 334 8.86 -25.21 -1.48
C ILE B 334 8.75 -23.76 -1.97
N ALA B 335 9.36 -22.85 -1.23
CA ALA B 335 9.46 -21.45 -1.63
C ALA B 335 10.93 -21.06 -1.66
N ILE B 336 11.34 -20.42 -2.75
CA ILE B 336 12.70 -19.94 -2.91
C ILE B 336 12.66 -18.42 -2.81
N ILE B 337 13.26 -17.89 -1.75
CA ILE B 337 13.29 -16.45 -1.50
C ILE B 337 14.73 -16.05 -1.22
N GLY B 338 15.16 -14.95 -1.81
CA GLY B 338 16.51 -14.47 -1.63
C GLY B 338 16.65 -13.61 -0.38
N ASP B 339 17.88 -13.18 -0.14
CA ASP B 339 18.15 -12.31 1.00
C ASP B 339 17.45 -10.97 0.84
N GLY B 340 17.45 -10.42 -0.37
CA GLY B 340 16.80 -9.15 -0.59
C GLY B 340 15.29 -9.20 -0.40
N GLY B 341 14.66 -10.28 -0.87
CA GLY B 341 13.22 -10.38 -0.74
C GLY B 341 12.76 -10.43 0.70
N LEU B 342 13.54 -11.06 1.57
CA LEU B 342 13.16 -11.19 2.96
C LEU B 342 13.21 -9.86 3.70
N THR B 343 13.93 -8.87 3.15
CA THR B 343 13.97 -7.55 3.77
C THR B 343 12.61 -6.88 3.72
N GLY B 344 11.78 -7.20 2.72
CA GLY B 344 10.47 -6.61 2.63
C GLY B 344 9.57 -7.05 3.76
N GLY B 345 8.65 -6.14 4.13
CA GLY B 345 7.82 -6.37 5.30
C GLY B 345 6.89 -7.56 5.14
N MET B 346 6.27 -7.70 3.98
CA MET B 346 5.34 -8.82 3.75
C MET B 346 6.07 -10.15 3.88
N ALA B 347 7.32 -10.21 3.43
CA ALA B 347 8.11 -11.44 3.59
C ALA B 347 8.34 -11.77 5.06
N LEU B 348 8.66 -10.76 5.87
CA LEU B 348 8.87 -11.00 7.29
C LEU B 348 7.59 -11.44 7.98
N GLU B 349 6.46 -10.80 7.63
CA GLU B 349 5.18 -11.23 8.18
C GLU B 349 4.88 -12.67 7.80
N ALA B 350 5.14 -13.03 6.54
CA ALA B 350 4.90 -14.39 6.10
C ALA B 350 5.81 -15.38 6.82
N LEU B 351 7.08 -15.03 7.03
CA LEU B 351 7.98 -15.90 7.76
C LEU B 351 7.48 -16.15 9.18
N ASN B 352 7.11 -15.06 9.87
CA ASN B 352 6.58 -15.17 11.22
C ASN B 352 5.34 -16.05 11.25
N TYR B 353 4.43 -15.88 10.29
CA TYR B 353 3.19 -16.63 10.32
C TYR B 353 3.39 -18.08 9.91
N ILE B 354 4.32 -18.36 8.99
CA ILE B 354 4.60 -19.74 8.60
C ILE B 354 5.14 -20.50 9.80
N SER B 355 6.07 -19.90 10.53
CA SER B 355 6.55 -20.53 11.75
C SER B 355 5.42 -20.69 12.76
N PHE B 356 4.59 -19.66 12.92
CA PHE B 356 3.54 -19.68 13.93
C PHE B 356 2.54 -20.81 13.68
N LEU B 357 2.12 -20.99 12.43
CA LEU B 357 1.15 -22.03 12.12
C LEU B 357 1.78 -23.40 11.93
N ASN B 358 3.10 -23.46 11.76
CA ASN B 358 3.83 -24.72 11.52
C ASN B 358 3.34 -25.37 10.22
N SER B 359 3.45 -24.60 9.14
CA SER B 359 3.18 -25.12 7.81
C SER B 359 4.39 -25.90 7.32
N LYS B 360 4.15 -27.11 6.81
CA LYS B 360 5.24 -27.98 6.36
C LYS B 360 5.75 -27.46 5.02
N ILE B 361 6.47 -26.35 5.10
CA ILE B 361 7.02 -25.65 3.94
C ILE B 361 8.54 -25.64 4.08
N LEU B 362 9.23 -25.99 3.00
CA LEU B 362 10.67 -25.82 2.93
C LEU B 362 10.97 -24.44 2.35
N ILE B 363 11.68 -23.63 3.11
CA ILE B 363 12.04 -22.28 2.71
C ILE B 363 13.50 -22.30 2.33
N ILE B 364 13.78 -22.29 1.03
CA ILE B 364 15.14 -22.23 0.55
C ILE B 364 15.59 -20.78 0.57
N TYR B 365 16.25 -20.37 1.65
CA TYR B 365 16.79 -19.03 1.75
C TYR B 365 18.04 -18.95 0.89
N ASN B 366 17.93 -18.27 -0.25
CA ASN B 366 19.06 -18.13 -1.17
C ASN B 366 19.88 -16.94 -0.72
N ASP B 367 20.98 -17.21 -0.03
CA ASP B 367 21.87 -16.18 0.47
C ASP B 367 22.94 -15.89 -0.58
N ASN B 368 22.99 -14.68 -1.11
CA ASN B 368 23.90 -14.37 -2.23
C ASN B 368 24.65 -13.07 -1.99
N GLY B 369 24.27 -12.30 -0.96
CA GLY B 369 25.00 -11.09 -0.65
C GLY B 369 24.48 -9.84 -1.31
N GLN B 370 23.38 -9.92 -2.05
CA GLN B 370 22.79 -8.77 -2.71
C GLN B 370 21.38 -8.56 -2.18
N VAL B 371 21.11 -7.35 -1.67
CA VAL B 371 19.81 -6.98 -1.16
C VAL B 371 19.16 -5.89 -2.02
N SER B 372 19.93 -4.88 -2.40
CA SER B 372 19.46 -3.77 -3.21
C SER B 372 20.08 -3.84 -4.60
N LEU B 373 19.61 -2.96 -5.48
CA LEU B 373 20.08 -2.89 -6.86
C LEU B 373 20.73 -1.54 -7.11
N PRO B 374 22.06 -1.44 -7.07
CA PRO B 374 23.02 -2.49 -6.75
C PRO B 374 23.36 -2.50 -5.25
N THR B 375 24.41 -3.21 -4.86
CA THR B 375 24.87 -3.22 -3.47
C THR B 375 26.29 -2.71 -3.30
N ASN B 376 27.13 -2.78 -4.35
CA ASN B 376 28.49 -2.28 -4.25
C ASN B 376 28.56 -0.77 -4.10
N ALA B 377 27.47 -0.05 -4.34
CA ALA B 377 27.46 1.39 -4.19
C ALA B 377 27.67 1.78 -2.73
N VAL B 378 28.38 2.89 -2.52
CA VAL B 378 28.69 3.37 -1.17
C VAL B 378 27.52 4.22 -0.69
N SER B 379 26.95 3.84 0.44
CA SER B 379 25.86 4.57 1.07
C SER B 379 26.30 5.04 2.45
N ILE B 380 25.35 5.57 3.22
CA ILE B 380 25.65 6.03 4.57
C ILE B 380 26.07 4.88 5.49
N SER B 381 25.70 3.65 5.13
CA SER B 381 26.06 2.46 5.91
C SER B 381 27.01 1.56 5.15
N GLY B 382 27.79 2.12 4.24
CA GLY B 382 28.78 1.35 3.50
C GLY B 382 28.17 0.50 2.41
N ASN B 383 29.01 -0.37 1.86
CA ASN B 383 28.62 -1.31 0.83
C ASN B 383 27.97 -2.56 1.39
N ARG B 384 27.82 -2.65 2.70
CA ARG B 384 27.29 -3.84 3.33
C ARG B 384 25.84 -4.07 2.88
N PRO B 385 25.44 -5.31 2.64
CA PRO B 385 24.04 -5.58 2.32
C PRO B 385 23.12 -5.09 3.43
N ILE B 386 22.01 -4.50 3.02
CA ILE B 386 21.12 -3.81 3.95
C ILE B 386 20.36 -4.83 4.77
N GLY B 387 20.39 -4.67 6.09
CA GLY B 387 19.65 -5.55 6.97
C GLY B 387 20.50 -6.17 8.05
N SER B 388 20.02 -6.10 9.29
CA SER B 388 20.71 -6.81 10.38
C SER B 388 20.60 -8.32 10.21
N ILE B 389 19.55 -8.80 9.57
CA ILE B 389 19.43 -10.23 9.27
C ILE B 389 20.56 -10.66 8.34
N SER B 390 20.90 -9.82 7.35
CA SER B 390 21.97 -10.16 6.43
C SER B 390 23.30 -10.29 7.16
N ASP B 391 23.64 -9.31 7.99
CA ASP B 391 24.90 -9.36 8.72
C ASP B 391 24.93 -10.53 9.69
N HIS B 392 23.80 -10.78 10.38
CA HIS B 392 23.76 -11.90 11.31
C HIS B 392 23.96 -13.23 10.60
N LEU B 393 23.31 -13.42 9.45
CA LEU B 393 23.47 -14.68 8.73
C LEU B 393 24.87 -14.83 8.16
N HIS B 394 25.46 -13.73 7.69
CA HIS B 394 26.84 -13.80 7.22
C HIS B 394 27.79 -14.18 8.35
N TYR B 395 27.58 -13.63 9.55
CA TYR B 395 28.40 -14.01 10.69
C TYR B 395 28.15 -15.46 11.09
N PHE B 396 26.90 -15.91 11.00
CA PHE B 396 26.56 -17.28 11.40
C PHE B 396 27.02 -18.31 10.39
N VAL B 397 27.33 -17.89 9.16
CA VAL B 397 27.87 -18.80 8.16
C VAL B 397 29.22 -19.34 8.62
N ASN B 416 21.96 -20.23 18.70
CA ASN B 416 20.74 -20.14 17.89
C ASN B 416 20.77 -18.90 17.02
N ASN B 417 20.45 -19.08 15.74
CA ASN B 417 20.38 -17.95 14.82
C ASN B 417 18.93 -17.43 14.80
N ILE B 418 18.65 -16.49 13.89
CA ILE B 418 17.33 -15.87 13.85
C ILE B 418 16.26 -16.90 13.52
N PHE B 419 16.52 -17.75 12.53
CA PHE B 419 15.54 -18.75 12.12
C PHE B 419 15.22 -19.70 13.27
N GLU B 420 16.25 -20.14 14.00
CA GLU B 420 16.01 -21.04 15.12
C GLU B 420 15.25 -20.36 16.25
N ASN B 421 15.46 -19.05 16.44
CA ASN B 421 14.68 -18.32 17.43
C ASN B 421 13.21 -18.30 17.05
N LEU B 422 12.91 -18.20 15.74
CA LEU B 422 11.55 -18.24 15.23
C LEU B 422 11.00 -19.65 15.10
N ASN B 423 11.64 -20.63 15.73
CA ASN B 423 11.19 -22.02 15.76
C ASN B 423 11.16 -22.62 14.35
N TYR B 424 12.32 -22.58 13.69
CA TYR B 424 12.51 -23.20 12.40
C TYR B 424 13.61 -24.26 12.49
N ASP B 425 13.39 -25.39 11.84
CA ASP B 425 14.46 -26.34 11.63
C ASP B 425 15.47 -25.74 10.66
N TYR B 426 16.74 -25.76 11.04
CA TYR B 426 17.78 -25.09 10.28
C TYR B 426 18.80 -26.12 9.83
N ILE B 427 18.93 -26.28 8.52
CA ILE B 427 20.01 -27.04 7.92
C ILE B 427 21.13 -26.06 7.60
N GLY B 428 22.35 -26.42 8.00
CA GLY B 428 23.47 -25.51 7.98
C GLY B 428 23.76 -24.97 6.60
N VAL B 429 24.78 -24.11 6.53
CA VAL B 429 25.08 -23.40 5.30
C VAL B 429 25.54 -24.42 4.26
N VAL B 430 24.71 -24.63 3.25
CA VAL B 430 24.96 -25.60 2.19
C VAL B 430 25.23 -24.84 0.90
N ASN B 431 26.28 -25.24 0.20
CA ASN B 431 26.61 -24.59 -1.07
C ASN B 431 25.47 -24.76 -2.06
N GLY B 432 25.15 -23.68 -2.77
CA GLY B 432 24.09 -23.70 -3.75
C GLY B 432 24.55 -24.06 -5.13
N ASN B 433 25.86 -23.98 -5.37
CA ASN B 433 26.45 -24.32 -6.65
C ASN B 433 27.06 -25.72 -6.65
N ASN B 434 26.87 -26.48 -5.57
CA ASN B 434 27.37 -27.85 -5.48
C ASN B 434 26.18 -28.78 -5.62
N THR B 435 26.11 -29.49 -6.76
CA THR B 435 24.99 -30.38 -7.01
C THR B 435 24.99 -31.56 -6.04
N GLU B 436 26.17 -32.02 -5.63
CA GLU B 436 26.25 -33.21 -4.76
C GLU B 436 25.62 -32.95 -3.40
N GLU B 437 26.03 -31.88 -2.72
CA GLU B 437 25.57 -31.64 -1.35
C GLU B 437 24.10 -31.24 -1.31
N LEU B 438 23.69 -30.36 -2.23
CA LEU B 438 22.29 -29.98 -2.30
C LEU B 438 21.42 -31.17 -2.70
N PHE B 439 21.93 -32.03 -3.59
CA PHE B 439 21.22 -33.26 -3.91
C PHE B 439 21.05 -34.13 -2.68
N LYS B 440 22.11 -34.28 -1.88
CA LYS B 440 22.02 -35.05 -0.65
C LYS B 440 20.93 -34.51 0.26
N VAL B 441 20.95 -33.20 0.51
CA VAL B 441 20.00 -32.60 1.44
C VAL B 441 18.57 -32.71 0.91
N LEU B 442 18.36 -32.34 -0.36
CA LEU B 442 17.01 -32.35 -0.91
C LEU B 442 16.47 -33.75 -1.05
N ASN B 443 17.33 -34.72 -1.39
CA ASN B 443 16.91 -36.10 -1.47
C ASN B 443 16.54 -36.64 -0.10
N ASN B 444 17.29 -36.24 0.94
CA ASN B 444 16.92 -36.62 2.30
C ASN B 444 15.56 -36.05 2.67
N ILE B 445 15.31 -34.79 2.31
CA ILE B 445 14.02 -34.16 2.61
C ILE B 445 12.90 -34.88 1.86
N LYS B 446 13.16 -35.28 0.62
CA LYS B 446 12.15 -35.99 -0.17
C LYS B 446 11.84 -37.36 0.42
N GLU B 447 12.89 -38.15 0.69
CA GLU B 447 12.70 -39.49 1.22
C GLU B 447 12.02 -39.45 2.58
N ASN B 448 12.39 -38.47 3.40
CA ASN B 448 11.75 -38.25 4.68
C ASN B 448 10.57 -37.30 4.48
N LYS B 449 10.01 -36.79 5.57
CA LYS B 449 8.96 -35.79 5.51
C LYS B 449 9.27 -34.68 6.51
N LEU B 450 8.88 -33.46 6.14
CA LEU B 450 9.06 -32.32 7.04
C LEU B 450 8.06 -32.43 8.18
N LYS B 451 8.58 -32.61 9.40
CA LYS B 451 7.73 -32.61 10.57
C LYS B 451 7.52 -31.21 11.14
N ARG B 452 8.24 -30.22 10.62
CA ARG B 452 8.04 -28.82 10.97
C ARG B 452 8.67 -27.97 9.88
N ALA B 453 8.31 -26.69 9.88
CA ALA B 453 8.85 -25.77 8.90
C ALA B 453 10.37 -25.72 8.99
N THR B 454 11.02 -25.73 7.83
CA THR B 454 12.46 -25.88 7.76
C THR B 454 13.04 -24.82 6.81
N VAL B 455 14.15 -24.22 7.22
CA VAL B 455 14.86 -23.25 6.40
C VAL B 455 16.17 -23.87 5.95
N LEU B 456 16.31 -24.05 4.65
CA LEU B 456 17.53 -24.60 4.06
C LEU B 456 18.39 -23.41 3.65
N HIS B 457 19.32 -23.03 4.53
CA HIS B 457 20.20 -21.92 4.23
C HIS B 457 21.21 -22.34 3.18
N VAL B 458 21.26 -21.58 2.09
CA VAL B 458 22.05 -21.92 0.92
C VAL B 458 22.88 -20.70 0.54
N ARG B 459 24.17 -20.92 0.28
CA ARG B 459 25.08 -19.86 -0.13
C ARG B 459 25.36 -19.98 -1.62
N THR B 460 25.23 -18.88 -2.35
CA THR B 460 25.38 -18.85 -3.79
C THR B 460 26.27 -17.68 -4.19
N LYS B 461 26.47 -17.52 -5.50
CA LYS B 461 27.32 -16.48 -6.04
C LYS B 461 26.56 -15.72 -7.12
N LYS B 462 26.91 -14.44 -7.28
CA LYS B 462 26.29 -13.60 -8.30
C LYS B 462 27.30 -13.09 -9.33
N SER B 463 28.38 -12.45 -8.89
CA SER B 463 29.31 -11.85 -9.83
C SER B 463 30.08 -12.91 -10.61
N ASN B 464 30.53 -13.97 -9.94
CA ASN B 464 31.32 -15.03 -10.55
C ASN B 464 32.54 -14.48 -11.28
N LYS B 531 10.60 10.91 -38.05
CA LYS B 531 10.44 9.52 -37.61
C LYS B 531 10.35 9.41 -36.10
N TYR B 532 9.88 8.26 -35.63
CA TYR B 532 9.77 8.02 -34.19
C TYR B 532 11.14 8.06 -33.51
N GLU B 533 12.15 7.48 -34.15
CA GLU B 533 13.48 7.40 -33.54
C GLU B 533 14.12 8.77 -33.42
N ASP B 534 13.93 9.64 -34.42
CA ASP B 534 14.59 10.93 -34.44
C ASP B 534 14.05 11.89 -33.40
N MET B 535 12.95 11.55 -32.72
CA MET B 535 12.31 12.43 -31.77
C MET B 535 12.78 12.25 -30.34
N PHE B 536 13.67 11.29 -30.10
CA PHE B 536 14.20 11.03 -28.76
C PHE B 536 15.72 10.92 -28.83
N SER B 537 16.39 11.54 -27.87
CA SER B 537 17.84 11.48 -27.80
C SER B 537 18.26 10.31 -26.92
N LYS B 538 19.56 10.22 -26.60
CA LYS B 538 20.06 9.12 -25.79
C LYS B 538 19.87 9.35 -24.30
N GLU B 539 19.81 10.61 -23.87
CA GLU B 539 19.70 10.91 -22.45
C GLU B 539 18.33 10.53 -21.91
N THR B 540 18.28 10.33 -20.60
CA THR B 540 17.07 9.93 -19.90
C THR B 540 16.68 11.02 -18.90
N PHE B 541 15.38 11.09 -18.61
CA PHE B 541 14.88 12.06 -17.63
C PHE B 541 15.59 11.90 -16.29
N THR B 542 15.90 10.66 -15.90
CA THR B 542 16.58 10.43 -14.63
C THR B 542 17.96 11.05 -14.61
N ASP B 543 18.65 11.10 -15.75
CA ASP B 543 19.93 11.78 -15.82
C ASP B 543 19.76 13.28 -15.53
N ILE B 544 18.71 13.88 -16.09
CA ILE B 544 18.42 15.28 -15.81
C ILE B 544 18.14 15.48 -14.32
N TYR B 545 17.35 14.59 -13.73
CA TYR B 545 17.04 14.67 -12.31
C TYR B 545 18.33 14.62 -11.48
N THR B 546 19.22 13.69 -11.81
CA THR B 546 20.47 13.55 -11.08
C THR B 546 21.33 14.81 -11.23
N ASN B 547 21.42 15.36 -12.44
CA ASN B 547 22.23 16.55 -12.64
C ASN B 547 21.70 17.74 -11.84
N GLU B 548 20.38 17.93 -11.85
CA GLU B 548 19.80 19.03 -11.09
C GLU B 548 20.04 18.84 -9.60
N MET B 549 19.87 17.62 -9.10
CA MET B 549 20.06 17.38 -7.68
C MET B 549 21.52 17.57 -7.27
N LEU B 550 22.46 17.19 -8.14
CA LEU B 550 23.87 17.45 -7.85
C LEU B 550 24.15 18.95 -7.81
N LYS B 551 23.59 19.70 -8.76
CA LYS B 551 23.78 21.15 -8.74
C LYS B 551 23.23 21.76 -7.46
N TYR B 552 22.06 21.29 -7.02
CA TYR B 552 21.46 21.84 -5.81
C TYR B 552 22.22 21.40 -4.55
N LEU B 553 22.84 20.22 -4.59
CA LEU B 553 23.65 19.78 -3.46
C LEU B 553 24.96 20.55 -3.38
N LYS B 554 25.46 21.04 -4.51
CA LYS B 554 26.73 21.75 -4.49
C LYS B 554 26.68 23.03 -3.67
N LYS B 555 25.50 23.62 -3.47
CA LYS B 555 25.36 24.82 -2.65
C LYS B 555 24.67 24.59 -1.32
N ASP B 556 23.72 23.67 -1.25
CA ASP B 556 23.06 23.31 -0.01
C ASP B 556 23.30 21.83 0.28
N ARG B 557 23.81 21.55 1.48
CA ARG B 557 24.10 20.18 1.88
C ARG B 557 22.96 19.53 2.63
N ASN B 558 21.88 20.25 2.89
CA ASN B 558 20.76 19.75 3.68
C ASN B 558 19.70 19.06 2.84
N ILE B 559 20.08 18.50 1.69
CA ILE B 559 19.18 17.70 0.89
C ILE B 559 19.46 16.23 1.22
N ILE B 560 18.41 15.51 1.62
CA ILE B 560 18.51 14.11 2.00
C ILE B 560 17.70 13.29 1.00
N PHE B 561 18.34 12.28 0.43
CA PHE B 561 17.70 11.40 -0.55
C PHE B 561 17.50 10.02 0.05
N LEU B 562 16.38 9.39 -0.33
CA LEU B 562 16.04 8.05 0.11
C LEU B 562 15.59 7.22 -1.08
N SER B 563 15.75 5.90 -0.98
CA SER B 563 15.34 5.00 -2.05
C SER B 563 15.05 3.63 -1.45
N PRO B 564 13.99 2.96 -1.91
CA PRO B 564 13.73 1.58 -1.47
C PRO B 564 14.42 0.55 -2.34
N ALA B 565 15.74 0.44 -2.15
CA ALA B 565 16.58 -0.57 -2.82
C ALA B 565 16.61 -0.40 -4.33
N MET B 566 16.51 0.83 -4.81
CA MET B 566 16.56 1.12 -6.24
C MET B 566 17.46 2.31 -6.50
N LEU B 567 18.65 2.31 -5.90
CA LEU B 567 19.56 3.43 -6.06
C LEU B 567 19.94 3.65 -7.51
N GLY B 568 20.27 2.56 -8.22
CA GLY B 568 20.69 2.70 -9.60
C GLY B 568 19.59 3.19 -10.52
N GLY B 569 18.40 2.63 -10.38
CA GLY B 569 17.28 3.06 -11.21
C GLY B 569 16.82 4.47 -10.91
N SER B 570 16.77 4.83 -9.63
CA SER B 570 16.31 6.16 -9.24
C SER B 570 17.31 7.25 -9.55
N GLY B 571 18.54 6.89 -9.93
CA GLY B 571 19.56 7.88 -10.23
C GLY B 571 20.32 8.40 -9.03
N LEU B 572 20.27 7.71 -7.90
CA LEU B 572 20.91 8.17 -6.68
C LEU B 572 22.32 7.64 -6.48
N VAL B 573 22.77 6.70 -7.31
CA VAL B 573 24.10 6.12 -7.14
C VAL B 573 25.16 7.20 -7.24
N LYS B 574 25.09 8.02 -8.30
CA LYS B 574 26.03 9.10 -8.48
C LYS B 574 25.98 10.10 -7.34
N ILE B 575 24.88 10.12 -6.59
CA ILE B 575 24.77 10.94 -5.39
C ILE B 575 25.31 10.21 -4.17
N SER B 576 25.08 8.89 -4.09
CA SER B 576 25.56 8.14 -2.94
C SER B 576 27.08 8.02 -2.95
N GLU B 577 27.70 8.03 -4.13
CA GLU B 577 29.16 7.97 -4.19
C GLU B 577 29.79 9.24 -3.67
N ARG B 578 29.21 10.40 -4.02
CA ARG B 578 29.81 11.68 -3.68
C ARG B 578 29.34 12.22 -2.34
N TYR B 579 28.11 11.93 -1.95
CA TYR B 579 27.55 12.37 -0.67
C TYR B 579 26.95 11.16 0.04
N PRO B 580 27.80 10.23 0.51
CA PRO B 580 27.26 8.99 1.09
C PRO B 580 26.40 9.23 2.31
N ASN B 581 26.68 10.26 3.09
CA ASN B 581 25.88 10.57 4.27
C ASN B 581 24.52 11.15 3.94
N ASN B 582 24.27 11.51 2.68
CA ASN B 582 23.01 12.11 2.26
C ASN B 582 22.02 11.09 1.70
N VAL B 583 22.38 9.80 1.66
CA VAL B 583 21.53 8.78 1.06
C VAL B 583 21.28 7.68 2.07
N TYR B 584 20.03 7.26 2.19
CA TYR B 584 19.60 6.20 3.09
C TYR B 584 18.96 5.09 2.25
N ASP B 585 19.71 4.01 2.02
CA ASP B 585 19.20 2.87 1.27
C ASP B 585 18.59 1.89 2.29
N VAL B 586 17.26 1.83 2.32
CA VAL B 586 16.55 1.11 3.36
C VAL B 586 16.17 -0.30 2.91
N GLY B 587 16.78 -0.81 1.84
CA GLY B 587 16.35 -2.09 1.31
C GLY B 587 14.99 -1.94 0.64
N ILE B 588 14.30 -3.07 0.50
CA ILE B 588 12.98 -3.04 -0.10
C ILE B 588 12.00 -2.70 1.01
N ALA B 589 11.88 -1.41 1.30
CA ALA B 589 11.14 -0.90 2.45
C ALA B 589 10.32 0.33 2.07
N GLU B 590 9.53 0.22 1.00
CA GLU B 590 8.77 1.35 0.49
C GLU B 590 7.95 2.02 1.60
N GLN B 591 7.24 1.22 2.40
CA GLN B 591 6.49 1.78 3.53
C GLN B 591 7.43 2.48 4.51
N HIS B 592 8.49 1.77 4.90
CA HIS B 592 9.48 2.35 5.80
C HIS B 592 10.14 3.56 5.17
N SER B 593 10.40 3.51 3.86
CA SER B 593 11.03 4.64 3.20
C SER B 593 10.15 5.88 3.28
N VAL B 594 8.85 5.72 3.01
CA VAL B 594 7.95 6.87 3.04
C VAL B 594 7.82 7.44 4.44
N THR B 595 7.58 6.58 5.44
CA THR B 595 7.39 7.09 6.80
C THR B 595 8.69 7.70 7.35
N PHE B 596 9.82 7.05 7.07
CA PHE B 596 11.13 7.54 7.48
C PHE B 596 11.40 8.92 6.88
N ALA B 597 11.16 9.06 5.57
CA ALA B 597 11.38 10.35 4.92
C ALA B 597 10.43 11.41 5.45
N ALA B 598 9.18 11.03 5.75
CA ALA B 598 8.22 11.99 6.29
C ALA B 598 8.67 12.50 7.65
N ALA B 599 9.11 11.58 8.53
CA ALA B 599 9.61 12.01 9.83
C ALA B 599 10.87 12.86 9.69
N MET B 600 11.69 12.59 8.68
CA MET B 600 12.87 13.40 8.43
C MET B 600 12.53 14.75 7.80
N ALA B 601 11.35 14.88 7.20
CA ALA B 601 10.92 16.13 6.59
C ALA B 601 10.28 17.10 7.57
N MET B 602 9.94 16.64 8.77
CA MET B 602 9.44 17.53 9.81
C MET B 602 10.52 18.50 10.29
N ASN B 603 11.78 18.24 9.97
CA ASN B 603 12.86 19.15 10.32
C ASN B 603 12.93 20.27 9.31
N LYS B 604 12.68 21.49 9.76
CA LYS B 604 12.66 22.64 8.86
C LYS B 604 14.05 22.99 8.33
N LYS B 605 15.11 22.41 8.89
CA LYS B 605 16.46 22.67 8.44
C LYS B 605 16.93 21.72 7.36
N LEU B 606 16.08 20.80 6.90
CA LEU B 606 16.45 19.81 5.91
C LEU B 606 15.42 19.77 4.78
N LYS B 607 15.89 19.40 3.59
CA LYS B 607 15.04 19.12 2.44
C LYS B 607 15.16 17.63 2.12
N ILE B 608 14.03 16.94 2.08
CA ILE B 608 13.99 15.50 1.89
C ILE B 608 13.31 15.21 0.56
N GLN B 609 14.02 14.51 -0.33
CA GLN B 609 13.46 14.03 -1.58
C GLN B 609 13.45 12.50 -1.56
N LEU B 610 12.28 11.92 -1.78
CA LEU B 610 12.12 10.47 -1.82
C LEU B 610 11.95 10.02 -3.27
N CYS B 611 12.80 9.09 -3.70
CA CYS B 611 12.81 8.59 -5.06
C CYS B 611 12.23 7.17 -5.07
N ILE B 612 11.11 6.98 -5.76
CA ILE B 612 10.41 5.71 -5.74
C ILE B 612 9.70 5.54 -7.09
N TYR B 613 9.62 4.30 -7.57
CA TYR B 613 8.97 4.02 -8.83
C TYR B 613 7.46 4.15 -8.71
N SER B 614 6.81 4.32 -9.86
CA SER B 614 5.36 4.46 -9.88
C SER B 614 4.67 3.21 -9.35
N THR B 615 5.12 2.03 -9.77
CA THR B 615 4.47 0.79 -9.33
C THR B 615 4.76 0.48 -7.87
N PHE B 616 5.95 0.83 -7.39
CA PHE B 616 6.32 0.54 -6.01
C PHE B 616 5.63 1.45 -5.01
N LEU B 617 5.18 2.63 -5.43
CA LEU B 617 4.41 3.52 -4.56
C LEU B 617 3.04 2.97 -4.25
N GLN B 618 2.60 1.92 -4.96
CA GLN B 618 1.33 1.28 -4.64
C GLN B 618 1.39 0.59 -3.28
N ARG B 619 2.58 0.20 -2.84
CA ARG B 619 2.73 -0.37 -1.51
C ARG B 619 2.64 0.69 -0.42
N ALA B 620 3.08 1.91 -0.73
CA ALA B 620 3.24 2.97 0.25
C ALA B 620 2.17 4.06 0.14
N TYR B 621 1.14 3.84 -0.68
CA TYR B 621 0.04 4.81 -0.75
C TYR B 621 -0.58 5.08 0.61
N ASP B 622 -0.68 4.06 1.48
CA ASP B 622 -1.28 4.29 2.79
C ASP B 622 -0.43 5.24 3.63
N GLN B 623 0.90 5.10 3.55
CA GLN B 623 1.77 6.03 4.25
C GLN B 623 1.74 7.42 3.60
N ILE B 624 1.57 7.47 2.28
CA ILE B 624 1.47 8.75 1.59
C ILE B 624 0.23 9.50 2.06
N ILE B 625 -0.88 8.78 2.27
CA ILE B 625 -2.13 9.41 2.66
C ILE B 625 -2.14 9.71 4.15
N HIS B 626 -2.03 8.66 4.96
CA HIS B 626 -2.24 8.79 6.41
C HIS B 626 -1.12 9.59 7.07
N ASP B 627 0.13 9.33 6.69
CA ASP B 627 1.27 9.91 7.40
C ASP B 627 1.82 11.16 6.76
N LEU B 628 1.63 11.35 5.46
CA LEU B 628 2.20 12.47 4.74
C LEU B 628 1.18 13.53 4.32
N ASN B 629 -0.05 13.13 4.04
CA ASN B 629 -1.03 14.08 3.54
C ASN B 629 -1.88 14.68 4.66
N LEU B 630 -2.20 13.91 5.69
CA LEU B 630 -2.97 14.45 6.81
C LEU B 630 -2.19 15.52 7.55
N GLN B 631 -0.88 15.34 7.71
CA GLN B 631 -0.06 16.24 8.49
C GLN B 631 0.59 17.33 7.66
N ASN B 632 0.34 17.37 6.35
CA ASN B 632 0.83 18.44 5.48
C ASN B 632 2.35 18.60 5.60
N ILE B 633 3.05 17.47 5.64
CA ILE B 633 4.50 17.48 5.79
C ILE B 633 5.13 17.82 4.45
N PRO B 634 6.01 18.81 4.38
CA PRO B 634 6.59 19.19 3.08
C PRO B 634 7.62 18.22 2.56
N LEU B 635 7.19 17.01 2.21
CA LEU B 635 8.07 15.99 1.66
C LEU B 635 7.98 16.00 0.14
N LYS B 636 9.14 15.97 -0.52
CA LYS B 636 9.20 15.89 -1.97
C LYS B 636 9.38 14.44 -2.37
N VAL B 637 8.54 13.97 -3.29
CA VAL B 637 8.54 12.59 -3.75
C VAL B 637 8.79 12.59 -5.25
N ILE B 638 9.82 11.86 -5.67
CA ILE B 638 10.18 11.74 -7.08
C ILE B 638 9.71 10.39 -7.57
N ILE B 639 8.80 10.39 -8.53
CA ILE B 639 8.17 9.17 -9.04
C ILE B 639 8.81 8.83 -10.37
N GLY B 640 9.58 7.75 -10.41
CA GLY B 640 10.19 7.29 -11.63
C GLY B 640 9.39 6.18 -12.29
N ARG B 641 9.65 5.97 -13.57
CA ARG B 641 9.00 4.93 -14.37
C ARG B 641 7.47 5.13 -14.38
N SER B 642 7.06 6.28 -14.90
CA SER B 642 5.65 6.63 -14.99
C SER B 642 5.18 6.50 -16.43
N GLY B 643 3.96 6.00 -16.61
CA GLY B 643 3.39 5.80 -17.93
C GLY B 643 3.53 4.34 -18.37
N LEU B 644 4.05 4.14 -19.58
CA LEU B 644 4.29 2.81 -20.12
C LEU B 644 5.78 2.49 -19.98
N VAL B 645 6.08 1.44 -19.23
CA VAL B 645 7.48 1.09 -18.99
C VAL B 645 8.07 0.37 -20.18
N GLY B 646 7.39 -0.67 -20.66
CA GLY B 646 7.90 -1.43 -21.77
C GLY B 646 8.02 -2.91 -21.49
N GLU B 647 9.22 -3.45 -21.64
CA GLU B 647 9.44 -4.90 -21.63
C GLU B 647 9.18 -5.53 -20.27
N ASP B 648 9.11 -4.76 -19.19
CA ASP B 648 8.92 -5.34 -17.87
C ASP B 648 7.55 -5.99 -17.71
N GLY B 649 6.53 -5.46 -18.34
CA GLY B 649 5.24 -6.11 -18.35
C GLY B 649 4.18 -5.36 -17.58
N ALA B 650 3.04 -6.03 -17.41
CA ALA B 650 1.91 -5.42 -16.72
C ALA B 650 2.18 -5.23 -15.23
N THR B 651 3.05 -6.07 -14.66
CA THR B 651 3.40 -5.94 -13.25
C THR B 651 4.13 -4.65 -12.95
N HIS B 652 4.70 -4.00 -13.97
CA HIS B 652 5.49 -2.78 -13.79
C HIS B 652 4.83 -1.57 -14.43
N GLN B 653 3.52 -1.59 -14.62
CA GLN B 653 2.83 -0.52 -15.34
C GLN B 653 2.61 0.67 -14.40
N GLY B 654 3.31 1.77 -14.65
CA GLY B 654 3.16 2.97 -13.88
C GLY B 654 2.10 3.90 -14.46
N ILE B 655 0.84 3.50 -14.32
CA ILE B 655 -0.28 4.22 -14.92
C ILE B 655 -1.30 4.66 -13.88
N TYR B 656 -0.96 4.61 -12.59
CA TYR B 656 -1.91 4.92 -11.52
C TYR B 656 -1.44 6.09 -10.67
N ASP B 657 -0.54 6.94 -11.18
CA ASP B 657 -0.04 8.07 -10.39
C ASP B 657 -1.12 9.14 -10.22
N LEU B 658 -1.60 9.70 -11.33
CA LEU B 658 -2.59 10.77 -11.26
C LEU B 658 -3.91 10.29 -10.67
N SER B 659 -4.21 8.99 -10.81
CA SER B 659 -5.52 8.50 -10.40
C SER B 659 -5.64 8.41 -8.88
N TYR B 660 -4.53 8.16 -8.19
CA TYR B 660 -4.55 8.01 -6.74
C TYR B 660 -3.93 9.19 -6.01
N LEU B 661 -3.00 9.90 -6.65
CA LEU B 661 -2.44 11.11 -6.05
C LEU B 661 -3.38 12.30 -6.14
N GLY B 662 -4.24 12.33 -7.16
CA GLY B 662 -5.16 13.43 -7.33
C GLY B 662 -6.35 13.42 -6.40
N THR B 663 -6.54 12.35 -5.64
CA THR B 663 -7.62 12.27 -4.67
C THR B 663 -7.28 12.99 -3.36
N LEU B 664 -6.06 13.47 -3.20
CA LEU B 664 -5.58 14.02 -1.94
C LEU B 664 -5.37 15.52 -2.06
N ASN B 665 -5.86 16.26 -1.07
CA ASN B 665 -5.49 17.65 -0.92
C ASN B 665 -4.05 17.75 -0.45
N ASN B 666 -3.55 18.99 -0.34
CA ASN B 666 -2.20 19.29 0.10
C ASN B 666 -1.13 18.65 -0.78
N ALA B 667 -1.52 18.09 -1.92
CA ALA B 667 -0.63 17.30 -2.75
C ALA B 667 -0.45 17.99 -4.10
N TYR B 668 0.60 18.80 -4.22
CA TYR B 668 0.94 19.34 -5.53
C TYR B 668 1.46 18.21 -6.40
N ILE B 669 0.93 18.13 -7.63
CA ILE B 669 1.31 17.08 -8.57
C ILE B 669 1.77 17.75 -9.85
N ILE B 670 2.97 17.41 -10.29
CA ILE B 670 3.56 17.95 -11.51
C ILE B 670 3.90 16.79 -12.43
N SER B 671 3.51 16.91 -13.70
CA SER B 671 3.69 15.85 -14.68
C SER B 671 4.40 16.43 -15.90
N PRO B 672 5.72 16.64 -15.81
CA PRO B 672 6.45 17.22 -16.94
C PRO B 672 6.36 16.35 -18.19
N SER B 673 6.33 17.01 -19.33
CA SER B 673 6.32 16.34 -20.63
C SER B 673 7.68 16.32 -21.30
N ASN B 674 8.48 17.36 -21.11
CA ASN B 674 9.85 17.39 -21.60
C ASN B 674 10.75 17.83 -20.44
N GLN B 675 12.06 17.91 -20.73
CA GLN B 675 13.01 18.16 -19.65
C GLN B 675 12.86 19.55 -19.05
N VAL B 676 12.33 20.51 -19.79
CA VAL B 676 12.21 21.87 -19.29
C VAL B 676 11.20 21.94 -18.15
N ASP B 677 10.05 21.31 -18.33
CA ASP B 677 9.06 21.26 -17.26
C ASP B 677 9.60 20.49 -16.06
N LEU B 678 10.43 19.48 -16.29
CA LEU B 678 11.07 18.76 -15.19
C LEU B 678 12.00 19.68 -14.40
N LYS B 679 12.81 20.48 -15.11
CA LYS B 679 13.70 21.42 -14.44
C LYS B 679 12.90 22.43 -13.61
N ARG B 680 11.81 22.97 -14.18
CA ARG B 680 11.02 23.94 -13.44
C ARG B 680 10.34 23.31 -12.23
N ALA B 681 9.84 22.08 -12.38
CA ALA B 681 9.22 21.39 -11.26
C ALA B 681 10.22 21.16 -10.12
N LEU B 682 11.43 20.75 -10.47
CA LEU B 682 12.42 20.49 -9.43
C LEU B 682 12.96 21.79 -8.83
N ARG B 683 13.02 22.87 -9.60
CA ARG B 683 13.35 24.17 -9.02
C ARG B 683 12.29 24.61 -8.03
N PHE B 684 11.01 24.40 -8.37
CA PHE B 684 9.94 24.72 -7.43
C PHE B 684 10.06 23.87 -6.17
N ALA B 685 10.31 22.57 -6.32
CA ALA B 685 10.44 21.70 -5.15
C ALA B 685 11.63 22.11 -4.29
N TYR B 686 12.71 22.58 -4.92
CA TYR B 686 13.85 23.08 -4.16
C TYR B 686 13.49 24.34 -3.40
N LEU B 687 12.88 25.31 -4.06
CA LEU B 687 12.52 26.57 -3.41
C LEU B 687 11.35 26.41 -2.45
N ASP B 688 10.42 25.52 -2.76
CA ASP B 688 9.23 25.35 -1.93
C ASP B 688 9.60 24.80 -0.57
N LYS B 689 8.88 25.24 0.45
CA LYS B 689 9.10 24.76 1.80
C LYS B 689 7.83 24.41 2.55
N ASP B 690 6.65 24.59 1.95
CA ASP B 690 5.39 24.35 2.65
C ASP B 690 4.43 23.46 1.87
N HIS B 691 4.90 22.77 0.82
CA HIS B 691 4.03 21.95 0.01
C HIS B 691 4.65 20.56 -0.19
N SER B 692 3.79 19.54 -0.16
CA SER B 692 4.19 18.19 -0.55
C SER B 692 4.03 18.08 -2.06
N VAL B 693 5.15 18.00 -2.77
CA VAL B 693 5.19 18.06 -4.22
C VAL B 693 5.65 16.73 -4.77
N TYR B 694 4.87 16.18 -5.69
CA TYR B 694 5.19 14.95 -6.40
C TYR B 694 5.51 15.31 -7.84
N ILE B 695 6.55 14.71 -8.39
CA ILE B 695 6.97 14.96 -9.77
C ILE B 695 7.01 13.63 -10.51
N ARG B 696 6.24 13.52 -11.59
CA ARG B 696 6.14 12.28 -12.35
C ARG B 696 7.19 12.29 -13.46
N ILE B 697 8.26 11.56 -13.26
CA ILE B 697 9.31 11.38 -14.25
C ILE B 697 8.97 10.17 -15.11
N PRO B 698 8.93 10.29 -16.43
CA PRO B 698 8.62 9.13 -17.27
C PRO B 698 9.83 8.22 -17.46
N ARG B 699 9.54 6.97 -17.79
CA ARG B 699 10.58 6.02 -18.19
C ARG B 699 10.82 6.16 -19.69
N MET B 700 11.41 7.30 -20.05
CA MET B 700 11.50 7.69 -21.44
C MET B 700 12.73 8.57 -21.61
N ASN B 701 13.24 8.60 -22.84
CA ASN B 701 14.32 9.52 -23.16
C ASN B 701 13.78 10.94 -23.31
N ILE B 702 14.66 11.91 -23.08
CA ILE B 702 14.26 13.30 -23.23
C ILE B 702 14.10 13.62 -24.71
N LEU B 703 13.16 14.53 -25.01
CA LEU B 703 12.88 14.89 -26.39
C LEU B 703 14.05 15.67 -26.98
N SER B 704 14.19 15.57 -28.30
CA SER B 704 15.28 16.23 -28.98
C SER B 704 15.05 17.74 -29.07
N ASP B 705 16.15 18.49 -29.16
CA ASP B 705 16.05 19.94 -29.24
C ASP B 705 15.35 20.38 -30.51
N LYS B 706 15.63 19.69 -31.62
CA LYS B 706 14.94 19.99 -32.87
C LYS B 706 13.44 19.77 -32.73
N TYR B 707 13.05 18.69 -32.06
CA TYR B 707 11.63 18.46 -31.81
C TYR B 707 11.04 19.54 -30.93
N MET B 708 11.78 19.98 -29.91
CA MET B 708 11.28 21.03 -29.02
C MET B 708 11.06 22.33 -29.79
N LYS B 709 12.00 22.69 -30.66
CA LYS B 709 11.88 23.95 -31.40
C LYS B 709 10.76 23.87 -32.43
N GLY B 710 10.74 22.81 -33.24
CA GLY B 710 9.77 22.73 -34.33
C GLY B 710 8.36 22.45 -33.85
N TYR B 711 8.22 21.59 -32.84
CA TYR B 711 6.92 21.08 -32.40
C TYR B 711 6.43 21.77 -31.14
N LEU B 712 7.24 21.75 -30.08
CA LEU B 712 6.85 22.38 -28.83
C LEU B 712 6.86 23.90 -28.92
N ASN B 713 7.55 24.46 -29.92
CA ASN B 713 7.67 25.90 -30.10
C ASN B 713 8.25 26.58 -28.87
N ILE B 714 9.23 25.93 -28.25
CA ILE B 714 9.90 26.48 -27.08
C ILE B 714 11.21 27.14 -27.49
N MET B 741 15.13 34.47 -14.10
CA MET B 741 14.14 35.13 -13.25
C MET B 741 14.48 34.97 -11.77
N ASP B 742 13.96 35.87 -10.95
CA ASP B 742 14.15 35.80 -9.51
C ASP B 742 13.19 34.77 -8.92
N ASP B 743 13.30 34.56 -7.60
CA ASP B 743 12.54 33.50 -6.96
C ASP B 743 11.04 33.79 -6.97
N ASP B 744 10.65 34.99 -6.53
CA ASP B 744 9.22 35.30 -6.41
C ASP B 744 8.54 35.31 -7.77
N ASN B 745 9.18 35.92 -8.77
CA ASN B 745 8.61 35.95 -10.11
C ASN B 745 8.47 34.55 -10.68
N PHE B 746 9.50 33.71 -10.51
CA PHE B 746 9.41 32.34 -11.02
C PHE B 746 8.30 31.56 -10.34
N ILE B 747 8.20 31.67 -9.01
CA ILE B 747 7.17 30.92 -8.30
C ILE B 747 5.78 31.38 -8.72
N LYS B 748 5.59 32.70 -8.90
CA LYS B 748 4.31 33.18 -9.39
C LYS B 748 4.03 32.69 -10.81
N SER B 749 5.05 32.63 -11.65
CA SER B 749 4.85 32.28 -13.05
C SER B 749 4.80 30.78 -13.30
N PHE B 750 5.07 29.95 -12.29
CA PHE B 750 5.09 28.51 -12.51
C PHE B 750 3.81 27.81 -12.06
N ILE B 751 3.39 28.01 -10.81
CA ILE B 751 2.34 27.19 -10.23
C ILE B 751 1.02 27.43 -10.95
N GLY B 752 0.38 26.34 -11.39
CA GLY B 752 -0.92 26.43 -12.04
C GLY B 752 -0.90 27.20 -13.33
N LYS B 753 0.25 27.31 -13.99
CA LYS B 753 0.39 28.07 -15.23
C LYS B 753 0.69 27.09 -16.36
N SER B 754 -0.35 26.68 -17.07
CA SER B 754 -0.20 25.74 -18.18
C SER B 754 0.48 26.41 -19.36
N ARG B 755 1.09 25.59 -20.20
CA ARG B 755 1.82 26.06 -21.38
C ARG B 755 0.98 25.83 -22.63
N ILE B 756 0.91 26.83 -23.49
CA ILE B 756 0.18 26.74 -24.75
C ILE B 756 1.11 26.13 -25.80
N ILE B 757 0.65 25.04 -26.43
CA ILE B 757 1.43 24.39 -27.47
C ILE B 757 1.08 25.00 -28.82
N LYS B 758 -0.18 24.89 -29.22
CA LYS B 758 -0.64 25.40 -30.50
C LYS B 758 -1.93 26.18 -30.29
N MET B 759 -1.98 27.39 -30.84
CA MET B 759 -3.15 28.23 -30.68
C MET B 759 -3.55 28.88 -32.01
N THR B 778 -18.11 29.82 -44.23
CA THR B 778 -18.45 28.82 -43.22
C THR B 778 -17.40 28.76 -42.12
N LYS B 779 -17.77 29.19 -40.93
CA LYS B 779 -16.84 29.19 -39.81
C LYS B 779 -16.50 27.76 -39.41
N LYS B 780 -15.23 27.54 -39.07
CA LYS B 780 -14.77 26.22 -38.68
C LYS B 780 -15.19 25.90 -37.25
N LYS B 781 -15.39 24.60 -36.99
CA LYS B 781 -15.47 24.12 -35.62
C LYS B 781 -14.07 24.09 -35.01
N LYS B 782 -13.94 24.63 -33.81
CA LYS B 782 -12.65 24.71 -33.13
C LYS B 782 -12.56 23.62 -32.06
N VAL B 783 -11.50 22.83 -32.13
CA VAL B 783 -11.31 21.68 -31.25
C VAL B 783 -10.01 21.88 -30.48
N CYS B 784 -10.07 21.73 -29.17
CA CYS B 784 -8.91 21.91 -28.30
C CYS B 784 -8.62 20.60 -27.59
N ILE B 785 -7.34 20.22 -27.59
CA ILE B 785 -6.88 19.03 -26.89
C ILE B 785 -6.05 19.47 -25.68
N PHE B 786 -6.46 18.99 -24.51
CA PHE B 786 -5.74 19.24 -23.27
C PHE B 786 -4.85 18.05 -22.99
N ASN B 787 -3.54 18.25 -23.12
CA ASN B 787 -2.56 17.18 -22.96
C ASN B 787 -1.98 17.22 -21.56
N MET B 788 -2.09 16.11 -20.84
CA MET B 788 -1.43 15.93 -19.56
C MET B 788 -0.59 14.67 -19.61
N GLY B 789 0.70 14.81 -19.31
CA GLY B 789 1.56 13.64 -19.24
C GLY B 789 2.86 13.77 -20.00
N SER B 790 3.33 12.66 -20.57
CA SER B 790 4.62 12.60 -21.24
C SER B 790 4.52 12.20 -22.70
N MET B 791 3.33 11.86 -23.20
CA MET B 791 3.15 11.44 -24.59
C MET B 791 2.55 12.55 -25.45
N LEU B 792 2.92 13.79 -25.19
CA LEU B 792 2.43 14.91 -25.99
C LEU B 792 2.92 14.83 -27.44
N PHE B 793 4.05 14.16 -27.67
CA PHE B 793 4.58 14.03 -29.02
C PHE B 793 3.59 13.35 -29.96
N ASN B 794 2.85 12.35 -29.44
CA ASN B 794 1.82 11.70 -30.25
C ASN B 794 0.77 12.70 -30.69
N VAL B 795 0.31 13.56 -29.78
CA VAL B 795 -0.71 14.55 -30.11
C VAL B 795 -0.17 15.53 -31.14
N ILE B 796 1.07 15.98 -30.96
CA ILE B 796 1.63 16.95 -31.91
C ILE B 796 1.72 16.34 -33.30
N ASN B 797 2.19 15.10 -33.39
CA ASN B 797 2.31 14.47 -34.71
C ASN B 797 0.95 14.17 -35.32
N ALA B 798 -0.02 13.76 -34.49
CA ALA B 798 -1.37 13.56 -35.00
C ALA B 798 -1.96 14.84 -35.58
N ILE B 799 -1.76 15.96 -34.89
CA ILE B 799 -2.26 17.23 -35.37
C ILE B 799 -1.56 17.62 -36.67
N LYS B 800 -0.25 17.41 -36.74
CA LYS B 800 0.48 17.71 -37.97
C LYS B 800 0.00 16.83 -39.12
N GLU B 801 -0.46 15.62 -38.83
CA GLU B 801 -0.92 14.72 -39.88
C GLU B 801 -2.34 15.04 -40.33
N ILE B 802 -3.22 15.46 -39.41
CA ILE B 802 -4.62 15.67 -39.75
C ILE B 802 -4.79 16.80 -40.78
N GLU B 803 -4.03 17.88 -40.61
CA GLU B 803 -4.22 19.06 -41.46
C GLU B 803 -3.85 18.82 -42.91
N LYS B 804 -3.16 17.72 -43.24
CA LYS B 804 -2.83 17.44 -44.63
C LYS B 804 -4.09 17.19 -45.45
N GLU B 805 -5.06 16.47 -44.87
CA GLU B 805 -6.32 16.22 -45.57
C GLU B 805 -7.12 17.50 -45.71
N GLN B 806 -7.84 17.62 -46.83
CA GLN B 806 -8.56 18.84 -47.13
C GLN B 806 -9.84 18.98 -46.31
N TYR B 807 -10.53 17.88 -46.03
CA TYR B 807 -11.83 17.97 -45.38
C TYR B 807 -11.74 18.57 -43.98
N ILE B 808 -10.86 18.01 -43.13
CA ILE B 808 -10.73 18.52 -41.78
C ILE B 808 -10.05 19.89 -41.78
N SER B 809 -9.06 20.08 -42.65
CA SER B 809 -8.38 21.37 -42.73
C SER B 809 -9.26 22.47 -43.30
N HIS B 810 -10.42 22.13 -43.85
CA HIS B 810 -11.40 23.13 -44.28
C HIS B 810 -12.54 23.30 -43.29
N ASN B 811 -12.96 22.22 -42.62
CA ASN B 811 -14.13 22.27 -41.74
C ASN B 811 -13.75 22.31 -40.26
N TYR B 812 -12.48 22.39 -39.91
CA TYR B 812 -12.08 22.37 -38.51
C TYR B 812 -10.80 23.17 -38.31
N SER B 813 -10.60 23.61 -37.07
CA SER B 813 -9.33 24.17 -36.62
C SER B 813 -9.01 23.59 -35.25
N PHE B 814 -7.72 23.49 -34.94
CA PHE B 814 -7.28 22.79 -33.75
C PHE B 814 -6.37 23.66 -32.88
N SER B 815 -6.40 23.39 -31.59
CA SER B 815 -5.54 24.02 -30.60
C SER B 815 -5.11 22.97 -29.59
N ILE B 816 -3.85 23.03 -29.17
CA ILE B 816 -3.28 22.09 -28.21
C ILE B 816 -2.78 22.88 -27.02
N VAL B 817 -3.26 22.51 -25.82
CA VAL B 817 -2.86 23.14 -24.56
C VAL B 817 -2.22 22.08 -23.69
N ASP B 818 -1.00 22.35 -23.23
CA ASP B 818 -0.25 21.42 -22.39
C ASP B 818 -0.46 21.74 -20.92
N MET B 819 -0.98 20.77 -20.18
CA MET B 819 -1.20 20.91 -18.75
C MET B 819 -0.07 20.22 -18.00
N ILE B 820 0.54 20.92 -17.05
CA ILE B 820 1.64 20.39 -16.25
C ILE B 820 1.24 20.15 -14.81
N PHE B 821 -0.01 20.40 -14.45
CA PHE B 821 -0.44 20.37 -13.06
C PHE B 821 -1.79 19.71 -12.95
N LEU B 822 -1.99 18.96 -11.87
CA LEU B 822 -3.29 18.40 -11.55
C LEU B 822 -3.93 19.03 -10.32
N ASN B 823 -3.14 19.62 -9.43
CA ASN B 823 -3.66 20.29 -8.25
C ASN B 823 -2.69 21.39 -7.83
N PRO B 824 -3.02 22.66 -8.08
CA PRO B 824 -4.23 23.20 -8.72
C PRO B 824 -4.18 23.16 -10.24
N LEU B 825 -5.33 23.26 -10.90
CA LEU B 825 -5.43 23.21 -12.35
C LEU B 825 -5.54 24.62 -12.92
N ASP B 826 -5.02 24.80 -14.13
CA ASP B 826 -5.04 26.10 -14.81
C ASP B 826 -6.40 26.29 -15.47
N LYS B 827 -7.37 26.69 -14.65
CA LYS B 827 -8.70 27.01 -15.16
C LYS B 827 -8.70 28.26 -16.04
N ASN B 828 -7.71 29.13 -15.86
CA ASN B 828 -7.61 30.31 -16.70
C ASN B 828 -7.39 29.94 -18.16
N MET B 829 -6.51 28.98 -18.43
CA MET B 829 -6.29 28.54 -19.80
C MET B 829 -7.53 27.85 -20.37
N ILE B 830 -8.20 27.05 -19.53
CA ILE B 830 -9.42 26.38 -19.97
C ILE B 830 -10.46 27.39 -20.40
N ASP B 831 -10.68 28.43 -19.58
CA ASP B 831 -11.68 29.43 -19.92
C ASP B 831 -11.19 30.41 -20.98
N HIS B 832 -9.88 30.55 -21.17
CA HIS B 832 -9.38 31.27 -22.33
C HIS B 832 -9.76 30.57 -23.62
N VAL B 833 -9.61 29.24 -23.64
CA VAL B 833 -9.99 28.48 -24.82
C VAL B 833 -11.51 28.45 -24.99
N ILE B 834 -12.25 28.32 -23.90
CA ILE B 834 -13.70 28.10 -23.98
C ILE B 834 -14.44 29.40 -24.25
N LYS B 835 -14.17 30.44 -23.47
CA LYS B 835 -14.98 31.66 -23.50
C LYS B 835 -14.38 32.78 -24.33
N GLN B 836 -13.08 32.76 -24.61
CA GLN B 836 -12.47 33.84 -25.37
C GLN B 836 -12.38 33.56 -26.86
N ASN B 837 -11.78 32.44 -27.25
CA ASN B 837 -11.64 32.08 -28.66
C ASN B 837 -12.77 31.22 -29.17
N LYS B 838 -13.70 30.79 -28.29
CA LYS B 838 -14.90 30.06 -28.67
C LYS B 838 -14.56 28.75 -29.41
N HIS B 839 -13.85 27.87 -28.70
CA HIS B 839 -13.60 26.53 -29.23
C HIS B 839 -14.83 25.66 -29.01
N GLN B 840 -15.00 24.67 -29.90
CA GLN B 840 -16.20 23.84 -29.91
C GLN B 840 -16.00 22.51 -29.21
N TYR B 841 -15.06 21.70 -29.67
CA TYR B 841 -14.84 20.37 -29.13
C TYR B 841 -13.68 20.41 -28.14
N LEU B 842 -13.71 19.51 -27.17
CA LEU B 842 -12.69 19.44 -26.12
C LEU B 842 -12.30 17.98 -25.93
N ILE B 843 -11.07 17.65 -26.29
CA ILE B 843 -10.56 16.29 -26.16
C ILE B 843 -9.38 16.31 -25.21
N THR B 844 -9.44 15.49 -24.17
CA THR B 844 -8.34 15.32 -23.24
C THR B 844 -7.44 14.18 -23.71
N TYR B 845 -6.16 14.28 -23.36
CA TYR B 845 -5.16 13.27 -23.74
C TYR B 845 -4.21 13.09 -22.56
N GLU B 846 -4.35 11.97 -21.84
CA GLU B 846 -3.52 11.74 -20.67
C GLU B 846 -2.81 10.39 -20.76
N ASP B 847 -1.59 10.36 -20.23
CA ASP B 847 -0.77 9.15 -20.18
C ASP B 847 -0.94 8.45 -18.84
N ASN B 848 -2.19 8.12 -18.56
CA ASN B 848 -2.63 7.54 -17.31
C ASN B 848 -3.94 6.84 -17.58
N THR B 849 -4.38 6.03 -16.63
CA THR B 849 -5.61 5.29 -16.80
C THR B 849 -6.80 6.17 -16.40
N ILE B 850 -7.98 5.56 -16.26
CA ILE B 850 -9.18 6.32 -15.93
C ILE B 850 -9.03 6.96 -14.55
N GLY B 851 -9.83 8.00 -14.32
CA GLY B 851 -9.84 8.67 -13.04
C GLY B 851 -8.76 9.71 -12.84
N GLY B 852 -8.04 10.08 -13.91
CA GLY B 852 -6.99 11.06 -13.79
C GLY B 852 -7.39 12.44 -14.24
N PHE B 853 -6.76 12.93 -15.31
CA PHE B 853 -7.05 14.27 -15.81
C PHE B 853 -8.45 14.39 -16.36
N SER B 854 -8.96 13.34 -17.00
CA SER B 854 -10.31 13.37 -17.51
C SER B 854 -11.31 13.69 -16.40
N THR B 855 -11.11 13.10 -15.23
CA THR B 855 -11.98 13.38 -14.08
C THR B 855 -11.97 14.87 -13.74
N HIS B 856 -10.78 15.46 -13.62
CA HIS B 856 -10.69 16.85 -13.19
C HIS B 856 -11.26 17.80 -14.24
N PHE B 857 -10.94 17.57 -15.51
CA PHE B 857 -11.44 18.42 -16.59
C PHE B 857 -12.96 18.33 -16.70
N ASN B 858 -13.49 17.11 -16.70
CA ASN B 858 -14.93 16.92 -16.75
C ASN B 858 -15.62 17.54 -15.54
N ASN B 859 -15.04 17.38 -14.35
CA ASN B 859 -15.69 17.90 -13.15
C ASN B 859 -15.64 19.42 -13.10
N TYR B 860 -14.56 20.02 -13.58
CA TYR B 860 -14.54 21.48 -13.67
C TYR B 860 -15.58 21.98 -14.64
N LEU B 861 -15.71 21.34 -15.80
CA LEU B 861 -16.72 21.76 -16.75
C LEU B 861 -18.13 21.57 -16.18
N ILE B 862 -18.35 20.47 -15.47
CA ILE B 862 -19.66 20.21 -14.86
C ILE B 862 -19.94 21.23 -13.76
N GLU B 863 -18.90 21.70 -13.06
CA GLU B 863 -19.09 22.74 -12.05
C GLU B 863 -19.70 24.00 -12.67
N ASN B 864 -19.19 24.40 -13.84
CA ASN B 864 -19.59 25.65 -14.46
C ASN B 864 -20.61 25.48 -15.59
N ASN B 865 -21.04 24.26 -15.88
CA ASN B 865 -22.08 23.99 -16.86
C ASN B 865 -21.72 24.60 -18.22
N TYR B 866 -20.50 24.35 -18.68
CA TYR B 866 -20.04 24.94 -19.93
C TYR B 866 -20.63 24.27 -21.16
N ILE B 867 -21.02 22.99 -21.05
CA ILE B 867 -21.54 22.28 -22.22
C ILE B 867 -22.86 22.88 -22.66
N THR B 868 -23.74 23.20 -21.71
CA THR B 868 -24.97 23.89 -22.06
C THR B 868 -24.70 25.28 -22.63
N LYS B 869 -23.76 26.01 -22.01
CA LYS B 869 -23.50 27.38 -22.42
C LYS B 869 -22.89 27.46 -23.82
N HIS B 870 -21.84 26.69 -24.08
CA HIS B 870 -21.06 26.85 -25.29
C HIS B 870 -21.22 25.72 -26.29
N ASN B 871 -22.12 24.77 -26.02
CA ASN B 871 -22.39 23.66 -26.94
C ASN B 871 -21.11 22.90 -27.29
N LEU B 872 -20.58 22.24 -26.27
CA LEU B 872 -19.28 21.58 -26.35
C LEU B 872 -19.46 20.07 -26.51
N TYR B 873 -18.79 19.50 -27.51
CA TYR B 873 -18.64 18.06 -27.62
C TYR B 873 -17.31 17.67 -26.99
N VAL B 874 -17.34 16.70 -26.08
CA VAL B 874 -16.17 16.34 -25.28
C VAL B 874 -15.78 14.90 -25.56
N HIS B 875 -14.48 14.64 -25.61
CA HIS B 875 -13.92 13.31 -25.81
C HIS B 875 -12.67 13.16 -24.97
N ASN B 876 -12.38 11.92 -24.57
CA ASN B 876 -11.27 11.63 -23.68
C ASN B 876 -10.42 10.50 -24.24
N ILE B 877 -9.10 10.64 -24.12
CA ILE B 877 -8.14 9.66 -24.63
C ILE B 877 -7.15 9.36 -23.51
N TYR B 878 -7.04 8.09 -23.15
CA TYR B 878 -6.13 7.67 -22.09
C TYR B 878 -5.83 6.19 -22.25
N LEU B 879 -4.81 5.75 -21.50
CA LEU B 879 -4.39 4.36 -21.57
C LEU B 879 -5.51 3.43 -21.09
N SER B 880 -5.72 2.35 -21.82
CA SER B 880 -6.82 1.44 -21.53
C SER B 880 -6.61 0.74 -20.19
N ASN B 881 -7.73 0.40 -19.55
CA ASN B 881 -7.71 -0.34 -18.30
C ASN B 881 -7.66 -1.85 -18.53
N GLU B 882 -6.70 -2.28 -19.33
CA GLU B 882 -6.43 -3.68 -19.58
C GLU B 882 -4.94 -3.94 -19.41
N PRO B 883 -4.56 -5.14 -18.97
CA PRO B 883 -3.13 -5.41 -18.75
C PRO B 883 -2.28 -5.13 -19.97
N ILE B 884 -1.42 -4.12 -19.87
CA ILE B 884 -0.52 -3.77 -20.97
C ILE B 884 0.65 -4.74 -20.89
N GLU B 885 0.60 -5.80 -21.68
CA GLU B 885 1.54 -6.89 -21.57
C GLU B 885 2.93 -6.44 -22.00
N HIS B 886 3.89 -7.34 -21.82
CA HIS B 886 5.29 -7.04 -22.12
C HIS B 886 5.47 -6.83 -23.61
N ALA B 887 6.10 -5.72 -23.96
CA ALA B 887 6.40 -5.37 -25.35
C ALA B 887 7.30 -4.15 -25.32
N SER B 888 7.71 -3.69 -26.50
CA SER B 888 8.48 -2.47 -26.56
C SER B 888 7.59 -1.26 -26.30
N PHE B 889 8.23 -0.12 -26.02
CA PHE B 889 7.47 1.10 -25.74
C PHE B 889 6.65 1.53 -26.95
N LYS B 890 7.24 1.48 -28.13
CA LYS B 890 6.49 1.78 -29.35
C LYS B 890 5.34 0.80 -29.54
N ASP B 891 5.60 -0.48 -29.33
CA ASP B 891 4.54 -1.48 -29.44
C ASP B 891 3.48 -1.28 -28.37
N GLN B 892 3.89 -0.89 -27.16
CA GLN B 892 2.90 -0.64 -26.12
C GLN B 892 2.03 0.56 -26.47
N GLN B 893 2.60 1.59 -27.09
CA GLN B 893 1.80 2.70 -27.59
C GLN B 893 0.81 2.22 -28.64
N GLU B 894 1.25 1.32 -29.52
CA GLU B 894 0.35 0.82 -30.57
C GLU B 894 -0.77 -0.04 -29.99
N VAL B 895 -0.51 -0.78 -28.92
CA VAL B 895 -1.50 -1.72 -28.39
C VAL B 895 -2.70 -0.97 -27.80
N VAL B 896 -2.44 0.06 -27.00
CA VAL B 896 -3.53 0.84 -26.41
C VAL B 896 -4.16 1.81 -27.38
N LYS B 897 -3.72 1.80 -28.65
CA LYS B 897 -4.24 2.70 -29.68
C LYS B 897 -4.09 4.16 -29.29
N MET B 898 -2.94 4.49 -28.70
CA MET B 898 -2.60 5.85 -28.31
C MET B 898 -1.48 6.43 -29.16
N ASP B 899 -1.08 5.74 -30.22
CA ASP B 899 0.00 6.21 -31.07
C ASP B 899 -0.51 7.30 -32.01
N LYS B 900 0.34 7.72 -32.96
CA LYS B 900 -0.01 8.82 -33.85
C LYS B 900 -1.13 8.41 -34.82
N CYS B 901 -0.99 7.27 -35.48
CA CYS B 901 -1.99 6.86 -36.45
C CYS B 901 -3.32 6.56 -35.78
N SER B 902 -3.29 5.89 -34.63
CA SER B 902 -4.53 5.69 -33.89
C SER B 902 -5.14 7.02 -33.47
N LEU B 903 -4.30 7.99 -33.12
CA LEU B 903 -4.82 9.30 -32.73
C LEU B 903 -5.53 9.98 -33.90
N VAL B 904 -4.91 9.96 -35.09
CA VAL B 904 -5.55 10.61 -36.23
C VAL B 904 -6.85 9.89 -36.58
N ASN B 905 -6.86 8.56 -36.47
CA ASN B 905 -8.08 7.81 -36.75
C ASN B 905 -9.19 8.16 -35.74
N ARG B 906 -8.85 8.20 -34.46
CA ARG B 906 -9.85 8.48 -33.43
C ARG B 906 -10.40 9.89 -33.54
N ILE B 907 -9.52 10.88 -33.77
CA ILE B 907 -9.98 12.25 -33.88
C ILE B 907 -10.84 12.43 -35.12
N LYS B 908 -10.45 11.82 -36.24
CA LYS B 908 -11.28 11.89 -37.44
C LYS B 908 -12.64 11.27 -37.20
N ASN B 909 -12.69 10.11 -36.55
CA ASN B 909 -13.97 9.47 -36.28
C ASN B 909 -14.84 10.34 -35.39
N TYR B 910 -14.25 10.92 -34.34
CA TYR B 910 -15.04 11.75 -33.43
C TYR B 910 -15.54 13.01 -34.11
N LEU B 911 -14.71 13.65 -34.93
CA LEU B 911 -15.16 14.83 -35.65
C LEU B 911 -16.28 14.50 -36.62
N LYS B 912 -16.16 13.39 -37.33
CA LYS B 912 -17.11 13.03 -38.38
C LYS B 912 -18.33 12.28 -37.85
N ASN B 913 -18.38 12.00 -36.55
CA ASN B 913 -19.55 11.37 -35.96
C ASN B 913 -20.46 12.34 -35.23
N ASN B 914 -19.93 13.46 -34.75
CA ASN B 914 -20.69 14.48 -34.03
C ASN B 914 -20.46 15.83 -34.69
N PRO B 915 -21.15 16.12 -35.80
CA PRO B 915 -21.01 17.39 -36.51
C PRO B 915 -21.91 18.48 -35.95
MG MG C . -0.65 -5.86 22.84
N1' TPP D . -3.84 -2.29 11.58
C2' TPP D . -3.17 -1.15 11.75
CM2 TPP D . -2.09 -0.83 10.77
N3' TPP D . -3.37 -0.28 12.75
C4' TPP D . -4.35 -0.58 13.62
N4' TPP D . -4.56 0.30 14.62
C5' TPP D . -5.11 -1.75 13.52
C6' TPP D . -4.80 -2.57 12.45
C7' TPP D . -6.21 -2.10 14.49
N3 TPP D . -5.69 -2.32 15.85
C2 TPP D . -5.93 -1.47 16.82
S1 TPP D . -5.44 -2.10 18.33
C5 TPP D . -4.55 -3.34 17.52
C4 TPP D . -4.91 -3.41 16.21
CM4 TPP D . -4.55 -4.48 15.24
C6 TPP D . -3.54 -4.17 18.25
C7 TPP D . -2.68 -3.38 19.18
O7 TPP D . -1.55 -4.18 19.59
PA TPP D . -0.38 -3.54 20.48
O1A TPP D . 0.59 -2.88 19.57
O2A TPP D . 0.09 -4.56 21.45
O3A TPP D . -1.21 -2.44 21.30
PB TPP D . -1.70 -2.48 22.82
O1B TPP D . -2.27 -1.12 23.10
O2B TPP D . -2.72 -3.56 22.94
O3B TPP D . -0.46 -2.76 23.62
MG MG E . 20.67 -11.05 -3.28
N1' TPP F . 10.68 -3.78 -4.61
C2' TPP F . 9.91 -4.84 -4.86
CM2 TPP F . 8.72 -5.04 -3.96
N3' TPP F . 10.11 -5.73 -5.83
C4' TPP F . 11.17 -5.54 -6.63
N4' TPP F . 11.36 -6.43 -7.60
C5' TPP F . 12.05 -4.45 -6.45
C6' TPP F . 11.74 -3.60 -5.40
C7' TPP F . 13.25 -4.21 -7.33
N3 TPP F . 14.27 -5.25 -7.20
C2 TPP F . 14.50 -6.13 -8.14
S1 TPP F . 15.94 -6.97 -7.88
C5 TPP F . 15.91 -6.45 -6.24
C4 TPP F . 15.10 -5.40 -6.09
CM4 TPP F . 15.01 -4.48 -4.90
C6 TPP F . 16.74 -7.16 -5.19
C7 TPP F . 16.70 -8.66 -5.33
O7 TPP F . 17.17 -9.27 -4.11
PA TPP F . 17.06 -10.86 -3.91
O1A TPP F . 18.24 -11.31 -3.14
O2A TPP F . 15.69 -11.16 -3.39
O3A TPP F . 17.21 -11.36 -5.41
PB TPP F . 18.45 -12.02 -6.17
O1B TPP F . 17.91 -12.57 -7.44
O2B TPP F . 19.47 -10.93 -6.39
O3B TPP F . 18.95 -13.07 -5.23
#